data_3EA5
#
_entry.id   3EA5
#
_cell.length_a   110.850
_cell.length_b   127.810
_cell.length_c   171.790
_cell.angle_alpha   90.00
_cell.angle_beta   90.00
_cell.angle_gamma   90.00
#
_symmetry.space_group_name_H-M   'P 21 21 21'
#
loop_
_entity.id
_entity.type
_entity.pdbx_description
1 polymer 'GTP-binding nuclear protein Ran'
2 polymer 'Importin subunit beta-1'
3 non-polymer "GUANOSINE-5'-DIPHOSPHATE"
4 non-polymer 'MAGNESIUM ION'
5 water water
#
loop_
_entity_poly.entity_id
_entity_poly.type
_entity_poly.pdbx_seq_one_letter_code
_entity_poly.pdbx_strand_id
1 'polypeptide(L)'
;MAAQGEPQVQFKLVLVGDGGTGKTTFVKRHLTGEFEKKYVATLGVEVHPLVFHTNRGPIKFNVWDTAGQEKFGGLRDGYY
IQAQCAIIMFDVTSRVTYKNVPNWHRDLVRVCENIPIVLCGNKVDIKDRKVKAKSIVFHRKKNLQYYDISAKSNYNFEKP
FLWLARKLIGDPNLEFVAMPCLAPPEVVMDPALAAQYEHDLEVAQTTALPDEDDDL
;
A,C
2 'polypeptide(L)'
;MSTAEFAQLLENSILSPDQNIRLTSETQLKKLSNDNFLQFAGLSSQVLIDENTKLEGRILAALTLKNELVSKDSVKTQQF
AQRWITQVSPEAKNQIKTNALTALVSIEPRIANAAAQLIAAIADIELPHGAWPELMKIMVDNTGAEQPENVKRASLLALG
YMCESADPQSQALVSSSNNILIAIVQGAQSTETSKAVRLAALNALADSLIFIKNNMEREGERNYLMQVVCEATQAEDIEV
QAAAFGCLCKIMSKYYTFMKPYMEQALYALTIATMKSPNDKVASMTVEFWSTICEEEIDIAYELAQFPQSPLQSYNFALS
SIKDVVPNLLNLLTRQNEDPEDDDWNVSMSAGACLQLFAQNCGNHILEPVLEFVEQNITADNWRNREAAVMAFGSIMDGP
DKVQRTYYVHQALPSILNLMNDQSLQVKETTAWCIGRIADSVAESIDPQQHLPGVVQACLIGLQDHPKVATNCSWTIINL
VEQLAEATPSPIYNFYPALVDGLIGAANRIDNEFNARASAFSALTTMVEYATDTVAETSASISTFVMDKLGQTMSVDENQ
LTLEDAQSLQELQSNILTVLAAVIRKSPSSVEPVADMLMGLFFRLLEKKDSAFIEDDVFYAISALAASLGKGFEKYLETF
SPYLLKALNQVDSPVSITAVGFIADISNSLEEDFRRYSDAMMNVLAQMISNPNARRELKPAVLSVFGDIASNIGADFIPY
LNDIMALCVAAQNTKPENGTLEALDYQIKVLEAVLDAYVGIVAGLHDKPEALFPYVGTIFQFIAQVAEDPQLYSEDATSR
AAVGLIGDIAAMFPDGSIKQFYGQDWVIDYIKRTRSGQLFSQATKDTARWAREQQKRQLSL
;
B,D
#
# COMPACT_ATOMS: atom_id res chain seq x y z
N GLU A 6 -40.73 45.15 -5.73
CA GLU A 6 -41.99 44.76 -6.47
C GLU A 6 -42.36 43.26 -6.40
N PRO A 7 -43.59 42.94 -5.94
CA PRO A 7 -44.02 41.56 -5.71
C PRO A 7 -43.78 40.66 -6.88
N GLN A 8 -43.17 39.50 -6.63
CA GLN A 8 -42.97 38.49 -7.66
C GLN A 8 -42.61 37.18 -6.97
N VAL A 9 -42.69 36.09 -7.71
CA VAL A 9 -42.38 34.82 -7.15
C VAL A 9 -40.89 34.62 -7.19
N GLN A 10 -40.26 34.75 -6.02
CA GLN A 10 -38.79 34.67 -5.94
C GLN A 10 -38.33 33.99 -4.68
N PHE A 11 -37.14 33.41 -4.76
CA PHE A 11 -36.55 32.58 -3.72
C PHE A 11 -35.09 32.93 -3.56
N LYS A 12 -34.65 33.00 -2.30
CA LYS A 12 -33.26 33.25 -1.97
C LYS A 12 -32.54 31.90 -2.02
N LEU A 13 -31.53 31.77 -2.88
CA LEU A 13 -30.76 30.50 -3.05
C LEU A 13 -29.34 30.81 -2.63
N VAL A 14 -28.78 30.05 -1.68
CA VAL A 14 -27.39 30.23 -1.30
C VAL A 14 -26.54 29.10 -1.91
N LEU A 15 -25.46 29.52 -2.55
CA LEU A 15 -24.59 28.64 -3.34
C LEU A 15 -23.33 28.58 -2.53
N VAL A 16 -22.98 27.40 -2.07
CA VAL A 16 -21.78 27.21 -1.22
C VAL A 16 -20.97 26.03 -1.73
N GLY A 17 -19.72 25.94 -1.29
CA GLY A 17 -18.85 24.84 -1.70
C GLY A 17 -17.40 25.30 -1.69
N ASP A 18 -16.45 24.38 -1.75
CA ASP A 18 -15.04 24.78 -1.63
C ASP A 18 -14.63 25.79 -2.69
N GLY A 19 -13.58 26.54 -2.39
CA GLY A 19 -12.97 27.39 -3.41
C GLY A 19 -12.61 26.59 -4.64
N GLY A 20 -12.79 27.20 -5.81
CA GLY A 20 -12.31 26.59 -7.07
C GLY A 20 -13.25 25.60 -7.74
N THR A 21 -14.35 25.25 -7.06
CA THR A 21 -15.25 24.17 -7.48
C THR A 21 -16.09 24.62 -8.64
N GLY A 22 -16.21 25.94 -8.80
CA GLY A 22 -16.86 26.52 -10.01
C GLY A 22 -18.19 27.24 -9.79
N LYS A 23 -18.43 27.71 -8.56
CA LYS A 23 -19.71 28.29 -8.18
C LYS A 23 -19.99 29.55 -8.97
N THR A 24 -19.05 30.50 -8.93
CA THR A 24 -19.16 31.76 -9.67
C THR A 24 -19.26 31.51 -11.18
N THR A 25 -18.53 30.52 -11.71
CA THR A 25 -18.59 30.25 -13.17
C THR A 25 -19.95 29.74 -13.55
N PHE A 26 -20.52 28.90 -12.70
CA PHE A 26 -21.86 28.33 -12.96
C PHE A 26 -22.91 29.41 -12.99
N VAL A 27 -22.85 30.32 -12.03
CA VAL A 27 -23.80 31.43 -11.98
C VAL A 27 -23.63 32.37 -13.18
N LYS A 28 -22.40 32.79 -13.54
CA LYS A 28 -22.24 33.70 -14.67
C LYS A 28 -22.79 33.09 -15.96
N ARG A 29 -22.53 31.81 -16.25
CA ARG A 29 -23.07 31.21 -17.47
C ARG A 29 -24.56 31.33 -17.51
N HIS A 30 -25.22 31.05 -16.38
CA HIS A 30 -26.66 31.15 -16.31
C HIS A 30 -27.08 32.58 -16.46
N LEU A 31 -26.27 33.50 -15.98
CA LEU A 31 -26.66 34.91 -15.96
C LEU A 31 -26.48 35.58 -17.34
N THR A 32 -25.30 35.44 -17.94
CA THR A 32 -24.96 36.12 -19.21
C THR A 32 -24.64 35.19 -20.40
N GLY A 33 -24.44 33.91 -20.14
CA GLY A 33 -23.99 32.99 -21.18
C GLY A 33 -22.48 32.91 -21.34
N GLU A 34 -21.72 33.73 -20.60
CA GLU A 34 -20.26 33.73 -20.69
C GLU A 34 -19.61 32.64 -19.83
N PHE A 35 -18.64 31.94 -20.41
CA PHE A 35 -17.80 31.01 -19.66
C PHE A 35 -16.53 31.72 -19.20
N GLU A 36 -16.34 31.84 -17.90
CA GLU A 36 -15.15 32.43 -17.29
C GLU A 36 -14.04 31.38 -17.15
N LYS A 37 -12.90 31.64 -17.75
CA LYS A 37 -11.78 30.68 -17.73
C LYS A 37 -10.89 30.83 -16.50
N LYS A 38 -10.67 32.07 -16.07
CA LYS A 38 -9.76 32.38 -14.97
C LYS A 38 -10.43 32.14 -13.62
N TYR A 39 -9.63 31.83 -12.62
CA TYR A 39 -10.08 31.78 -11.23
C TYR A 39 -9.86 33.12 -10.54
N VAL A 40 -10.96 33.80 -10.21
CA VAL A 40 -10.92 35.03 -9.42
C VAL A 40 -11.77 34.79 -8.20
N ALA A 41 -11.14 34.52 -7.06
CA ALA A 41 -11.89 34.14 -5.86
C ALA A 41 -12.92 35.21 -5.42
N THR A 42 -14.12 34.75 -5.10
CA THR A 42 -15.17 35.62 -4.62
C THR A 42 -14.86 36.13 -3.22
N LEU A 43 -15.10 37.41 -2.98
CA LEU A 43 -14.83 38.06 -1.68
C LEU A 43 -16.13 38.18 -0.89
N GLY A 44 -16.34 37.26 0.04
CA GLY A 44 -17.56 37.27 0.84
C GLY A 44 -18.73 36.65 0.07
N VAL A 45 -19.50 37.51 -0.62
CA VAL A 45 -20.62 37.08 -1.44
C VAL A 45 -20.87 38.05 -2.61
N GLU A 46 -21.44 37.52 -3.69
CA GLU A 46 -22.05 38.29 -4.80
C GLU A 46 -23.47 37.79 -5.01
N VAL A 47 -24.40 38.71 -5.19
CA VAL A 47 -25.81 38.38 -5.37
C VAL A 47 -26.21 38.69 -6.80
N HIS A 48 -26.81 37.72 -7.48
CA HIS A 48 -27.40 37.94 -8.77
C HIS A 48 -28.75 37.24 -8.92
N PRO A 49 -29.70 37.90 -9.57
CA PRO A 49 -30.96 37.27 -9.86
C PRO A 49 -30.89 36.48 -11.15
N LEU A 50 -31.40 35.26 -11.13
CA LEU A 50 -31.60 34.43 -12.33
C LEU A 50 -33.11 34.19 -12.50
N VAL A 51 -33.62 34.47 -13.70
CA VAL A 51 -35.03 34.34 -13.98
C VAL A 51 -35.22 33.15 -14.91
N PHE A 52 -36.15 32.28 -14.57
CA PHE A 52 -36.54 31.15 -15.44
C PHE A 52 -37.99 31.29 -15.79
N HIS A 53 -38.29 31.05 -17.06
CA HIS A 53 -39.65 31.11 -17.54
C HIS A 53 -40.24 29.72 -17.47
N THR A 54 -41.33 29.59 -16.73
CA THR A 54 -41.95 28.30 -16.56
C THR A 54 -43.34 28.34 -17.15
N ASN A 55 -44.04 27.22 -17.10
CA ASN A 55 -45.42 27.18 -17.55
C ASN A 55 -46.34 27.85 -16.54
N ARG A 56 -45.80 28.24 -15.39
CA ARG A 56 -46.53 29.13 -14.46
C ARG A 56 -45.87 30.50 -14.40
N GLY A 57 -45.22 30.89 -15.49
CA GLY A 57 -44.59 32.20 -15.57
C GLY A 57 -43.27 32.23 -14.86
N PRO A 58 -42.74 33.43 -14.63
CA PRO A 58 -41.35 33.48 -14.28
C PRO A 58 -41.15 33.06 -12.85
N ILE A 59 -40.01 32.42 -12.57
CA ILE A 59 -39.58 32.15 -11.20
C ILE A 59 -38.24 32.86 -11.09
N LYS A 60 -38.01 33.59 -10.01
CA LYS A 60 -36.71 34.24 -9.80
C LYS A 60 -35.93 33.65 -8.63
N PHE A 61 -34.66 33.33 -8.87
CA PHE A 61 -33.74 32.86 -7.85
C PHE A 61 -32.74 33.96 -7.58
N ASN A 62 -32.79 34.53 -6.37
CA ASN A 62 -31.81 35.53 -5.99
C ASN A 62 -30.68 34.75 -5.44
N VAL A 63 -29.66 34.53 -6.30
CA VAL A 63 -28.55 33.62 -5.99
C VAL A 63 -27.46 34.32 -5.22
N TRP A 64 -27.24 33.93 -3.96
CA TRP A 64 -26.11 34.42 -3.19
C TRP A 64 -24.96 33.47 -3.43
N ASP A 65 -24.02 33.92 -4.26
CA ASP A 65 -22.82 33.17 -4.63
C ASP A 65 -21.73 33.41 -3.58
N THR A 66 -21.50 32.45 -2.69
CA THR A 66 -20.65 32.71 -1.51
C THR A 66 -19.19 32.30 -1.76
N ALA A 67 -18.30 32.88 -0.97
CA ALA A 67 -16.88 32.58 -1.00
C ALA A 67 -16.64 31.17 -0.40
N GLY A 68 -15.87 30.34 -1.11
CA GLY A 68 -15.48 29.00 -0.61
C GLY A 68 -14.15 28.91 0.12
N GLN A 69 -13.25 29.88 -0.11
CA GLN A 69 -12.00 29.95 0.62
C GLN A 69 -12.23 30.56 2.01
N GLU A 70 -11.73 29.87 3.03
CA GLU A 70 -11.96 30.30 4.40
C GLU A 70 -11.55 31.75 4.60
N LYS A 71 -10.37 32.08 4.10
CA LYS A 71 -9.78 33.42 4.21
C LYS A 71 -10.72 34.54 3.75
N PHE A 72 -11.60 34.23 2.80
CA PHE A 72 -12.45 35.22 2.17
C PHE A 72 -13.93 35.03 2.52
N GLY A 73 -14.21 34.24 3.54
CA GLY A 73 -15.58 33.85 3.84
C GLY A 73 -16.59 34.94 4.17
N GLY A 74 -16.14 36.09 4.67
CA GLY A 74 -17.06 37.21 5.00
C GLY A 74 -18.00 36.88 6.15
N LEU A 75 -19.31 36.97 5.94
CA LEU A 75 -20.31 36.62 6.93
C LEU A 75 -20.55 35.09 7.07
N ARG A 76 -20.02 34.29 6.14
CA ARG A 76 -20.04 32.82 6.25
C ARG A 76 -21.46 32.34 6.36
N ASP A 77 -21.83 31.62 7.42
CA ASP A 77 -23.20 31.07 7.53
C ASP A 77 -24.27 32.15 7.80
N GLY A 78 -23.82 33.35 8.18
CA GLY A 78 -24.68 34.51 8.23
C GLY A 78 -25.43 34.79 6.93
N TYR A 79 -24.81 34.52 5.78
CA TYR A 79 -25.48 34.70 4.48
C TYR A 79 -26.66 33.76 4.27
N TYR A 80 -26.81 32.74 5.11
CA TYR A 80 -27.82 31.71 4.88
C TYR A 80 -29.12 32.12 5.49
N ILE A 81 -29.06 33.12 6.36
CA ILE A 81 -30.26 33.57 7.03
C ILE A 81 -31.35 33.84 5.98
N GLN A 82 -32.53 33.24 6.18
CA GLN A 82 -33.69 33.37 5.29
C GLN A 82 -33.58 32.66 3.92
N ALA A 83 -32.55 31.86 3.71
CA ALA A 83 -32.43 31.09 2.49
C ALA A 83 -33.64 30.18 2.36
N GLN A 84 -34.17 30.04 1.14
CA GLN A 84 -35.26 29.13 0.88
C GLN A 84 -34.80 27.89 0.16
N CYS A 85 -33.59 27.92 -0.38
CA CYS A 85 -33.00 26.72 -0.99
C CYS A 85 -31.51 26.91 -1.09
N ALA A 86 -30.80 25.85 -1.45
CA ALA A 86 -29.36 25.94 -1.62
C ALA A 86 -28.83 25.03 -2.72
N ILE A 87 -27.65 25.36 -3.22
CA ILE A 87 -26.87 24.41 -4.00
C ILE A 87 -25.54 24.21 -3.30
N ILE A 88 -25.07 22.98 -3.14
CA ILE A 88 -23.71 22.76 -2.67
C ILE A 88 -22.94 22.28 -3.86
N MET A 89 -21.78 22.87 -4.11
CA MET A 89 -20.98 22.43 -5.22
C MET A 89 -19.68 21.78 -4.80
N PHE A 90 -19.28 20.79 -5.57
CA PHE A 90 -17.93 20.31 -5.48
C PHE A 90 -17.41 19.99 -6.86
N ASP A 91 -16.13 19.64 -6.91
CA ASP A 91 -15.36 19.38 -8.12
C ASP A 91 -15.09 17.87 -8.16
N VAL A 92 -15.65 17.26 -9.18
CA VAL A 92 -15.60 15.82 -9.41
C VAL A 92 -14.17 15.32 -9.61
N THR A 93 -13.28 16.28 -9.76
CA THR A 93 -11.88 16.07 -10.06
C THR A 93 -11.05 16.18 -8.82
N SER A 94 -11.67 16.59 -7.71
CA SER A 94 -10.93 16.92 -6.46
C SER A 94 -11.62 16.35 -5.20
N ARG A 95 -11.03 15.30 -4.67
CA ARG A 95 -11.65 14.53 -3.61
C ARG A 95 -11.82 15.37 -2.36
N VAL A 96 -10.91 16.30 -2.09
CA VAL A 96 -11.06 17.09 -0.88
C VAL A 96 -12.34 17.93 -0.89
N THR A 97 -12.74 18.42 -2.06
CA THR A 97 -13.91 19.28 -2.14
C THR A 97 -15.16 18.45 -1.88
N TYR A 98 -15.09 17.18 -2.24
CA TYR A 98 -16.21 16.27 -1.99
C TYR A 98 -16.27 15.92 -0.52
N LYS A 99 -15.12 15.78 0.14
CA LYS A 99 -15.10 15.38 1.55
C LYS A 99 -15.50 16.52 2.49
N ASN A 100 -15.46 17.74 2.01
CA ASN A 100 -16.04 18.87 2.73
C ASN A 100 -17.56 19.07 2.57
N VAL A 101 -18.24 18.26 1.74
CA VAL A 101 -19.68 18.46 1.48
C VAL A 101 -20.54 18.29 2.78
N PRO A 102 -20.32 17.23 3.54
CA PRO A 102 -21.10 17.13 4.81
C PRO A 102 -21.06 18.36 5.71
N ASN A 103 -19.91 19.01 5.83
CA ASN A 103 -19.77 20.23 6.59
C ASN A 103 -20.49 21.44 5.98
N TRP A 104 -20.44 21.60 4.67
CA TRP A 104 -21.21 22.66 4.08
C TRP A 104 -22.69 22.38 4.33
N HIS A 105 -23.07 21.11 4.26
CA HIS A 105 -24.45 20.68 4.47
C HIS A 105 -24.94 20.99 5.87
N ARG A 106 -24.11 20.64 6.84
CA ARG A 106 -24.36 20.89 8.25
C ARG A 106 -24.46 22.40 8.52
N ASP A 107 -23.57 23.18 7.93
CA ASP A 107 -23.61 24.60 8.14
C ASP A 107 -24.94 25.19 7.67
N LEU A 108 -25.41 24.72 6.51
CA LEU A 108 -26.71 25.10 6.00
C LEU A 108 -27.87 24.68 6.92
N VAL A 109 -27.92 23.45 7.42
CA VAL A 109 -29.13 23.03 8.11
C VAL A 109 -29.24 23.62 9.50
N ARG A 110 -28.10 23.98 10.09
CA ARG A 110 -28.12 24.67 11.37
C ARG A 110 -28.74 26.07 11.31
N VAL A 111 -28.66 26.73 10.16
CA VAL A 111 -29.34 27.99 9.94
C VAL A 111 -30.70 27.88 9.24
N CYS A 112 -30.84 26.93 8.31
CA CYS A 112 -32.11 26.75 7.54
C CYS A 112 -32.71 25.36 7.75
N GLU A 113 -33.46 25.15 8.81
CA GLU A 113 -33.76 23.76 9.18
C GLU A 113 -34.15 22.86 8.00
N ASN A 114 -35.18 23.21 7.21
CA ASN A 114 -35.79 22.23 6.29
C ASN A 114 -35.72 22.50 4.77
N ILE A 115 -34.79 23.31 4.30
CA ILE A 115 -34.86 23.75 2.90
C ILE A 115 -34.42 22.68 1.87
N PRO A 116 -34.97 22.73 0.65
CA PRO A 116 -34.47 21.88 -0.43
C PRO A 116 -33.04 22.20 -0.80
N ILE A 117 -32.19 21.19 -1.02
CA ILE A 117 -30.78 21.40 -1.35
C ILE A 117 -30.33 20.47 -2.47
N VAL A 118 -29.64 21.01 -3.46
CA VAL A 118 -29.03 20.20 -4.52
C VAL A 118 -27.53 20.18 -4.36
N LEU A 119 -26.96 18.98 -4.47
CA LEU A 119 -25.51 18.80 -4.48
C LEU A 119 -25.14 18.70 -5.96
N CYS A 120 -24.25 19.58 -6.40
CA CYS A 120 -23.77 19.57 -7.79
C CYS A 120 -22.31 19.20 -7.84
N GLY A 121 -22.05 18.09 -8.53
CA GLY A 121 -20.72 17.63 -8.84
C GLY A 121 -20.29 18.23 -10.18
N ASN A 122 -19.47 19.27 -10.11
CA ASN A 122 -19.11 20.03 -11.28
C ASN A 122 -17.86 19.51 -11.97
N LYS A 123 -17.64 19.95 -13.21
CA LYS A 123 -16.43 19.71 -14.02
C LYS A 123 -16.35 18.29 -14.54
N VAL A 124 -17.50 17.69 -14.83
CA VAL A 124 -17.55 16.33 -15.39
C VAL A 124 -17.02 16.26 -16.83
N ASP A 125 -16.70 17.41 -17.40
CA ASP A 125 -16.13 17.41 -18.76
C ASP A 125 -14.70 16.93 -18.75
N ILE A 126 -14.07 16.96 -17.57
CA ILE A 126 -12.65 16.58 -17.43
C ILE A 126 -12.43 15.06 -17.37
N LYS A 127 -11.48 14.61 -18.18
CA LYS A 127 -11.21 13.19 -18.43
C LYS A 127 -11.35 12.26 -17.22
N ASP A 128 -10.48 12.40 -16.21
CA ASP A 128 -10.54 11.47 -15.08
C ASP A 128 -11.17 12.12 -13.86
N ARG A 129 -12.40 11.71 -13.57
CA ARG A 129 -13.06 12.05 -12.31
C ARG A 129 -12.41 11.28 -11.19
N LYS A 130 -12.42 11.84 -10.01
CA LYS A 130 -12.03 11.08 -8.83
C LYS A 130 -13.24 10.73 -7.97
N VAL A 131 -14.35 11.43 -8.15
CA VAL A 131 -15.56 11.11 -7.39
C VAL A 131 -16.61 10.54 -8.34
N LYS A 132 -16.84 9.22 -8.27
CA LYS A 132 -17.77 8.55 -9.18
C LYS A 132 -19.22 8.82 -8.76
N ALA A 133 -20.10 8.98 -9.75
CA ALA A 133 -21.51 9.35 -9.51
C ALA A 133 -22.27 8.25 -8.76
N LYS A 134 -21.84 6.99 -8.93
CA LYS A 134 -22.41 5.85 -8.23
C LYS A 134 -22.34 6.02 -6.70
N SER A 135 -21.16 6.41 -6.20
CA SER A 135 -20.84 6.39 -4.78
C SER A 135 -21.45 7.56 -3.99
N ILE A 136 -22.10 8.49 -4.68
CA ILE A 136 -22.85 9.55 -3.99
C ILE A 136 -24.12 9.02 -3.30
N VAL A 137 -24.31 9.42 -2.04
CA VAL A 137 -25.48 8.98 -1.23
C VAL A 137 -26.23 10.18 -0.63
N PHE A 138 -25.70 11.38 -0.83
CA PHE A 138 -26.28 12.61 -0.29
C PHE A 138 -27.80 12.78 -0.58
N HIS A 139 -28.19 12.49 -1.82
CA HIS A 139 -29.57 12.71 -2.34
C HIS A 139 -30.64 11.67 -1.93
N ARG A 140 -30.33 10.85 -0.93
CA ARG A 140 -31.20 9.74 -0.61
C ARG A 140 -32.46 10.16 0.17
N LYS A 141 -32.39 11.33 0.81
CA LYS A 141 -33.50 11.84 1.61
C LYS A 141 -34.40 12.80 0.82
N LYS A 142 -35.49 13.18 1.49
CA LYS A 142 -36.65 13.93 0.96
C LYS A 142 -36.37 15.23 0.22
N ASN A 143 -35.59 16.12 0.82
CA ASN A 143 -35.44 17.45 0.25
C ASN A 143 -34.01 17.65 -0.24
N LEU A 144 -33.46 16.61 -0.86
CA LEU A 144 -32.04 16.55 -1.24
C LEU A 144 -31.90 15.85 -2.62
N GLN A 145 -30.95 16.30 -3.42
CA GLN A 145 -30.83 15.80 -4.78
C GLN A 145 -29.40 15.99 -5.24
N TYR A 146 -28.99 15.12 -6.14
CA TYR A 146 -27.66 15.16 -6.70
C TYR A 146 -27.70 15.25 -8.24
N TYR A 147 -26.89 16.12 -8.83
CA TYR A 147 -26.60 16.01 -10.25
C TYR A 147 -25.13 16.18 -10.60
N ASP A 148 -24.63 15.36 -11.52
CA ASP A 148 -23.45 15.70 -12.32
C ASP A 148 -23.80 16.93 -13.15
N ILE A 149 -22.83 17.84 -13.22
CA ILE A 149 -22.93 19.13 -13.91
C ILE A 149 -21.58 19.49 -14.55
N SER A 150 -21.61 20.18 -15.68
CA SER A 150 -20.44 20.95 -16.17
C SER A 150 -20.82 22.38 -16.53
N ALA A 151 -20.28 23.32 -15.77
CA ALA A 151 -20.36 24.70 -16.10
C ALA A 151 -19.71 24.99 -17.47
N LYS A 152 -18.91 24.06 -17.99
CA LYS A 152 -18.17 24.30 -19.24
C LYS A 152 -18.76 23.61 -20.46
N SER A 153 -19.24 22.38 -20.31
CA SER A 153 -19.89 21.70 -21.42
C SER A 153 -21.39 21.88 -21.32
N ASN A 154 -21.85 22.55 -20.27
CA ASN A 154 -23.28 22.76 -20.05
C ASN A 154 -24.11 21.48 -19.88
N TYR A 155 -23.47 20.39 -19.44
CA TYR A 155 -24.18 19.15 -19.15
C TYR A 155 -25.06 19.36 -17.93
N ASN A 156 -26.36 19.07 -18.05
CA ASN A 156 -27.32 19.21 -16.92
C ASN A 156 -27.46 20.63 -16.39
N PHE A 157 -27.25 21.56 -17.33
CA PHE A 157 -27.32 22.99 -17.13
C PHE A 157 -28.51 23.50 -16.29
N GLU A 158 -29.71 23.08 -16.61
CA GLU A 158 -30.92 23.58 -15.93
C GLU A 158 -31.42 22.76 -14.75
N LYS A 159 -30.95 21.51 -14.67
CA LYS A 159 -31.53 20.51 -13.77
C LYS A 159 -31.58 21.00 -12.34
N PRO A 160 -30.48 21.57 -11.84
CA PRO A 160 -30.58 21.96 -10.45
C PRO A 160 -31.72 22.94 -10.24
N PHE A 161 -31.88 23.89 -11.17
CA PHE A 161 -32.92 24.91 -11.00
C PHE A 161 -34.32 24.35 -11.23
N LEU A 162 -34.49 23.48 -12.21
CA LEU A 162 -35.80 22.84 -12.40
C LEU A 162 -36.21 22.01 -11.17
N TRP A 163 -35.24 21.30 -10.58
CA TRP A 163 -35.60 20.50 -9.42
C TRP A 163 -35.99 21.40 -8.24
N LEU A 164 -35.21 22.45 -7.98
CA LEU A 164 -35.51 23.42 -6.93
C LEU A 164 -36.87 24.07 -7.12
N ALA A 165 -37.14 24.52 -8.34
CA ALA A 165 -38.39 25.21 -8.65
C ALA A 165 -39.56 24.30 -8.35
N ARG A 166 -39.43 23.04 -8.76
CA ARG A 166 -40.48 22.08 -8.58
C ARG A 166 -40.76 21.84 -7.11
N LYS A 167 -39.71 21.80 -6.30
CA LYS A 167 -39.91 21.59 -4.86
C LYS A 167 -40.51 22.83 -4.19
N LEU A 168 -40.02 24.01 -4.53
CA LEU A 168 -40.44 25.24 -3.88
C LEU A 168 -41.90 25.63 -4.18
N ILE A 169 -42.37 25.33 -5.39
CA ILE A 169 -43.73 25.64 -5.89
C ILE A 169 -44.70 24.50 -5.53
N GLY A 170 -44.14 23.32 -5.26
CA GLY A 170 -44.94 22.11 -5.01
C GLY A 170 -45.58 21.50 -6.25
N ASP A 171 -45.06 21.82 -7.44
CA ASP A 171 -45.57 21.25 -8.69
C ASP A 171 -44.51 20.33 -9.32
N PRO A 172 -44.74 19.01 -9.29
CA PRO A 172 -43.77 18.07 -9.86
C PRO A 172 -43.65 18.13 -11.37
N ASN A 173 -44.71 18.56 -12.05
CA ASN A 173 -44.72 18.73 -13.53
C ASN A 173 -44.51 20.20 -14.04
N LEU A 174 -43.86 21.05 -13.25
CA LEU A 174 -43.44 22.37 -13.72
C LEU A 174 -42.41 22.15 -14.80
N GLU A 175 -42.46 22.92 -15.88
CA GLU A 175 -41.45 22.84 -16.94
C GLU A 175 -40.86 24.20 -17.19
N PHE A 176 -39.65 24.23 -17.73
CA PHE A 176 -39.07 25.47 -18.16
C PHE A 176 -39.49 25.66 -19.61
N VAL A 177 -40.42 26.56 -19.86
CA VAL A 177 -40.93 26.75 -21.20
C VAL A 177 -40.18 27.83 -21.96
N ALA A 178 -40.13 27.64 -23.28
CA ALA A 178 -39.68 28.67 -24.21
C ALA A 178 -40.59 29.91 -24.10
N MET A 179 -40.04 31.00 -23.55
CA MET A 179 -40.80 32.24 -23.32
C MET A 179 -41.43 32.80 -24.62
N MET B 1 -20.67 53.19 20.48
CA MET B 1 -21.76 52.63 19.62
C MET B 1 -22.83 51.94 20.48
N SER B 2 -24.10 52.17 20.17
CA SER B 2 -25.24 51.64 20.95
C SER B 2 -25.81 50.36 20.35
N THR B 3 -26.53 49.61 21.18
CA THR B 3 -27.19 48.39 20.72
C THR B 3 -27.94 48.59 19.39
N ALA B 4 -28.72 49.65 19.31
CA ALA B 4 -29.59 49.90 18.15
C ALA B 4 -28.77 50.18 16.88
N GLU B 5 -27.71 50.97 16.99
CA GLU B 5 -26.88 51.25 15.83
C GLU B 5 -26.16 50.00 15.36
N PHE B 6 -25.73 49.16 16.31
CA PHE B 6 -25.07 47.89 15.96
C PHE B 6 -26.08 46.94 15.31
N ALA B 7 -27.30 46.89 15.85
CA ALA B 7 -28.37 46.10 15.22
C ALA B 7 -28.66 46.59 13.81
N GLN B 8 -28.59 47.89 13.59
CA GLN B 8 -28.82 48.46 12.27
C GLN B 8 -27.76 47.98 11.29
N LEU B 9 -26.49 48.03 11.73
CA LEU B 9 -25.38 47.44 10.94
C LEU B 9 -25.61 45.99 10.58
N LEU B 10 -25.99 45.18 11.58
CA LEU B 10 -26.26 43.76 11.33
C LEU B 10 -27.35 43.65 10.30
N GLU B 11 -28.49 44.29 10.55
CA GLU B 11 -29.64 44.15 9.65
C GLU B 11 -29.25 44.56 8.23
N ASN B 12 -28.49 45.63 8.07
CA ASN B 12 -28.21 46.16 6.72
C ASN B 12 -27.26 45.25 5.95
N SER B 13 -26.43 44.51 6.68
CA SER B 13 -25.48 43.56 6.10
C SER B 13 -26.13 42.53 5.21
N ILE B 14 -27.31 42.07 5.62
CA ILE B 14 -28.03 41.02 4.91
C ILE B 14 -29.43 41.38 4.38
N LEU B 15 -30.01 42.50 4.82
CA LEU B 15 -31.38 42.84 4.42
C LEU B 15 -31.51 43.97 3.41
N SER B 16 -30.49 44.81 3.28
CA SER B 16 -30.59 45.96 2.40
C SER B 16 -30.57 45.51 0.94
N PRO B 17 -31.50 46.04 0.14
CA PRO B 17 -31.49 45.82 -1.30
C PRO B 17 -30.26 46.38 -1.97
N ASP B 18 -29.73 47.48 -1.44
CA ASP B 18 -28.56 48.12 -2.02
C ASP B 18 -27.33 47.29 -1.68
N GLN B 19 -26.68 46.75 -2.71
CA GLN B 19 -25.55 45.86 -2.52
C GLN B 19 -24.35 46.59 -1.92
N ASN B 20 -24.24 47.89 -2.18
CA ASN B 20 -23.15 48.68 -1.60
C ASN B 20 -23.36 48.99 -0.13
N ILE B 21 -24.62 49.16 0.27
CA ILE B 21 -24.95 49.27 1.69
C ILE B 21 -24.61 47.97 2.45
N ARG B 22 -24.81 46.83 1.81
CA ARG B 22 -24.45 45.56 2.42
C ARG B 22 -22.93 45.44 2.63
N LEU B 23 -22.15 45.70 1.59
CA LEU B 23 -20.69 45.62 1.68
C LEU B 23 -20.17 46.57 2.77
N THR B 24 -20.61 47.81 2.70
CA THR B 24 -20.20 48.85 3.64
C THR B 24 -20.45 48.40 5.07
N SER B 25 -21.63 47.84 5.35
CA SER B 25 -21.97 47.41 6.71
C SER B 25 -21.15 46.19 7.14
N GLU B 26 -20.97 45.26 6.22
CA GLU B 26 -20.16 44.07 6.48
C GLU B 26 -18.72 44.46 6.82
N THR B 27 -18.18 45.44 6.10
CA THR B 27 -16.84 45.98 6.32
C THR B 27 -16.71 46.66 7.68
N GLN B 28 -17.71 47.43 8.07
CA GLN B 28 -17.67 48.13 9.35
C GLN B 28 -17.76 47.16 10.51
N LEU B 29 -18.55 46.10 10.36
CA LEU B 29 -18.66 45.07 11.39
C LEU B 29 -17.32 44.42 11.62
N LYS B 30 -16.67 44.01 10.55
CA LYS B 30 -15.37 43.37 10.65
C LYS B 30 -14.34 44.32 11.27
N LYS B 31 -14.42 45.60 10.92
CA LYS B 31 -13.50 46.58 11.46
C LYS B 31 -13.67 46.74 12.98
N LEU B 32 -14.93 46.74 13.41
CA LEU B 32 -15.25 46.84 14.84
C LEU B 32 -14.68 45.67 15.65
N SER B 33 -14.86 44.45 15.15
CA SER B 33 -14.39 43.26 15.86
C SER B 33 -12.86 43.25 15.96
N ASN B 34 -12.23 43.85 14.97
CA ASN B 34 -10.81 44.03 14.96
C ASN B 34 -10.31 45.08 15.94
N ASP B 35 -10.86 46.28 15.84
CA ASP B 35 -10.39 47.44 16.61
C ASP B 35 -10.68 47.31 18.11
N ASN B 36 -11.88 46.82 18.44
CA ASN B 36 -12.34 46.72 19.80
C ASN B 36 -13.22 45.48 19.97
N PHE B 37 -12.57 44.33 20.10
CA PHE B 37 -13.32 43.09 20.23
C PHE B 37 -14.20 43.08 21.46
N LEU B 38 -13.66 43.50 22.60
CA LEU B 38 -14.46 43.58 23.82
C LEU B 38 -15.86 44.22 23.55
N GLN B 39 -15.88 45.38 22.89
CA GLN B 39 -17.12 46.08 22.56
C GLN B 39 -17.97 45.28 21.57
N PHE B 40 -17.35 44.78 20.51
CA PHE B 40 -18.05 44.01 19.49
C PHE B 40 -18.73 42.78 20.08
N ALA B 41 -18.04 42.09 20.98
CA ALA B 41 -18.62 40.89 21.62
C ALA B 41 -19.80 41.23 22.52
N GLY B 42 -19.68 42.29 23.31
CA GLY B 42 -20.78 42.74 24.16
C GLY B 42 -21.99 43.17 23.36
N LEU B 43 -21.75 44.03 22.36
CA LEU B 43 -22.83 44.55 21.55
C LEU B 43 -23.59 43.41 20.85
N SER B 44 -22.83 42.43 20.35
CA SER B 44 -23.44 41.31 19.65
C SER B 44 -24.36 40.57 20.58
N SER B 45 -23.90 40.35 21.81
CA SER B 45 -24.70 39.61 22.78
C SER B 45 -25.96 40.37 23.15
N GLN B 46 -25.89 41.70 23.10
CA GLN B 46 -27.04 42.56 23.45
C GLN B 46 -28.10 42.59 22.36
N VAL B 47 -27.66 42.57 21.11
CA VAL B 47 -28.60 42.51 19.99
C VAL B 47 -29.33 41.16 19.92
N LEU B 48 -28.63 40.08 20.27
CA LEU B 48 -29.21 38.72 20.30
C LEU B 48 -30.43 38.63 21.21
N ILE B 49 -30.41 39.33 22.34
CA ILE B 49 -31.56 39.32 23.26
C ILE B 49 -32.52 40.51 23.16
N ASP B 50 -32.32 41.41 22.19
CA ASP B 50 -33.15 42.63 22.10
C ASP B 50 -34.42 42.40 21.26
N GLU B 51 -35.57 42.62 21.88
CA GLU B 51 -36.88 42.36 21.26
C GLU B 51 -37.18 43.33 20.13
N ASN B 52 -36.56 44.51 20.15
CA ASN B 52 -36.83 45.55 19.16
C ASN B 52 -36.06 45.38 17.84
N THR B 53 -35.12 44.43 17.81
CA THR B 53 -34.40 44.18 16.57
C THR B 53 -35.10 43.11 15.77
N LYS B 54 -35.07 43.26 14.45
CA LYS B 54 -35.57 42.25 13.54
C LYS B 54 -34.91 40.89 13.77
N LEU B 55 -35.71 39.84 13.67
CA LEU B 55 -35.28 38.45 13.81
C LEU B 55 -33.96 38.16 13.08
N GLU B 56 -33.90 38.52 11.80
CA GLU B 56 -32.73 38.20 10.97
C GLU B 56 -31.46 38.82 11.56
N GLY B 57 -31.58 40.03 12.08
CA GLY B 57 -30.46 40.69 12.73
C GLY B 57 -30.02 40.06 14.04
N ARG B 58 -30.98 39.55 14.80
CA ARG B 58 -30.59 38.93 16.05
C ARG B 58 -29.86 37.63 15.79
N ILE B 59 -30.33 36.87 14.81
CA ILE B 59 -29.70 35.61 14.43
C ILE B 59 -28.28 35.88 13.99
N LEU B 60 -28.10 36.89 13.12
CA LEU B 60 -26.79 37.29 12.61
C LEU B 60 -25.88 37.74 13.72
N ALA B 61 -26.45 38.31 14.76
CA ALA B 61 -25.64 38.75 15.88
C ALA B 61 -25.00 37.53 16.54
N ALA B 62 -25.76 36.46 16.70
CA ALA B 62 -25.23 35.22 17.30
C ALA B 62 -24.24 34.58 16.35
N LEU B 63 -24.60 34.51 15.07
CA LEU B 63 -23.75 33.82 14.11
C LEU B 63 -22.43 34.56 13.96
N THR B 64 -22.47 35.90 13.88
CA THR B 64 -21.24 36.65 13.62
C THR B 64 -20.30 36.61 14.82
N LEU B 65 -20.81 36.69 16.04
CA LEU B 65 -19.92 36.51 17.20
C LEU B 65 -19.32 35.10 17.13
N LYS B 66 -20.17 34.11 16.86
CA LYS B 66 -19.70 32.73 16.84
C LYS B 66 -18.50 32.64 15.88
N ASN B 67 -18.65 33.21 14.69
CA ASN B 67 -17.60 33.17 13.65
C ASN B 67 -16.34 34.00 13.94
N GLU B 68 -16.33 34.67 15.09
CA GLU B 68 -15.13 35.31 15.60
C GLU B 68 -14.61 34.55 16.83
N LEU B 69 -15.28 33.46 17.19
CA LEU B 69 -14.84 32.61 18.30
C LEU B 69 -14.28 31.26 17.85
N VAL B 70 -14.69 30.80 16.67
CA VAL B 70 -14.42 29.42 16.19
C VAL B 70 -14.25 29.47 14.67
N SER B 71 -13.47 28.55 14.10
CA SER B 71 -13.10 28.63 12.67
C SER B 71 -12.73 27.26 12.15
N LYS B 72 -12.91 27.07 10.84
CA LYS B 72 -12.40 25.88 10.12
C LYS B 72 -10.87 25.79 10.20
N ASP B 73 -10.21 26.93 10.17
CA ASP B 73 -8.76 27.03 10.15
C ASP B 73 -8.30 26.93 11.59
N SER B 74 -7.44 25.96 11.88
CA SER B 74 -7.01 25.73 13.25
C SER B 74 -5.98 26.75 13.76
N VAL B 75 -5.31 27.47 12.87
CA VAL B 75 -4.52 28.63 13.31
C VAL B 75 -5.43 29.78 13.82
N LYS B 76 -6.45 30.16 13.05
CA LYS B 76 -7.41 31.16 13.53
C LYS B 76 -8.15 30.67 14.75
N THR B 77 -8.30 29.36 14.89
CA THR B 77 -8.96 28.79 16.05
C THR B 77 -8.20 29.18 17.32
N GLN B 78 -6.87 29.07 17.29
CA GLN B 78 -6.05 29.43 18.43
C GLN B 78 -6.05 30.95 18.66
N GLN B 79 -6.03 31.74 17.60
CA GLN B 79 -6.06 33.19 17.78
C GLN B 79 -7.39 33.60 18.38
N PHE B 80 -8.47 32.96 17.93
CA PHE B 80 -9.80 33.33 18.42
C PHE B 80 -9.92 32.96 19.89
N ALA B 81 -9.48 31.76 20.26
CA ALA B 81 -9.53 31.35 21.66
C ALA B 81 -8.77 32.37 22.53
N GLN B 82 -7.56 32.70 22.10
CA GLN B 82 -6.71 33.58 22.89
C GLN B 82 -7.28 34.99 22.95
N ARG B 83 -7.96 35.43 21.90
CA ARG B 83 -8.54 36.77 21.88
C ARG B 83 -9.74 36.82 22.84
N TRP B 84 -10.55 35.77 22.85
CA TRP B 84 -11.62 35.69 23.83
C TRP B 84 -11.07 35.61 25.24
N ILE B 85 -10.14 34.70 25.48
CA ILE B 85 -9.61 34.51 26.84
C ILE B 85 -8.98 35.80 27.38
N THR B 86 -8.28 36.54 26.53
CA THR B 86 -7.41 37.62 27.04
C THR B 86 -7.95 39.04 26.91
N GLN B 87 -8.75 39.29 25.88
CA GLN B 87 -9.25 40.65 25.63
C GLN B 87 -10.63 40.96 26.22
N VAL B 88 -11.37 39.93 26.57
CA VAL B 88 -12.70 40.16 27.08
C VAL B 88 -12.61 40.01 28.62
N SER B 89 -13.06 41.04 29.33
CA SER B 89 -12.99 41.06 30.77
C SER B 89 -13.88 39.97 31.37
N PRO B 90 -13.55 39.51 32.59
CA PRO B 90 -14.42 38.57 33.27
C PRO B 90 -15.89 39.04 33.33
N GLU B 91 -16.09 40.32 33.58
CA GLU B 91 -17.44 40.91 33.67
C GLU B 91 -18.15 40.81 32.32
N ALA B 92 -17.43 41.14 31.25
CA ALA B 92 -17.98 41.10 29.91
C ALA B 92 -18.28 39.66 29.52
N LYS B 93 -17.36 38.75 29.81
CA LYS B 93 -17.56 37.33 29.52
C LYS B 93 -18.81 36.83 30.19
N ASN B 94 -18.97 37.23 31.44
CA ASN B 94 -20.14 36.84 32.21
C ASN B 94 -21.46 37.36 31.64
N GLN B 95 -21.48 38.63 31.25
CA GLN B 95 -22.68 39.19 30.64
C GLN B 95 -22.97 38.46 29.31
N ILE B 96 -21.96 38.32 28.46
CA ILE B 96 -22.14 37.68 27.16
C ILE B 96 -22.71 36.28 27.31
N LYS B 97 -22.11 35.50 28.19
CA LYS B 97 -22.60 34.15 28.44
C LYS B 97 -24.01 34.20 28.98
N THR B 98 -24.27 35.08 29.95
CA THR B 98 -25.62 35.20 30.50
C THR B 98 -26.63 35.52 29.40
N ASN B 99 -26.29 36.46 28.50
CA ASN B 99 -27.19 36.82 27.41
C ASN B 99 -27.40 35.66 26.46
N ALA B 100 -26.37 34.86 26.26
CA ALA B 100 -26.48 33.70 25.37
C ALA B 100 -27.45 32.71 25.95
N LEU B 101 -27.35 32.43 27.26
CA LEU B 101 -28.26 31.48 27.91
C LEU B 101 -29.70 31.99 27.94
N THR B 102 -29.87 33.33 28.01
CA THR B 102 -31.16 33.95 27.89
C THR B 102 -31.72 33.79 26.46
N ALA B 103 -30.92 34.01 25.42
CA ALA B 103 -31.42 33.75 24.05
C ALA B 103 -31.80 32.28 23.85
N LEU B 104 -31.03 31.39 24.47
CA LEU B 104 -31.27 29.93 24.36
C LEU B 104 -32.69 29.56 24.70
N VAL B 105 -33.26 30.26 25.70
CA VAL B 105 -34.59 29.92 26.17
C VAL B 105 -35.64 30.83 25.56
N SER B 106 -35.25 31.61 24.55
CA SER B 106 -36.21 32.48 23.86
C SER B 106 -37.39 31.66 23.37
N ILE B 107 -38.57 32.28 23.28
CA ILE B 107 -39.73 31.60 22.69
C ILE B 107 -39.65 31.56 21.15
N GLU B 108 -38.69 32.26 20.55
CA GLU B 108 -38.46 32.10 19.12
C GLU B 108 -37.39 31.03 18.82
N PRO B 109 -37.79 29.92 18.17
CA PRO B 109 -36.87 28.80 17.98
C PRO B 109 -35.57 29.16 17.24
N ARG B 110 -35.68 30.03 16.25
CA ARG B 110 -34.54 30.37 15.43
C ARG B 110 -33.56 31.24 16.17
N ILE B 111 -34.03 31.96 17.18
CA ILE B 111 -33.11 32.66 18.03
C ILE B 111 -32.41 31.66 18.93
N ALA B 112 -33.18 30.75 19.52
CA ALA B 112 -32.63 29.70 20.38
C ALA B 112 -31.57 28.86 19.65
N ASN B 113 -31.84 28.50 18.40
CA ASN B 113 -30.91 27.66 17.65
C ASN B 113 -29.57 28.37 17.46
N ALA B 114 -29.61 29.66 17.16
CA ALA B 114 -28.39 30.43 16.89
C ALA B 114 -27.68 30.68 18.21
N ALA B 115 -28.44 30.82 19.28
CA ALA B 115 -27.82 30.89 20.63
C ALA B 115 -27.07 29.60 20.93
N ALA B 116 -27.67 28.47 20.58
CA ALA B 116 -26.99 27.16 20.82
C ALA B 116 -25.64 27.13 20.12
N GLN B 117 -25.56 27.59 18.87
CA GLN B 117 -24.25 27.60 18.16
C GLN B 117 -23.24 28.47 18.93
N LEU B 118 -23.70 29.64 19.42
CA LEU B 118 -22.86 30.58 20.17
C LEU B 118 -22.39 29.92 21.46
N ILE B 119 -23.30 29.29 22.17
CA ILE B 119 -22.90 28.57 23.40
C ILE B 119 -21.88 27.49 23.07
N ALA B 120 -22.09 26.72 22.00
CA ALA B 120 -21.10 25.65 21.68
C ALA B 120 -19.73 26.25 21.42
N ALA B 121 -19.68 27.38 20.71
CA ALA B 121 -18.42 28.04 20.39
C ALA B 121 -17.67 28.50 21.64
N ILE B 122 -18.38 29.22 22.50
CA ILE B 122 -17.80 29.62 23.79
C ILE B 122 -17.31 28.39 24.59
N ALA B 123 -18.14 27.35 24.63
CA ALA B 123 -17.81 26.16 25.37
C ALA B 123 -16.56 25.51 24.79
N ASP B 124 -16.40 25.53 23.46
CA ASP B 124 -15.18 24.96 22.85
C ASP B 124 -13.91 25.60 23.38
N ILE B 125 -13.97 26.90 23.68
CA ILE B 125 -12.83 27.66 24.16
C ILE B 125 -12.61 27.46 25.65
N GLU B 126 -13.70 27.50 26.40
CA GLU B 126 -13.60 27.55 27.85
C GLU B 126 -13.55 26.23 28.60
N LEU B 127 -14.28 25.22 28.13
CA LEU B 127 -14.37 23.94 28.88
C LEU B 127 -13.02 23.24 29.05
N PRO B 128 -12.15 23.26 28.02
CA PRO B 128 -10.82 22.64 28.24
C PRO B 128 -10.07 23.26 29.38
N HIS B 129 -10.34 24.52 29.61
CA HIS B 129 -9.66 25.25 30.64
C HIS B 129 -10.39 25.23 31.98
N GLY B 130 -11.51 24.53 32.08
CA GLY B 130 -12.30 24.52 33.32
C GLY B 130 -12.95 25.86 33.65
N ALA B 131 -12.91 26.80 32.71
CA ALA B 131 -13.74 28.01 32.79
C ALA B 131 -15.18 27.58 32.45
N TRP B 132 -16.14 28.46 32.62
CA TRP B 132 -17.55 28.05 32.58
C TRP B 132 -17.90 26.71 33.25
N PRO B 133 -17.63 26.56 34.54
CA PRO B 133 -17.98 25.29 35.16
C PRO B 133 -19.45 25.16 35.55
N GLU B 134 -20.23 26.24 35.41
CA GLU B 134 -21.68 26.22 35.70
C GLU B 134 -22.48 25.62 34.55
N LEU B 135 -21.88 25.61 33.35
CA LEU B 135 -22.65 25.31 32.13
C LEU B 135 -23.27 23.92 32.09
N MET B 136 -22.47 22.90 32.42
CA MET B 136 -22.94 21.51 32.34
C MET B 136 -24.15 21.28 33.24
N LYS B 137 -24.13 21.83 34.45
CA LYS B 137 -25.29 21.72 35.35
C LYS B 137 -26.54 22.37 34.75
N ILE B 138 -26.37 23.54 34.18
CA ILE B 138 -27.48 24.29 33.58
C ILE B 138 -28.13 23.54 32.43
N MET B 139 -27.33 22.92 31.59
CA MET B 139 -27.83 22.16 30.46
C MET B 139 -28.60 20.90 30.90
N VAL B 140 -28.01 20.16 31.84
CA VAL B 140 -28.65 18.96 32.39
C VAL B 140 -29.95 19.36 33.09
N ASP B 141 -29.93 20.43 33.88
CA ASP B 141 -31.17 20.88 34.54
C ASP B 141 -32.19 21.29 33.49
N ASN B 142 -31.78 21.98 32.44
CA ASN B 142 -32.72 22.41 31.39
C ASN B 142 -33.41 21.26 30.66
N THR B 143 -32.81 20.06 30.67
CA THR B 143 -33.40 18.93 29.95
C THR B 143 -34.28 18.07 30.83
N GLY B 144 -34.40 18.39 32.11
CA GLY B 144 -35.32 17.68 33.01
C GLY B 144 -36.71 17.61 32.38
N ALA B 145 -37.44 16.52 32.60
CA ALA B 145 -38.73 16.35 31.92
C ALA B 145 -39.74 17.48 32.23
N GLU B 146 -39.68 18.05 33.43
CA GLU B 146 -40.66 19.05 33.85
C GLU B 146 -40.41 20.46 33.29
N GLN B 147 -39.24 20.70 32.71
CA GLN B 147 -38.94 22.01 32.10
C GLN B 147 -39.85 22.28 30.87
N PRO B 148 -40.06 23.56 30.51
CA PRO B 148 -40.88 23.83 29.32
C PRO B 148 -40.29 23.23 28.05
N GLU B 149 -41.16 22.88 27.12
CA GLU B 149 -40.76 22.23 25.87
C GLU B 149 -39.57 22.93 25.20
N ASN B 150 -39.72 24.23 24.93
CA ASN B 150 -38.70 24.98 24.20
C ASN B 150 -37.32 24.99 24.89
N VAL B 151 -37.31 24.95 26.23
CA VAL B 151 -36.08 24.91 27.04
C VAL B 151 -35.40 23.57 26.90
N LYS B 152 -36.17 22.50 26.95
CA LYS B 152 -35.62 21.16 26.78
C LYS B 152 -35.04 20.95 25.38
N ARG B 153 -35.73 21.46 24.37
CA ARG B 153 -35.34 21.24 22.98
C ARG B 153 -34.06 21.99 22.65
N ALA B 154 -34.04 23.27 22.96
CA ALA B 154 -32.90 24.14 22.69
C ALA B 154 -31.68 23.67 23.48
N SER B 155 -31.88 23.16 24.69
CA SER B 155 -30.75 22.67 25.49
C SER B 155 -30.21 21.30 24.99
N LEU B 156 -31.09 20.41 24.57
CA LEU B 156 -30.62 19.21 23.89
C LEU B 156 -29.84 19.59 22.64
N LEU B 157 -30.36 20.52 21.83
CA LEU B 157 -29.67 20.94 20.61
C LEU B 157 -28.27 21.49 20.96
N ALA B 158 -28.20 22.36 21.95
CA ALA B 158 -26.91 22.90 22.42
C ALA B 158 -25.93 21.83 22.94
N LEU B 159 -26.44 20.90 23.73
CA LEU B 159 -25.60 19.80 24.21
C LEU B 159 -25.00 19.00 23.07
N GLY B 160 -25.81 18.73 22.04
CA GLY B 160 -25.36 18.04 20.85
C GLY B 160 -24.29 18.83 20.14
N TYR B 161 -24.53 20.14 19.92
CA TYR B 161 -23.55 20.99 19.23
C TYR B 161 -22.22 20.96 19.98
N MET B 162 -22.34 21.04 21.29
CA MET B 162 -21.22 21.13 22.21
C MET B 162 -20.41 19.85 22.15
N CYS B 163 -21.07 18.72 22.06
CA CYS B 163 -20.38 17.44 22.06
C CYS B 163 -19.69 17.15 20.75
N GLU B 164 -20.32 17.39 19.60
CA GLU B 164 -19.66 17.05 18.31
C GLU B 164 -18.49 17.99 18.02
N SER B 165 -18.31 18.99 18.90
CA SER B 165 -17.39 20.11 18.71
C SER B 165 -16.19 20.05 19.65
N ALA B 166 -16.31 19.32 20.76
CA ALA B 166 -15.22 19.21 21.73
C ALA B 166 -14.10 18.38 21.12
N ASP B 167 -12.85 18.74 21.42
CA ASP B 167 -11.71 18.14 20.72
C ASP B 167 -11.72 16.63 20.98
N PRO B 168 -11.26 15.82 19.99
CA PRO B 168 -11.24 14.36 20.10
C PRO B 168 -11.23 13.85 21.55
N GLN B 169 -12.30 14.20 22.29
CA GLN B 169 -12.35 14.20 23.76
C GLN B 169 -11.01 14.54 24.49
N SER B 170 -11.06 14.55 25.83
CA SER B 170 -9.90 14.74 26.73
C SER B 170 -10.00 16.10 27.43
N GLN B 171 -11.06 16.28 28.22
CA GLN B 171 -11.33 17.56 28.88
C GLN B 171 -11.86 17.39 30.29
N VAL B 174 -13.95 15.16 31.18
CA VAL B 174 -15.24 14.64 30.74
C VAL B 174 -15.93 14.03 31.94
N SER B 175 -16.58 14.89 32.73
CA SER B 175 -16.73 14.62 34.16
C SER B 175 -18.06 14.06 34.65
N SER B 176 -17.98 13.51 35.87
CA SER B 176 -18.98 12.60 36.44
C SER B 176 -20.31 13.26 36.78
N SER B 177 -20.33 14.25 37.68
CA SER B 177 -21.59 14.91 37.97
C SER B 177 -22.24 15.33 36.64
N ASN B 178 -23.55 15.10 36.53
CA ASN B 178 -24.25 15.31 35.28
C ASN B 178 -23.82 14.30 34.22
N ASN B 179 -24.46 13.14 34.19
CA ASN B 179 -24.20 12.24 33.10
C ASN B 179 -24.91 12.83 31.89
N ILE B 180 -24.13 13.17 30.88
CA ILE B 180 -24.64 13.80 29.67
C ILE B 180 -25.47 12.77 28.90
N LEU B 181 -25.02 11.52 28.93
CA LEU B 181 -25.71 10.44 28.23
C LEU B 181 -27.09 10.22 28.76
N ILE B 182 -27.23 10.18 30.08
CA ILE B 182 -28.54 9.98 30.70
C ILE B 182 -29.46 11.14 30.36
N ALA B 183 -28.97 12.37 30.47
CA ALA B 183 -29.78 13.53 30.05
C ALA B 183 -30.33 13.41 28.61
N ILE B 184 -29.51 12.99 27.65
CA ILE B 184 -29.97 12.91 26.27
C ILE B 184 -30.89 11.73 26.05
N VAL B 185 -30.49 10.57 26.54
CA VAL B 185 -31.30 9.38 26.29
C VAL B 185 -32.68 9.55 26.94
N GLN B 186 -32.74 10.18 28.11
CA GLN B 186 -34.05 10.40 28.74
C GLN B 186 -34.96 11.28 27.86
N GLY B 187 -34.42 12.31 27.21
CA GLY B 187 -35.23 13.12 26.32
C GLY B 187 -35.81 12.35 25.15
N ALA B 188 -35.26 11.17 24.87
CA ALA B 188 -35.71 10.33 23.76
C ALA B 188 -36.76 9.32 24.18
N GLN B 189 -36.99 9.23 25.48
CA GLN B 189 -37.93 8.28 26.03
C GLN B 189 -39.34 8.52 25.51
N SER B 190 -40.07 7.43 25.32
CA SER B 190 -41.49 7.49 24.95
C SER B 190 -42.37 8.22 25.98
N THR B 191 -41.92 8.34 27.23
CA THR B 191 -42.61 9.21 28.19
C THR B 191 -42.57 10.72 27.84
N GLU B 192 -41.79 11.13 26.84
CA GLU B 192 -41.83 12.52 26.36
C GLU B 192 -43.00 12.74 25.43
N THR B 193 -43.88 13.64 25.82
CA THR B 193 -45.06 13.99 25.03
C THR B 193 -44.68 14.72 23.76
N SER B 194 -43.59 15.46 23.81
CA SER B 194 -43.28 16.39 22.74
C SER B 194 -42.39 15.76 21.68
N LYS B 195 -42.87 15.68 20.45
CA LYS B 195 -42.09 15.09 19.39
C LYS B 195 -40.83 15.95 19.13
N ALA B 196 -40.96 17.27 19.14
CA ALA B 196 -39.81 18.16 18.92
C ALA B 196 -38.65 17.89 19.88
N VAL B 197 -38.98 17.53 21.12
CA VAL B 197 -37.99 17.21 22.15
C VAL B 197 -37.35 15.86 21.93
N ARG B 198 -38.13 14.87 21.51
CA ARG B 198 -37.57 13.56 21.22
C ARG B 198 -36.65 13.66 20.00
N LEU B 199 -37.07 14.42 18.97
CA LEU B 199 -36.21 14.66 17.83
C LEU B 199 -34.91 15.28 18.31
N ALA B 200 -35.02 16.39 19.05
CA ALA B 200 -33.84 17.09 19.53
C ALA B 200 -32.92 16.13 20.26
N ALA B 201 -33.50 15.20 21.04
CA ALA B 201 -32.73 14.22 21.85
C ALA B 201 -32.00 13.23 20.98
N LEU B 202 -32.72 12.65 20.05
CA LEU B 202 -32.15 11.64 19.20
C LEU B 202 -31.09 12.25 18.31
N ASN B 203 -31.27 13.49 17.90
CA ASN B 203 -30.25 14.17 17.08
C ASN B 203 -29.03 14.57 17.91
N ALA B 204 -29.27 14.97 19.16
CA ALA B 204 -28.18 15.33 20.06
C ALA B 204 -27.33 14.08 20.36
N LEU B 205 -28.04 12.96 20.54
CA LEU B 205 -27.42 11.65 20.78
C LEU B 205 -26.52 11.27 19.63
N ALA B 206 -26.98 11.49 18.41
CA ALA B 206 -26.20 11.19 17.24
C ALA B 206 -24.98 12.12 17.18
N ASP B 207 -25.19 13.38 17.46
CA ASP B 207 -24.08 14.34 17.49
C ASP B 207 -23.04 13.95 18.57
N SER B 208 -23.45 13.23 19.60
CA SER B 208 -22.63 13.00 20.79
C SER B 208 -21.95 11.64 20.88
N LEU B 209 -22.14 10.82 19.86
CA LEU B 209 -21.72 9.42 19.93
C LEU B 209 -20.21 9.25 20.09
N ILE B 210 -19.41 10.14 19.49
CA ILE B 210 -17.94 10.04 19.63
C ILE B 210 -17.56 10.51 21.03
N PHE B 211 -18.19 11.60 21.49
CA PHE B 211 -17.93 12.19 22.82
C PHE B 211 -18.25 11.21 23.95
N ILE B 212 -19.35 10.46 23.85
CA ILE B 212 -19.80 9.53 24.91
C ILE B 212 -19.17 8.11 24.84
N LYS B 213 -18.05 7.98 24.13
CA LYS B 213 -17.32 6.72 23.97
C LYS B 213 -17.09 5.90 25.25
N ASN B 214 -16.57 6.54 26.29
CA ASN B 214 -16.35 5.85 27.55
C ASN B 214 -17.67 5.32 28.12
N ASN B 215 -18.73 6.06 27.92
CA ASN B 215 -20.05 5.66 28.39
C ASN B 215 -20.52 4.46 27.62
N MET B 216 -20.32 4.49 26.30
CA MET B 216 -20.73 3.38 25.44
C MET B 216 -19.98 2.11 25.77
N GLU B 217 -18.77 2.25 26.32
CA GLU B 217 -17.96 1.09 26.69
C GLU B 217 -18.33 0.51 28.07
N ARG B 218 -19.31 1.09 28.76
CA ARG B 218 -19.88 0.49 29.98
C ARG B 218 -21.19 -0.18 29.64
N GLU B 219 -21.24 -1.50 29.74
CA GLU B 219 -22.41 -2.27 29.33
C GLU B 219 -23.75 -1.68 29.83
N GLY B 220 -23.81 -1.34 31.12
CA GLY B 220 -25.03 -0.82 31.71
C GLY B 220 -25.57 0.40 30.97
N GLU B 221 -24.69 1.38 30.76
CA GLU B 221 -25.09 2.61 30.08
C GLU B 221 -25.46 2.30 28.62
N ARG B 222 -24.68 1.42 28.00
CA ARG B 222 -24.90 1.03 26.61
C ARG B 222 -26.20 0.26 26.39
N ASN B 223 -26.49 -0.69 27.24
CA ASN B 223 -27.78 -1.42 27.16
C ASN B 223 -28.99 -0.49 27.27
N TYR B 224 -28.89 0.45 28.19
CA TYR B 224 -29.95 1.40 28.42
C TYR B 224 -30.16 2.23 27.15
N LEU B 225 -29.07 2.79 26.63
CA LEU B 225 -29.17 3.62 25.43
C LEU B 225 -29.78 2.84 24.27
N MET B 226 -29.35 1.61 24.07
CA MET B 226 -29.85 0.80 22.93
C MET B 226 -31.33 0.52 23.07
N GLN B 227 -31.75 0.24 24.29
CA GLN B 227 -33.16 0.00 24.57
C GLN B 227 -34.02 1.22 24.22
N VAL B 228 -33.58 2.43 24.59
CA VAL B 228 -34.36 3.65 24.32
C VAL B 228 -34.35 3.96 22.83
N VAL B 229 -33.19 3.88 22.19
CA VAL B 229 -33.15 4.09 20.75
C VAL B 229 -34.04 3.07 20.04
N CYS B 230 -33.98 1.80 20.42
CA CYS B 230 -34.84 0.81 19.75
C CYS B 230 -36.34 1.08 19.93
N GLU B 231 -36.75 1.50 21.13
CA GLU B 231 -38.14 1.90 21.35
C GLU B 231 -38.52 3.02 20.39
N ALA B 232 -37.61 3.99 20.24
CA ALA B 232 -37.90 5.17 19.47
C ALA B 232 -38.25 4.80 18.02
N THR B 233 -37.62 3.73 17.50
CA THR B 233 -37.85 3.29 16.11
C THR B 233 -39.28 2.87 15.89
N GLN B 234 -39.92 2.46 16.99
CA GLN B 234 -41.30 2.01 16.98
C GLN B 234 -42.25 3.13 17.40
N ALA B 235 -41.81 4.39 17.34
CA ALA B 235 -42.70 5.51 17.67
C ALA B 235 -43.75 5.71 16.60
N GLU B 236 -44.87 6.30 16.98
CA GLU B 236 -45.95 6.69 16.05
C GLU B 236 -45.44 7.65 14.99
N ASP B 237 -44.70 8.65 15.43
CA ASP B 237 -44.23 9.72 14.56
C ASP B 237 -43.05 9.32 13.65
N ILE B 238 -43.25 9.59 12.37
CA ILE B 238 -42.35 9.18 11.29
C ILE B 238 -40.97 9.83 11.40
N GLU B 239 -40.93 11.09 11.83
CA GLU B 239 -39.66 11.80 11.96
C GLU B 239 -38.89 11.33 13.19
N VAL B 240 -39.60 10.83 14.20
CA VAL B 240 -38.93 10.28 15.36
C VAL B 240 -38.33 8.93 14.97
N GLN B 241 -39.12 8.13 14.26
CA GLN B 241 -38.59 6.88 13.69
C GLN B 241 -37.31 7.14 12.88
N ALA B 242 -37.37 8.08 11.95
CA ALA B 242 -36.21 8.37 11.09
C ALA B 242 -35.01 8.62 11.97
N ALA B 243 -35.18 9.46 12.96
CA ALA B 243 -34.04 9.86 13.77
C ALA B 243 -33.54 8.67 14.60
N ALA B 244 -34.43 7.78 14.99
CA ALA B 244 -34.01 6.63 15.77
C ALA B 244 -33.12 5.71 14.90
N PHE B 245 -33.58 5.41 13.69
CA PHE B 245 -32.77 4.64 12.75
C PHE B 245 -31.49 5.36 12.38
N GLY B 246 -31.55 6.68 12.27
CA GLY B 246 -30.35 7.51 12.13
C GLY B 246 -29.32 7.19 13.21
N CYS B 247 -29.76 7.15 14.46
CA CYS B 247 -28.84 6.81 15.54
C CYS B 247 -28.32 5.38 15.44
N LEU B 248 -29.20 4.45 15.11
CA LEU B 248 -28.77 3.07 14.92
C LEU B 248 -27.66 2.97 13.88
N CYS B 249 -27.83 3.62 12.73
CA CYS B 249 -26.78 3.56 11.72
C CYS B 249 -25.47 4.07 12.27
N LYS B 250 -25.49 5.21 12.96
CA LYS B 250 -24.25 5.76 13.45
C LYS B 250 -23.64 4.82 14.47
N ILE B 251 -24.45 4.28 15.36
CA ILE B 251 -23.94 3.43 16.39
C ILE B 251 -23.34 2.19 15.77
N MET B 252 -24.00 1.64 14.78
CA MET B 252 -23.49 0.42 14.14
C MET B 252 -22.13 0.73 13.56
N SER B 253 -21.94 1.90 12.94
CA SER B 253 -20.65 2.13 12.30
C SER B 253 -19.51 2.58 13.23
N LYS B 254 -19.83 3.14 14.40
CA LYS B 254 -18.80 3.52 15.38
C LYS B 254 -18.55 2.42 16.41
N TYR B 255 -19.58 1.67 16.76
CA TYR B 255 -19.48 0.72 17.90
C TYR B 255 -19.87 -0.69 17.48
N TYR B 256 -19.68 -0.99 16.18
CA TYR B 256 -19.89 -2.32 15.61
C TYR B 256 -19.50 -3.43 16.57
N THR B 257 -18.38 -3.22 17.23
CA THR B 257 -17.75 -4.24 18.02
C THR B 257 -18.62 -4.69 19.17
N PHE B 258 -19.55 -3.84 19.60
CA PHE B 258 -20.47 -4.20 20.69
C PHE B 258 -21.85 -4.64 20.21
N MET B 259 -22.07 -4.83 18.91
CA MET B 259 -23.43 -5.02 18.39
C MET B 259 -23.99 -6.45 18.36
N LYS B 260 -23.17 -7.47 18.56
CA LYS B 260 -23.68 -8.81 18.42
C LYS B 260 -24.86 -9.09 19.35
N PRO B 261 -24.73 -8.84 20.66
CA PRO B 261 -25.86 -9.14 21.56
C PRO B 261 -27.18 -8.46 21.15
N TYR B 262 -27.14 -7.22 20.66
CA TYR B 262 -28.38 -6.50 20.34
C TYR B 262 -28.97 -6.98 19.04
N MET B 263 -28.11 -7.31 18.09
CA MET B 263 -28.58 -7.88 16.82
C MET B 263 -29.33 -9.17 17.10
N GLU B 264 -28.76 -10.02 17.94
CA GLU B 264 -29.46 -11.25 18.33
C GLU B 264 -30.72 -11.07 19.21
N GLN B 265 -30.71 -10.14 20.16
CA GLN B 265 -31.84 -10.01 21.10
C GLN B 265 -33.08 -9.45 20.39
N ALA B 266 -32.93 -8.35 19.66
CA ALA B 266 -34.10 -7.61 19.21
C ALA B 266 -33.91 -6.74 17.97
N LEU B 267 -32.75 -6.15 17.82
CA LEU B 267 -32.46 -5.32 16.65
C LEU B 267 -32.69 -6.05 15.32
N TYR B 268 -32.24 -7.30 15.24
CA TYR B 268 -32.36 -8.05 13.99
C TYR B 268 -33.84 -8.16 13.63
N ALA B 269 -34.62 -8.74 14.52
CA ALA B 269 -36.01 -9.02 14.22
C ALA B 269 -36.82 -7.74 13.93
N LEU B 270 -36.43 -6.63 14.52
CA LEU B 270 -37.23 -5.43 14.27
C LEU B 270 -36.88 -4.79 12.93
N THR B 271 -35.60 -4.76 12.59
CA THR B 271 -35.24 -4.23 11.30
C THR B 271 -35.81 -5.08 10.15
N ILE B 272 -35.88 -6.40 10.33
CA ILE B 272 -36.55 -7.23 9.33
C ILE B 272 -38.02 -6.82 9.24
N ALA B 273 -38.73 -6.75 10.36
CA ALA B 273 -40.14 -6.41 10.30
C ALA B 273 -40.38 -5.03 9.66
N THR B 274 -39.60 -4.03 10.07
CA THR B 274 -39.73 -2.66 9.54
C THR B 274 -39.47 -2.53 8.03
N MET B 275 -38.68 -3.45 7.49
CA MET B 275 -38.35 -3.48 6.07
C MET B 275 -39.56 -3.81 5.18
N LYS B 276 -40.54 -4.52 5.72
CA LYS B 276 -41.80 -4.77 5.01
C LYS B 276 -42.81 -3.64 5.16
N SER B 277 -42.45 -2.54 5.81
CA SER B 277 -43.43 -1.49 6.07
C SER B 277 -44.08 -0.99 4.79
N PRO B 278 -45.42 -0.81 4.80
CA PRO B 278 -46.09 -0.19 3.65
C PRO B 278 -45.74 1.30 3.51
N ASN B 279 -45.16 1.90 4.53
CA ASN B 279 -44.61 3.24 4.42
C ASN B 279 -43.22 3.21 3.79
N ASP B 280 -43.06 3.94 2.68
CA ASP B 280 -41.79 3.98 1.94
C ASP B 280 -40.63 4.53 2.78
N LYS B 281 -40.89 5.61 3.51
CA LYS B 281 -39.82 6.29 4.25
C LYS B 281 -39.33 5.40 5.37
N VAL B 282 -40.22 4.57 5.91
CA VAL B 282 -39.87 3.70 7.04
C VAL B 282 -39.01 2.55 6.55
N ALA B 283 -39.35 1.98 5.39
CA ALA B 283 -38.53 0.93 4.76
C ALA B 283 -37.15 1.46 4.39
N SER B 284 -37.06 2.66 3.82
CA SER B 284 -35.75 3.25 3.47
C SER B 284 -34.85 3.30 4.66
N MET B 285 -35.40 3.66 5.81
CA MET B 285 -34.59 3.85 7.01
C MET B 285 -33.93 2.57 7.34
N THR B 286 -34.69 1.49 7.25
CA THR B 286 -34.17 0.19 7.62
C THR B 286 -33.22 -0.36 6.54
N VAL B 287 -33.48 -0.02 5.30
CA VAL B 287 -32.54 -0.35 4.22
C VAL B 287 -31.20 0.31 4.47
N GLU B 288 -31.25 1.57 4.88
CA GLU B 288 -30.06 2.34 5.19
C GLU B 288 -29.20 1.61 6.19
N PHE B 289 -29.86 1.11 7.24
CA PHE B 289 -29.17 0.44 8.34
C PHE B 289 -28.45 -0.81 7.80
N TRP B 290 -29.14 -1.58 6.97
CA TRP B 290 -28.50 -2.74 6.39
C TRP B 290 -27.41 -2.37 5.39
N SER B 291 -27.49 -1.23 4.73
CA SER B 291 -26.35 -0.80 3.89
C SER B 291 -25.13 -0.50 4.73
N THR B 292 -25.33 0.19 5.85
CA THR B 292 -24.27 0.53 6.77
C THR B 292 -23.63 -0.73 7.24
N ILE B 293 -24.44 -1.73 7.59
CA ILE B 293 -23.89 -3.00 8.08
C ILE B 293 -22.99 -3.63 7.00
N CYS B 294 -23.50 -3.68 5.78
CA CYS B 294 -22.78 -4.27 4.66
C CYS B 294 -21.51 -3.53 4.40
N GLU B 295 -21.60 -2.21 4.39
CA GLU B 295 -20.47 -1.36 4.12
C GLU B 295 -19.34 -1.54 5.12
N GLU B 296 -19.71 -1.58 6.41
CA GLU B 296 -18.79 -1.89 7.50
C GLU B 296 -18.10 -3.22 7.29
N GLU B 297 -18.89 -4.24 7.02
CA GLU B 297 -18.31 -5.59 6.97
C GLU B 297 -17.39 -5.73 5.75
N ILE B 298 -17.72 -5.05 4.67
CA ILE B 298 -16.83 -4.98 3.51
C ILE B 298 -15.51 -4.34 3.97
N ASP B 299 -15.61 -3.23 4.70
CA ASP B 299 -14.43 -2.47 5.17
C ASP B 299 -13.62 -3.26 6.15
N ILE B 300 -14.30 -3.97 7.06
CA ILE B 300 -13.61 -4.84 8.01
C ILE B 300 -12.83 -5.93 7.24
N ALA B 301 -13.43 -6.51 6.19
CA ALA B 301 -12.77 -7.59 5.45
C ALA B 301 -11.50 -7.08 4.79
N TYR B 302 -11.52 -5.84 4.31
CA TYR B 302 -10.33 -5.22 3.70
C TYR B 302 -9.23 -4.99 4.73
N GLU B 303 -9.61 -4.45 5.88
CA GLU B 303 -8.71 -4.27 7.00
C GLU B 303 -8.11 -5.58 7.49
N LEU B 304 -8.95 -6.61 7.65
CA LEU B 304 -8.47 -7.92 8.12
C LEU B 304 -7.52 -8.60 7.14
N ALA B 305 -7.65 -8.30 5.85
CA ALA B 305 -6.75 -8.88 4.85
C ALA B 305 -5.37 -8.24 5.01
N GLN B 306 -5.37 -6.95 5.29
CA GLN B 306 -4.13 -6.21 5.45
C GLN B 306 -3.51 -6.42 6.83
N PHE B 307 -4.35 -6.76 7.82
CA PHE B 307 -3.90 -7.07 9.18
C PHE B 307 -4.56 -8.35 9.67
N PRO B 308 -4.01 -9.51 9.29
CA PRO B 308 -4.68 -10.76 9.63
C PRO B 308 -4.66 -11.09 11.12
N GLN B 309 -3.71 -10.53 11.87
CA GLN B 309 -3.66 -10.78 13.32
C GLN B 309 -4.51 -9.79 14.11
N SER B 310 -5.25 -8.92 13.42
CA SER B 310 -6.09 -7.96 14.09
C SER B 310 -7.03 -8.63 15.09
N PRO B 311 -7.16 -8.06 16.30
CA PRO B 311 -8.16 -8.53 17.27
C PRO B 311 -9.61 -8.27 16.85
N LEU B 312 -9.78 -7.46 15.81
CA LEU B 312 -11.09 -7.15 15.25
C LEU B 312 -11.67 -8.35 14.54
N GLN B 313 -12.96 -8.52 14.75
CA GLN B 313 -13.67 -9.66 14.21
C GLN B 313 -14.93 -9.22 13.49
N SER B 314 -15.16 -9.74 12.28
CA SER B 314 -16.46 -9.59 11.66
C SER B 314 -17.45 -10.52 12.35
N TYR B 315 -18.67 -10.04 12.52
CA TYR B 315 -19.74 -10.88 13.01
C TYR B 315 -20.58 -11.37 11.85
N ASN B 316 -20.19 -11.03 10.64
CA ASN B 316 -20.92 -11.44 9.44
C ASN B 316 -22.44 -11.29 9.50
N PHE B 317 -22.92 -10.13 9.91
CA PHE B 317 -24.36 -9.92 10.02
C PHE B 317 -25.05 -10.06 8.68
N ALA B 318 -24.48 -9.44 7.65
CA ALA B 318 -25.13 -9.42 6.33
C ALA B 318 -25.27 -10.84 5.78
N LEU B 319 -24.15 -11.55 5.78
CA LEU B 319 -24.10 -12.96 5.42
C LEU B 319 -25.17 -13.82 6.11
N SER B 320 -25.32 -13.68 7.43
CA SER B 320 -26.33 -14.44 8.19
C SER B 320 -27.74 -14.07 7.86
N SER B 321 -27.93 -12.85 7.38
CA SER B 321 -29.30 -12.32 7.17
C SER B 321 -29.95 -12.63 5.86
N ILE B 322 -29.19 -13.18 4.91
CA ILE B 322 -29.68 -13.35 3.51
C ILE B 322 -31.07 -13.96 3.47
N LYS B 323 -31.31 -15.09 4.13
CA LYS B 323 -32.64 -15.70 4.19
C LYS B 323 -33.73 -14.66 4.26
N ASP B 324 -33.53 -13.69 5.15
CA ASP B 324 -34.57 -12.75 5.56
C ASP B 324 -34.51 -11.41 4.85
N VAL B 325 -33.32 -10.83 4.77
CA VAL B 325 -33.15 -9.48 4.24
C VAL B 325 -33.32 -9.46 2.71
N VAL B 326 -32.69 -10.40 2.01
CA VAL B 326 -32.67 -10.32 0.57
C VAL B 326 -34.07 -10.40 -0.04
N PRO B 327 -34.89 -11.38 0.34
CA PRO B 327 -36.27 -11.36 -0.21
C PRO B 327 -37.03 -10.07 0.06
N ASN B 328 -36.82 -9.46 1.22
CA ASN B 328 -37.51 -8.20 1.55
C ASN B 328 -37.01 -7.06 0.70
N LEU B 329 -35.70 -7.03 0.43
CA LEU B 329 -35.12 -6.03 -0.47
C LEU B 329 -35.71 -6.19 -1.86
N LEU B 330 -35.72 -7.42 -2.36
CA LEU B 330 -36.26 -7.69 -3.67
C LEU B 330 -37.71 -7.18 -3.75
N ASN B 331 -38.52 -7.45 -2.74
CA ASN B 331 -39.93 -6.98 -2.77
C ASN B 331 -40.03 -5.43 -2.88
N LEU B 332 -39.11 -4.73 -2.23
CA LEU B 332 -39.03 -3.30 -2.28
C LEU B 332 -38.72 -2.79 -3.69
N LEU B 333 -38.16 -3.63 -4.56
CA LEU B 333 -37.84 -3.18 -5.92
C LEU B 333 -39.12 -2.84 -6.67
N THR B 334 -40.26 -3.41 -6.25
CA THR B 334 -41.51 -3.13 -6.96
C THR B 334 -42.25 -1.89 -6.44
N ARG B 335 -41.55 -0.99 -5.77
CA ARG B 335 -42.13 0.28 -5.39
C ARG B 335 -41.54 1.42 -6.21
N GLN B 336 -41.40 1.19 -7.52
CA GLN B 336 -40.79 2.19 -8.39
C GLN B 336 -41.76 3.36 -8.52
N ASN B 337 -41.24 4.53 -8.90
CA ASN B 337 -42.12 5.66 -9.19
C ASN B 337 -42.74 5.51 -10.58
N GLU B 338 -44.07 5.61 -10.63
CA GLU B 338 -44.85 5.63 -11.89
C GLU B 338 -44.36 6.67 -12.91
N ASP B 339 -44.12 7.89 -12.42
CA ASP B 339 -43.88 9.06 -13.25
C ASP B 339 -42.45 9.06 -13.83
N PRO B 340 -42.32 8.90 -15.16
CA PRO B 340 -41.01 8.89 -15.82
C PRO B 340 -40.22 10.20 -15.69
N GLU B 341 -40.89 11.28 -15.33
CA GLU B 341 -40.22 12.56 -15.20
C GLU B 341 -39.74 12.85 -13.78
N ASP B 342 -40.04 11.96 -12.85
CA ASP B 342 -39.57 12.08 -11.49
C ASP B 342 -38.20 11.41 -11.39
N ASP B 343 -37.18 12.18 -11.02
CA ASP B 343 -35.81 11.68 -10.81
C ASP B 343 -35.33 11.75 -9.36
N ASP B 344 -36.25 11.55 -8.41
CA ASP B 344 -35.89 11.53 -6.99
C ASP B 344 -35.50 10.15 -6.58
N TRP B 345 -34.67 10.07 -5.56
CA TRP B 345 -34.33 8.81 -4.93
C TRP B 345 -35.59 8.31 -4.19
N ASN B 346 -35.85 7.01 -4.25
CA ASN B 346 -36.93 6.40 -3.49
C ASN B 346 -36.49 5.05 -2.94
N VAL B 347 -37.33 4.44 -2.13
CA VAL B 347 -37.04 3.18 -1.46
C VAL B 347 -36.60 2.06 -2.43
N SER B 348 -37.15 2.00 -3.64
CA SER B 348 -36.75 0.96 -4.61
C SER B 348 -35.29 1.14 -5.04
N MET B 349 -34.84 2.38 -5.18
CA MET B 349 -33.45 2.63 -5.48
C MET B 349 -32.56 2.32 -4.27
N SER B 350 -33.03 2.61 -3.06
CA SER B 350 -32.25 2.23 -1.88
C SER B 350 -32.13 0.71 -1.84
N ALA B 351 -33.21 0.03 -2.19
CA ALA B 351 -33.21 -1.43 -2.19
C ALA B 351 -32.21 -1.96 -3.23
N GLY B 352 -32.17 -1.37 -4.41
CA GLY B 352 -31.19 -1.82 -5.44
C GLY B 352 -29.76 -1.61 -4.99
N ALA B 353 -29.47 -0.41 -4.48
CA ALA B 353 -28.13 -0.09 -3.97
C ALA B 353 -27.69 -1.08 -2.89
N CYS B 354 -28.60 -1.46 -2.03
CA CYS B 354 -28.27 -2.34 -0.90
C CYS B 354 -28.09 -3.78 -1.39
N LEU B 355 -28.92 -4.17 -2.33
CA LEU B 355 -28.78 -5.45 -2.96
C LEU B 355 -27.38 -5.57 -3.61
N GLN B 356 -26.87 -4.49 -4.19
CA GLN B 356 -25.53 -4.54 -4.80
C GLN B 356 -24.45 -4.66 -3.74
N LEU B 357 -24.58 -3.96 -2.63
CA LEU B 357 -23.64 -4.13 -1.53
C LEU B 357 -23.65 -5.55 -1.02
N PHE B 358 -24.85 -6.14 -0.91
CA PHE B 358 -24.97 -7.54 -0.46
C PHE B 358 -24.22 -8.46 -1.43
N ALA B 359 -24.36 -8.19 -2.73
CA ALA B 359 -23.69 -9.01 -3.72
C ALA B 359 -22.18 -8.90 -3.59
N GLN B 360 -21.69 -7.69 -3.35
CA GLN B 360 -20.25 -7.50 -3.15
C GLN B 360 -19.78 -8.19 -1.88
N ASN B 361 -20.55 -8.03 -0.80
CA ASN B 361 -20.15 -8.60 0.48
C ASN B 361 -20.19 -10.12 0.49
N CYS B 362 -21.25 -10.67 -0.07
CA CYS B 362 -21.58 -12.07 0.13
C CYS B 362 -21.36 -12.91 -1.11
N GLY B 363 -21.06 -12.27 -2.24
CA GLY B 363 -20.79 -12.98 -3.47
C GLY B 363 -21.83 -14.01 -3.83
N ASN B 364 -21.36 -15.24 -4.07
CA ASN B 364 -22.17 -16.34 -4.55
C ASN B 364 -23.35 -16.68 -3.65
N HIS B 365 -23.24 -16.32 -2.36
CA HIS B 365 -24.31 -16.62 -1.42
C HIS B 365 -25.59 -15.83 -1.74
N ILE B 366 -25.44 -14.74 -2.48
CA ILE B 366 -26.57 -13.91 -2.92
C ILE B 366 -27.37 -14.52 -4.08
N LEU B 367 -26.76 -15.43 -4.84
CA LEU B 367 -27.36 -15.90 -6.11
C LEU B 367 -28.71 -16.60 -5.98
N GLU B 368 -28.83 -17.55 -5.07
CA GLU B 368 -30.03 -18.35 -5.01
C GLU B 368 -31.27 -17.46 -4.79
N PRO B 369 -31.32 -16.69 -3.70
CA PRO B 369 -32.55 -15.93 -3.53
C PRO B 369 -32.82 -14.89 -4.62
N VAL B 370 -31.79 -14.21 -5.11
CA VAL B 370 -32.02 -13.25 -6.18
C VAL B 370 -32.56 -13.95 -7.44
N LEU B 371 -31.92 -15.02 -7.88
CA LEU B 371 -32.32 -15.70 -9.13
C LEU B 371 -33.67 -16.43 -9.02
N GLU B 372 -34.08 -16.79 -7.81
CA GLU B 372 -35.41 -17.38 -7.63
C GLU B 372 -36.37 -16.30 -7.98
N PHE B 373 -36.05 -15.10 -7.52
CA PHE B 373 -36.91 -13.98 -7.71
C PHE B 373 -36.96 -13.59 -9.19
N VAL B 374 -35.80 -13.54 -9.84
CA VAL B 374 -35.77 -13.16 -11.25
C VAL B 374 -36.57 -14.17 -12.07
N GLU B 375 -36.33 -15.44 -11.83
CA GLU B 375 -37.07 -16.49 -12.53
C GLU B 375 -38.59 -16.39 -12.31
N GLN B 376 -39.00 -15.98 -11.13
CA GLN B 376 -40.41 -15.88 -10.81
C GLN B 376 -41.07 -14.66 -11.44
N ASN B 377 -40.31 -13.61 -11.73
CA ASN B 377 -40.87 -12.29 -12.06
C ASN B 377 -40.57 -11.75 -13.44
N ILE B 378 -39.58 -12.31 -14.11
CA ILE B 378 -39.21 -11.83 -15.42
C ILE B 378 -40.34 -11.97 -16.46
N THR B 379 -41.25 -12.92 -16.29
CA THR B 379 -42.42 -13.02 -17.16
C THR B 379 -43.76 -12.78 -16.45
N ALA B 380 -43.72 -12.10 -15.32
CA ALA B 380 -44.95 -11.74 -14.62
C ALA B 380 -45.78 -10.78 -15.49
N ASP B 381 -47.07 -10.72 -15.19
CA ASP B 381 -48.01 -9.91 -15.96
C ASP B 381 -47.89 -8.42 -15.63
N ASN B 382 -47.49 -8.11 -14.41
CA ASN B 382 -47.35 -6.74 -13.94
C ASN B 382 -45.96 -6.20 -14.31
N TRP B 383 -45.89 -5.08 -15.02
CA TRP B 383 -44.61 -4.45 -15.35
C TRP B 383 -43.71 -4.23 -14.12
N ARG B 384 -44.29 -3.88 -12.98
CA ARG B 384 -43.51 -3.69 -11.75
C ARG B 384 -42.70 -4.91 -11.38
N ASN B 385 -43.26 -6.09 -11.58
CA ASN B 385 -42.52 -7.30 -11.30
C ASN B 385 -41.48 -7.60 -12.39
N ARG B 386 -41.78 -7.26 -13.64
CA ARG B 386 -40.82 -7.47 -14.72
C ARG B 386 -39.63 -6.52 -14.57
N GLU B 387 -39.91 -5.26 -14.28
CA GLU B 387 -38.81 -4.31 -14.06
C GLU B 387 -37.96 -4.68 -12.82
N ALA B 388 -38.60 -5.11 -11.74
CA ALA B 388 -37.82 -5.52 -10.56
C ALA B 388 -36.93 -6.70 -10.96
N ALA B 389 -37.45 -7.60 -11.81
CA ALA B 389 -36.69 -8.76 -12.21
C ALA B 389 -35.32 -8.35 -12.78
N VAL B 390 -35.34 -7.48 -13.81
CA VAL B 390 -34.10 -7.12 -14.49
C VAL B 390 -33.22 -6.27 -13.61
N MET B 391 -33.82 -5.39 -12.81
CA MET B 391 -33.02 -4.62 -11.85
C MET B 391 -32.28 -5.53 -10.89
N ALA B 392 -32.96 -6.57 -10.40
CA ALA B 392 -32.32 -7.52 -9.48
C ALA B 392 -31.17 -8.21 -10.18
N PHE B 393 -31.38 -8.61 -11.43
CA PHE B 393 -30.34 -9.34 -12.19
C PHE B 393 -29.13 -8.48 -12.43
N GLY B 394 -29.35 -7.23 -12.80
CA GLY B 394 -28.25 -6.29 -13.08
C GLY B 394 -27.49 -5.95 -11.82
N SER B 395 -28.19 -6.04 -10.70
CA SER B 395 -27.65 -5.69 -9.39
C SER B 395 -26.70 -6.74 -8.84
N ILE B 396 -26.69 -7.93 -9.41
CA ILE B 396 -25.76 -8.95 -8.94
C ILE B 396 -24.68 -9.25 -9.99
N MET B 397 -24.50 -8.37 -10.97
CA MET B 397 -23.46 -8.55 -11.98
C MET B 397 -22.07 -8.15 -11.45
N ASP B 398 -22.00 -7.82 -10.17
CA ASP B 398 -20.71 -7.54 -9.49
C ASP B 398 -20.74 -8.14 -8.09
N GLY B 399 -19.80 -9.02 -7.79
CA GLY B 399 -19.72 -9.64 -6.47
C GLY B 399 -19.50 -11.14 -6.55
N PRO B 400 -20.47 -11.87 -7.16
CA PRO B 400 -20.30 -13.31 -7.41
C PRO B 400 -19.19 -13.58 -8.44
N ASP B 401 -18.61 -14.77 -8.41
CA ASP B 401 -17.44 -15.05 -9.27
C ASP B 401 -17.80 -15.12 -10.76
N LYS B 402 -16.80 -15.20 -11.60
CA LYS B 402 -17.02 -15.08 -13.02
C LYS B 402 -17.75 -16.28 -13.61
N VAL B 403 -17.49 -17.47 -13.04
CA VAL B 403 -18.15 -18.71 -13.50
C VAL B 403 -19.66 -18.64 -13.31
N GLN B 404 -20.12 -18.25 -12.11
CA GLN B 404 -21.55 -18.19 -11.84
C GLN B 404 -22.23 -17.09 -12.66
N ARG B 405 -21.63 -15.92 -12.72
CA ARG B 405 -22.22 -14.80 -13.49
C ARG B 405 -22.34 -15.19 -14.97
N THR B 406 -21.29 -15.76 -15.53
CA THR B 406 -21.25 -16.14 -16.95
C THR B 406 -22.38 -17.12 -17.19
N TYR B 407 -22.57 -18.06 -16.26
CA TYR B 407 -23.54 -19.13 -16.45
C TYR B 407 -24.95 -18.58 -16.46
N TYR B 408 -25.27 -17.74 -15.48
CA TYR B 408 -26.61 -17.22 -15.35
C TYR B 408 -26.95 -16.17 -16.41
N VAL B 409 -25.94 -15.42 -16.87
CA VAL B 409 -26.15 -14.56 -18.01
C VAL B 409 -26.58 -15.39 -19.21
N HIS B 410 -25.89 -16.49 -19.48
CA HIS B 410 -26.26 -17.36 -20.59
C HIS B 410 -27.73 -17.83 -20.51
N GLN B 411 -28.22 -18.08 -19.31
CA GLN B 411 -29.61 -18.49 -19.12
C GLN B 411 -30.60 -17.35 -19.26
N ALA B 412 -30.25 -16.19 -18.70
CA ALA B 412 -31.20 -15.08 -18.60
C ALA B 412 -31.27 -14.24 -19.86
N LEU B 413 -30.17 -14.18 -20.60
CA LEU B 413 -30.01 -13.14 -21.60
C LEU B 413 -31.14 -13.17 -22.63
N PRO B 414 -31.49 -14.32 -23.19
CA PRO B 414 -32.62 -14.26 -24.13
C PRO B 414 -33.89 -13.58 -23.56
N SER B 415 -34.27 -13.90 -22.33
CA SER B 415 -35.46 -13.27 -21.74
C SER B 415 -35.23 -11.80 -21.45
N ILE B 416 -34.01 -11.42 -21.08
CA ILE B 416 -33.70 -10.03 -20.85
C ILE B 416 -33.82 -9.26 -22.18
N LEU B 417 -33.29 -9.81 -23.26
CA LEU B 417 -33.30 -9.13 -24.55
C LEU B 417 -34.73 -8.95 -25.04
N ASN B 418 -35.59 -9.91 -24.73
CA ASN B 418 -36.96 -9.88 -25.19
C ASN B 418 -37.73 -8.75 -24.51
N LEU B 419 -37.29 -8.38 -23.32
CA LEU B 419 -37.93 -7.27 -22.59
C LEU B 419 -37.70 -5.91 -23.24
N MET B 420 -36.75 -5.79 -24.18
CA MET B 420 -36.61 -4.52 -24.92
C MET B 420 -37.85 -4.23 -25.77
N ASN B 421 -38.70 -5.24 -25.97
CA ASN B 421 -39.99 -5.05 -26.66
C ASN B 421 -41.16 -4.76 -25.74
N ASP B 422 -40.89 -4.52 -24.45
CA ASP B 422 -41.95 -4.38 -23.47
C ASP B 422 -42.84 -3.16 -23.74
N GLN B 423 -44.10 -3.25 -23.32
CA GLN B 423 -45.00 -2.11 -23.36
C GLN B 423 -44.49 -1.03 -22.43
N SER B 424 -43.96 -1.46 -21.29
CA SER B 424 -43.57 -0.55 -20.20
C SER B 424 -42.23 0.19 -20.43
N LEU B 425 -42.30 1.52 -20.48
CA LEU B 425 -41.11 2.35 -20.56
C LEU B 425 -40.06 1.96 -19.51
N GLN B 426 -40.48 1.77 -18.26
CA GLN B 426 -39.53 1.57 -17.18
C GLN B 426 -38.90 0.21 -17.27
N VAL B 427 -39.64 -0.77 -17.80
CA VAL B 427 -39.01 -2.07 -18.06
C VAL B 427 -37.90 -1.96 -19.15
N LYS B 428 -38.16 -1.21 -20.22
CA LYS B 428 -37.19 -1.05 -21.29
C LYS B 428 -35.97 -0.27 -20.79
N GLU B 429 -36.21 0.80 -20.07
CA GLU B 429 -35.13 1.59 -19.50
C GLU B 429 -34.22 0.74 -18.59
N THR B 430 -34.79 -0.04 -17.69
CA THR B 430 -33.96 -0.91 -16.83
C THR B 430 -33.30 -2.07 -17.58
N THR B 431 -33.93 -2.51 -18.65
CA THR B 431 -33.36 -3.60 -19.45
C THR B 431 -32.11 -3.13 -20.18
N ALA B 432 -32.18 -1.96 -20.80
CA ALA B 432 -31.02 -1.40 -21.47
C ALA B 432 -29.91 -1.21 -20.43
N TRP B 433 -30.28 -0.76 -19.23
CA TRP B 433 -29.31 -0.60 -18.16
C TRP B 433 -28.70 -1.94 -17.77
N CYS B 434 -29.55 -2.96 -17.62
CA CYS B 434 -29.08 -4.29 -17.24
C CYS B 434 -28.08 -4.85 -18.25
N ILE B 435 -28.41 -4.70 -19.54
CA ILE B 435 -27.55 -5.18 -20.61
C ILE B 435 -26.20 -4.49 -20.51
N GLY B 436 -26.25 -3.18 -20.26
CA GLY B 436 -25.04 -2.42 -19.95
C GLY B 436 -24.18 -3.01 -18.84
N ARG B 437 -24.83 -3.46 -17.76
CA ARG B 437 -24.11 -4.00 -16.59
C ARG B 437 -23.45 -5.30 -16.95
N ILE B 438 -24.14 -6.10 -17.76
CA ILE B 438 -23.59 -7.37 -18.26
C ILE B 438 -22.37 -7.07 -19.14
N ALA B 439 -22.50 -6.08 -20.02
CA ALA B 439 -21.36 -5.69 -20.86
C ALA B 439 -20.19 -5.20 -20.02
N ASP B 440 -20.46 -4.42 -18.97
CA ASP B 440 -19.40 -3.81 -18.20
C ASP B 440 -18.58 -4.80 -17.37
N SER B 441 -19.24 -5.76 -16.73
CA SER B 441 -18.59 -6.64 -15.76
C SER B 441 -18.29 -8.04 -16.29
N VAL B 442 -18.99 -8.48 -17.33
CA VAL B 442 -18.87 -9.85 -17.79
C VAL B 442 -19.02 -9.96 -19.29
N ALA B 443 -18.31 -9.12 -20.03
CA ALA B 443 -18.49 -9.04 -21.48
C ALA B 443 -18.23 -10.36 -22.22
N GLU B 444 -17.32 -11.19 -21.71
CA GLU B 444 -17.08 -12.51 -22.32
C GLU B 444 -18.25 -13.47 -22.16
N SER B 445 -19.22 -13.11 -21.33
CA SER B 445 -20.40 -13.92 -21.16
C SER B 445 -21.33 -13.76 -22.36
N ILE B 446 -21.07 -12.73 -23.22
CA ILE B 446 -21.92 -12.45 -24.37
C ILE B 446 -21.41 -13.20 -25.57
N ASP B 447 -21.86 -14.44 -25.74
CA ASP B 447 -21.36 -15.28 -26.82
C ASP B 447 -21.45 -14.52 -28.14
N PRO B 448 -20.31 -14.35 -28.85
CA PRO B 448 -20.23 -13.72 -30.16
C PRO B 448 -21.25 -14.21 -31.19
N GLN B 449 -21.57 -15.50 -31.16
CA GLN B 449 -22.47 -16.10 -32.16
C GLN B 449 -23.93 -16.05 -31.72
N GLN B 450 -24.19 -16.51 -30.50
CA GLN B 450 -25.55 -16.68 -29.98
C GLN B 450 -26.18 -15.39 -29.46
N HIS B 451 -25.40 -14.51 -28.84
CA HIS B 451 -25.94 -13.40 -28.05
C HIS B 451 -25.62 -11.98 -28.54
N LEU B 452 -24.43 -11.76 -29.08
CA LEU B 452 -24.05 -10.42 -29.50
C LEU B 452 -24.98 -9.79 -30.56
N PRO B 453 -25.42 -10.56 -31.56
CA PRO B 453 -26.40 -10.00 -32.51
C PRO B 453 -27.68 -9.51 -31.85
N GLY B 454 -28.16 -10.28 -30.87
CA GLY B 454 -29.32 -9.89 -30.08
C GLY B 454 -29.08 -8.67 -29.23
N VAL B 455 -27.89 -8.57 -28.66
CA VAL B 455 -27.56 -7.40 -27.85
C VAL B 455 -27.52 -6.16 -28.71
N VAL B 456 -26.85 -6.25 -29.86
CA VAL B 456 -26.76 -5.12 -30.78
C VAL B 456 -28.16 -4.72 -31.21
N GLN B 457 -28.99 -5.68 -31.62
CA GLN B 457 -30.39 -5.37 -32.01
C GLN B 457 -31.16 -4.71 -30.89
N ALA B 458 -31.02 -5.23 -29.68
CA ALA B 458 -31.69 -4.62 -28.54
C ALA B 458 -31.32 -3.15 -28.42
N CYS B 459 -30.02 -2.86 -28.49
CA CYS B 459 -29.53 -1.48 -28.40
C CYS B 459 -30.08 -0.64 -29.53
N LEU B 460 -30.10 -1.18 -30.77
CA LEU B 460 -30.62 -0.42 -31.90
C LEU B 460 -32.10 -0.06 -31.74
N ILE B 461 -32.92 -1.01 -31.26
CA ILE B 461 -34.33 -0.73 -30.95
C ILE B 461 -34.40 0.36 -29.90
N GLY B 462 -33.58 0.22 -28.87
CA GLY B 462 -33.56 1.15 -27.76
C GLY B 462 -33.29 2.58 -28.18
N LEU B 463 -32.30 2.78 -29.03
CA LEU B 463 -31.98 4.14 -29.53
C LEU B 463 -33.18 4.85 -30.17
N GLN B 464 -34.14 4.09 -30.70
CA GLN B 464 -35.31 4.69 -31.36
C GLN B 464 -36.50 4.83 -30.43
N ASP B 465 -36.34 4.43 -29.16
CA ASP B 465 -37.45 4.36 -28.22
C ASP B 465 -37.54 5.70 -27.46
N HIS B 466 -38.21 5.71 -26.31
CA HIS B 466 -38.21 6.86 -25.43
C HIS B 466 -36.76 7.31 -25.17
N PRO B 467 -36.52 8.63 -25.15
CA PRO B 467 -35.20 9.18 -24.90
C PRO B 467 -34.48 8.62 -23.66
N LYS B 468 -35.20 8.38 -22.57
CA LYS B 468 -34.61 7.75 -21.37
C LYS B 468 -34.09 6.36 -21.68
N VAL B 469 -34.77 5.61 -22.52
CA VAL B 469 -34.27 4.31 -22.92
C VAL B 469 -33.06 4.52 -23.82
N ALA B 470 -33.13 5.52 -24.69
CA ALA B 470 -32.09 5.73 -25.70
C ALA B 470 -30.80 6.03 -25.01
N THR B 471 -30.87 6.89 -24.00
CA THR B 471 -29.69 7.30 -23.24
C THR B 471 -29.00 6.10 -22.66
N ASN B 472 -29.76 5.21 -22.03
CA ASN B 472 -29.15 4.00 -21.47
C ASN B 472 -28.55 3.09 -22.53
N CYS B 473 -29.15 3.08 -23.72
CA CYS B 473 -28.57 2.31 -24.83
C CYS B 473 -27.23 2.88 -25.29
N SER B 474 -27.13 4.19 -25.41
CA SER B 474 -25.86 4.78 -25.75
C SER B 474 -24.83 4.34 -24.73
N TRP B 475 -25.20 4.36 -23.44
CA TRP B 475 -24.23 3.99 -22.39
C TRP B 475 -23.81 2.52 -22.47
N THR B 476 -24.76 1.66 -22.80
CA THR B 476 -24.54 0.23 -22.94
C THR B 476 -23.65 -0.07 -24.15
N ILE B 477 -23.84 0.67 -25.23
CA ILE B 477 -22.98 0.51 -26.40
C ILE B 477 -21.53 0.85 -26.03
N ILE B 478 -21.33 1.96 -25.31
CA ILE B 478 -19.98 2.34 -24.89
C ILE B 478 -19.32 1.19 -24.12
N ASN B 479 -20.07 0.55 -23.21
CA ASN B 479 -19.51 -0.56 -22.44
C ASN B 479 -19.16 -1.72 -23.34
N LEU B 480 -20.09 -2.08 -24.24
CA LEU B 480 -19.88 -3.17 -25.19
C LEU B 480 -18.59 -2.98 -25.94
N VAL B 481 -18.41 -1.78 -26.51
CA VAL B 481 -17.25 -1.52 -27.36
C VAL B 481 -15.95 -1.46 -26.57
N GLU B 482 -15.96 -0.83 -25.40
CA GLU B 482 -14.75 -0.71 -24.57
C GLU B 482 -14.27 -2.05 -24.11
N GLN B 483 -15.20 -2.97 -23.90
CA GLN B 483 -14.83 -4.31 -23.40
C GLN B 483 -14.52 -5.29 -24.53
N LEU B 484 -15.21 -5.18 -25.65
CA LEU B 484 -15.08 -6.16 -26.76
C LEU B 484 -14.10 -5.76 -27.86
N ALA B 485 -13.72 -4.49 -27.95
CA ALA B 485 -12.72 -4.05 -28.92
C ALA B 485 -11.34 -4.64 -28.63
N GLU B 486 -11.07 -5.00 -27.37
CA GLU B 486 -9.77 -5.56 -26.97
C GLU B 486 -9.65 -7.10 -27.11
N ALA B 487 -10.77 -7.81 -27.31
CA ALA B 487 -10.71 -9.25 -27.63
C ALA B 487 -9.89 -9.44 -28.92
N THR B 488 -9.14 -10.54 -29.03
CA THR B 488 -8.16 -10.65 -30.14
C THR B 488 -8.80 -11.08 -31.48
N PRO B 489 -9.53 -12.22 -31.50
CA PRO B 489 -10.54 -12.22 -32.57
C PRO B 489 -11.67 -11.33 -32.05
N SER B 490 -11.78 -10.10 -32.57
CA SER B 490 -12.73 -9.12 -32.01
C SER B 490 -14.09 -9.01 -32.75
N PRO B 491 -15.19 -9.46 -32.12
CA PRO B 491 -16.44 -9.70 -32.87
C PRO B 491 -17.29 -8.44 -33.07
N ILE B 492 -16.95 -7.34 -32.38
CA ILE B 492 -17.78 -6.14 -32.33
C ILE B 492 -17.72 -5.33 -33.62
N TYR B 493 -16.58 -5.40 -34.31
CA TYR B 493 -16.36 -4.64 -35.54
C TYR B 493 -17.28 -5.06 -36.68
N ASN B 494 -17.81 -6.27 -36.59
CA ASN B 494 -18.89 -6.72 -37.47
C ASN B 494 -20.13 -5.87 -37.40
N PHE B 495 -20.31 -5.18 -36.29
CA PHE B 495 -21.52 -4.44 -36.03
C PHE B 495 -21.30 -2.92 -36.02
N TYR B 496 -20.07 -2.47 -36.21
CA TYR B 496 -19.80 -1.04 -36.22
C TYR B 496 -20.72 -0.27 -37.16
N PRO B 497 -20.83 -0.72 -38.42
CA PRO B 497 -21.69 0.08 -39.29
C PRO B 497 -23.13 0.19 -38.77
N ALA B 498 -23.71 -0.89 -38.25
CA ALA B 498 -25.09 -0.82 -37.75
C ALA B 498 -25.14 0.12 -36.55
N LEU B 499 -24.17 -0.03 -35.64
CA LEU B 499 -24.16 0.77 -34.43
C LEU B 499 -23.90 2.23 -34.77
N VAL B 500 -22.92 2.52 -35.61
CA VAL B 500 -22.66 3.92 -35.94
C VAL B 500 -23.94 4.56 -36.54
N ASP B 501 -24.64 3.85 -37.40
CA ASP B 501 -25.88 4.33 -38.02
C ASP B 501 -26.98 4.65 -37.01
N GLY B 502 -27.17 3.75 -36.05
CA GLY B 502 -28.13 4.00 -34.97
C GLY B 502 -27.75 5.21 -34.12
N LEU B 503 -26.46 5.34 -33.83
CA LEU B 503 -25.98 6.44 -32.99
C LEU B 503 -26.15 7.79 -33.66
N ILE B 504 -25.80 7.86 -34.95
CA ILE B 504 -25.98 9.09 -35.74
C ILE B 504 -27.47 9.46 -35.66
N GLY B 505 -28.36 8.51 -35.92
CA GLY B 505 -29.79 8.78 -35.81
C GLY B 505 -30.17 9.32 -34.43
N ALA B 506 -29.58 8.77 -33.38
CA ALA B 506 -29.86 9.32 -32.06
C ALA B 506 -29.24 10.70 -31.91
N ALA B 507 -28.06 10.93 -32.49
CA ALA B 507 -27.40 12.24 -32.37
C ALA B 507 -28.19 13.34 -33.11
N ASN B 508 -28.97 12.90 -34.09
CA ASN B 508 -29.82 13.81 -34.87
C ASN B 508 -31.14 14.19 -34.23
N ARG B 509 -31.38 13.77 -32.98
CA ARG B 509 -32.57 14.18 -32.26
C ARG B 509 -32.68 15.73 -32.26
N ILE B 510 -33.91 16.24 -32.24
CA ILE B 510 -34.22 17.69 -32.24
C ILE B 510 -33.91 18.39 -30.91
N ASP B 511 -33.79 17.64 -29.81
CA ASP B 511 -33.52 18.21 -28.48
C ASP B 511 -32.67 17.24 -27.67
N ASN B 512 -32.37 17.59 -26.43
CA ASN B 512 -31.53 16.74 -25.58
C ASN B 512 -32.29 16.28 -24.37
N GLU B 513 -33.58 15.99 -24.56
CA GLU B 513 -34.41 15.44 -23.50
C GLU B 513 -33.69 14.25 -22.89
N PHE B 514 -33.58 14.26 -21.56
CA PHE B 514 -32.99 13.16 -20.77
C PHE B 514 -31.59 12.76 -21.26
N ASN B 515 -30.91 13.72 -21.85
CA ASN B 515 -29.57 13.56 -22.35
C ASN B 515 -29.42 12.55 -23.47
N ALA B 516 -30.52 12.18 -24.13
CA ALA B 516 -30.47 11.24 -25.28
C ALA B 516 -29.49 11.69 -26.34
N ARG B 517 -29.44 12.99 -26.60
CA ARG B 517 -28.52 13.50 -27.61
C ARG B 517 -27.07 13.57 -27.15
N ALA B 518 -26.83 14.12 -25.97
CA ALA B 518 -25.47 14.17 -25.45
C ALA B 518 -24.85 12.79 -25.35
N SER B 519 -25.60 11.83 -24.85
CA SER B 519 -25.03 10.48 -24.73
C SER B 519 -24.73 9.84 -26.07
N ALA B 520 -25.54 10.13 -27.09
CA ALA B 520 -25.26 9.62 -28.44
C ALA B 520 -23.90 10.14 -28.89
N PHE B 521 -23.64 11.43 -28.67
CA PHE B 521 -22.31 11.98 -29.01
C PHE B 521 -21.17 11.32 -28.20
N SER B 522 -21.40 10.97 -26.95
CA SER B 522 -20.34 10.28 -26.21
C SER B 522 -20.11 8.93 -26.82
N ALA B 523 -21.18 8.23 -27.13
CA ALA B 523 -21.05 6.92 -27.78
C ALA B 523 -20.27 7.02 -29.09
N LEU B 524 -20.56 8.05 -29.87
CA LEU B 524 -19.88 8.25 -31.15
C LEU B 524 -18.39 8.47 -30.91
N THR B 525 -18.04 9.17 -29.82
CA THR B 525 -16.62 9.40 -29.49
C THR B 525 -15.92 8.10 -29.24
N THR B 526 -16.56 7.22 -28.44
CA THR B 526 -16.09 5.85 -28.21
C THR B 526 -15.95 5.09 -29.53
N MET B 527 -16.95 5.18 -30.42
CA MET B 527 -16.85 4.41 -31.67
C MET B 527 -15.58 4.81 -32.40
N VAL B 528 -15.36 6.13 -32.49
CA VAL B 528 -14.18 6.67 -33.14
C VAL B 528 -12.91 6.23 -32.40
N GLU B 529 -12.90 6.28 -31.07
CA GLU B 529 -11.68 5.94 -30.31
C GLU B 529 -11.21 4.54 -30.55
N TYR B 530 -12.15 3.62 -30.71
CA TYR B 530 -11.86 2.19 -30.85
C TYR B 530 -11.94 1.67 -32.29
N ALA B 531 -12.21 2.54 -33.24
CA ALA B 531 -12.21 2.17 -34.68
C ALA B 531 -10.86 1.63 -35.16
N THR B 532 -10.88 0.50 -35.86
CA THR B 532 -9.68 -0.04 -36.53
C THR B 532 -9.71 0.34 -38.01
N ASP B 533 -8.70 -0.09 -38.76
CA ASP B 533 -8.64 0.18 -40.19
C ASP B 533 -9.80 -0.51 -40.97
N THR B 534 -10.23 -1.73 -40.57
CA THR B 534 -11.34 -2.44 -41.26
C THR B 534 -12.67 -1.67 -41.19
N VAL B 535 -12.83 -0.75 -40.25
CA VAL B 535 -14.06 0.03 -40.17
C VAL B 535 -13.82 1.54 -40.43
N ALA B 536 -12.84 1.86 -41.27
CA ALA B 536 -12.51 3.24 -41.60
C ALA B 536 -13.67 4.01 -42.25
N GLU B 537 -14.47 3.32 -43.07
CA GLU B 537 -15.61 3.97 -43.74
C GLU B 537 -16.59 4.55 -42.71
N THR B 538 -16.84 3.84 -41.62
CA THR B 538 -17.80 4.33 -40.62
C THR B 538 -17.26 5.55 -39.84
N SER B 539 -15.95 5.62 -39.63
CA SER B 539 -15.36 6.85 -39.05
C SER B 539 -15.66 8.07 -39.92
N ALA B 540 -15.48 7.92 -41.23
CA ALA B 540 -15.75 9.00 -42.18
C ALA B 540 -17.20 9.48 -42.07
N SER B 541 -18.13 8.53 -41.89
CA SER B 541 -19.55 8.86 -41.67
C SER B 541 -19.71 9.80 -40.51
N ILE B 542 -19.07 9.45 -39.39
CA ILE B 542 -19.19 10.21 -38.15
C ILE B 542 -18.64 11.62 -38.32
N SER B 543 -17.48 11.73 -38.96
CA SER B 543 -16.88 13.03 -39.11
C SER B 543 -17.71 13.85 -40.10
N THR B 544 -18.19 13.25 -41.17
CA THR B 544 -19.04 13.98 -42.11
C THR B 544 -20.30 14.48 -41.41
N PHE B 545 -20.86 13.64 -40.55
CA PHE B 545 -22.08 14.00 -39.83
C PHE B 545 -21.90 15.16 -38.86
N VAL B 546 -20.87 15.11 -38.02
CA VAL B 546 -20.65 16.17 -37.02
C VAL B 546 -20.13 17.45 -37.67
N MET B 547 -19.33 17.37 -38.72
CA MET B 547 -18.91 18.61 -39.37
C MET B 547 -20.14 19.29 -39.91
N ASP B 548 -21.07 18.52 -40.48
CA ASP B 548 -22.27 19.12 -41.03
C ASP B 548 -23.12 19.68 -39.90
N LYS B 549 -23.14 18.98 -38.78
CA LYS B 549 -23.95 19.47 -37.67
C LYS B 549 -23.33 20.72 -37.05
N LEU B 550 -22.01 20.78 -36.99
CA LEU B 550 -21.34 21.97 -36.47
C LEU B 550 -21.69 23.15 -37.36
N GLY B 551 -21.77 22.90 -38.67
CA GLY B 551 -22.14 23.90 -39.67
C GLY B 551 -23.52 24.44 -39.36
N GLN B 552 -24.47 23.53 -39.18
CA GLN B 552 -25.82 23.98 -38.87
C GLN B 552 -25.78 24.90 -37.66
N THR B 553 -25.10 24.47 -36.59
CA THR B 553 -25.20 25.23 -35.33
C THR B 553 -24.69 26.64 -35.44
N MET B 554 -23.92 26.92 -36.49
CA MET B 554 -23.33 28.23 -36.67
C MET B 554 -24.08 29.10 -37.66
N SER B 555 -25.04 28.55 -38.38
CA SER B 555 -25.88 29.36 -39.26
C SER B 555 -27.31 29.52 -38.68
N VAL B 556 -27.38 29.64 -37.36
CA VAL B 556 -28.62 29.94 -36.71
C VAL B 556 -28.67 31.44 -36.54
N ASP B 557 -29.90 31.98 -36.42
CA ASP B 557 -30.16 33.41 -36.24
C ASP B 557 -29.73 33.89 -34.84
N GLU B 558 -28.46 34.29 -34.72
CA GLU B 558 -27.88 34.63 -33.43
C GLU B 558 -28.70 35.70 -32.70
N ASN B 559 -29.19 36.70 -33.42
CA ASN B 559 -29.84 37.82 -32.73
C ASN B 559 -31.19 37.51 -32.13
N GLN B 560 -31.77 36.37 -32.48
CA GLN B 560 -33.09 36.01 -31.98
C GLN B 560 -33.06 34.81 -31.07
N LEU B 561 -31.88 34.50 -30.53
CA LEU B 561 -31.66 33.31 -29.74
C LEU B 561 -31.77 33.70 -28.26
N THR B 562 -32.58 33.01 -27.46
CA THR B 562 -32.61 33.33 -26.02
C THR B 562 -31.40 32.74 -25.30
N LEU B 563 -31.22 33.12 -24.05
CA LEU B 563 -30.13 32.55 -23.27
C LEU B 563 -30.29 31.04 -23.25
N GLU B 564 -31.50 30.55 -23.00
CA GLU B 564 -31.82 29.12 -22.95
C GLU B 564 -31.48 28.41 -24.26
N ASP B 565 -31.87 29.00 -25.40
CA ASP B 565 -31.58 28.46 -26.72
C ASP B 565 -30.08 28.36 -26.96
N ALA B 566 -29.37 29.43 -26.60
CA ALA B 566 -27.95 29.55 -26.92
C ALA B 566 -27.15 28.55 -26.15
N GLN B 567 -27.52 28.37 -24.88
CA GLN B 567 -26.77 27.47 -24.00
C GLN B 567 -26.94 26.00 -24.40
N SER B 568 -28.10 25.64 -24.94
CA SER B 568 -28.35 24.31 -25.51
C SER B 568 -27.51 24.10 -26.77
N LEU B 569 -27.40 25.17 -27.53
CA LEU B 569 -26.67 25.17 -28.79
C LEU B 569 -25.19 24.98 -28.49
N GLN B 570 -24.72 25.69 -27.47
CA GLN B 570 -23.33 25.60 -27.05
C GLN B 570 -23.02 24.27 -26.43
N GLU B 571 -23.99 23.62 -25.81
CA GLU B 571 -23.77 22.26 -25.27
C GLU B 571 -23.53 21.29 -26.41
N LEU B 572 -24.31 21.48 -27.46
CA LEU B 572 -24.21 20.64 -28.65
C LEU B 572 -22.86 20.88 -29.38
N GLN B 573 -22.39 22.11 -29.46
CA GLN B 573 -21.09 22.36 -30.06
C GLN B 573 -19.97 21.69 -29.24
N SER B 574 -20.00 21.82 -27.92
CA SER B 574 -19.07 21.05 -27.08
C SER B 574 -19.16 19.55 -27.35
N ASN B 575 -20.36 19.01 -27.43
CA ASN B 575 -20.50 17.59 -27.74
C ASN B 575 -19.81 17.28 -29.05
N ILE B 576 -20.02 18.14 -30.05
CA ILE B 576 -19.50 17.90 -31.40
C ILE B 576 -17.99 17.89 -31.39
N LEU B 577 -17.42 18.83 -30.67
CA LEU B 577 -16.00 18.92 -30.62
C LEU B 577 -15.32 17.71 -29.98
N THR B 578 -15.96 17.10 -28.99
CA THR B 578 -15.42 15.88 -28.41
C THR B 578 -15.25 14.79 -29.47
N VAL B 579 -16.23 14.65 -30.37
CA VAL B 579 -16.15 13.67 -31.45
C VAL B 579 -15.07 14.07 -32.45
N LEU B 580 -15.01 15.35 -32.82
CA LEU B 580 -14.01 15.79 -33.78
C LEU B 580 -12.60 15.65 -33.22
N ALA B 581 -12.45 15.82 -31.92
CA ALA B 581 -11.13 15.62 -31.33
C ALA B 581 -10.75 14.15 -31.50
N ALA B 582 -11.67 13.24 -31.18
CA ALA B 582 -11.39 11.81 -31.32
C ALA B 582 -11.07 11.43 -32.77
N VAL B 583 -11.81 12.01 -33.72
CA VAL B 583 -11.60 11.68 -35.13
C VAL B 583 -10.21 12.08 -35.55
N ILE B 584 -9.78 13.25 -35.11
CA ILE B 584 -8.48 13.78 -35.49
C ILE B 584 -7.35 12.98 -34.87
N ARG B 585 -7.49 12.58 -33.61
CA ARG B 585 -6.49 11.76 -32.90
C ARG B 585 -6.36 10.38 -33.55
N LYS B 586 -7.49 9.79 -33.92
CA LYS B 586 -7.51 8.39 -34.29
C LYS B 586 -7.37 8.18 -35.79
N SER B 587 -8.17 8.93 -36.54
CA SER B 587 -8.21 8.83 -37.99
C SER B 587 -7.85 10.16 -38.63
N PRO B 588 -6.65 10.69 -38.35
CA PRO B 588 -6.34 11.99 -38.95
C PRO B 588 -6.49 11.96 -40.51
N SER B 589 -6.31 10.78 -41.12
CA SER B 589 -6.46 10.55 -42.56
C SER B 589 -7.88 10.66 -43.11
N SER B 590 -8.88 10.41 -42.27
CA SER B 590 -10.27 10.41 -42.73
C SER B 590 -10.91 11.79 -42.56
N VAL B 591 -10.09 12.80 -42.23
CA VAL B 591 -10.56 14.18 -42.32
C VAL B 591 -9.70 15.12 -43.17
N GLU B 592 -8.49 14.69 -43.53
CA GLU B 592 -7.62 15.54 -44.35
C GLU B 592 -8.13 15.84 -45.78
N PRO B 593 -8.86 14.89 -46.41
CA PRO B 593 -9.58 15.30 -47.63
C PRO B 593 -10.51 16.52 -47.49
N VAL B 594 -10.96 16.84 -46.28
CA VAL B 594 -11.80 18.03 -46.03
C VAL B 594 -11.25 18.95 -44.93
N ALA B 595 -9.94 18.87 -44.72
CA ALA B 595 -9.26 19.71 -43.73
C ALA B 595 -9.53 21.20 -43.99
N ASP B 596 -9.68 21.52 -45.26
CA ASP B 596 -9.98 22.87 -45.65
C ASP B 596 -11.30 23.39 -45.04
N MET B 597 -12.35 22.56 -45.05
CA MET B 597 -13.62 23.01 -44.48
C MET B 597 -13.65 22.87 -42.96
N LEU B 598 -12.91 21.90 -42.42
CA LEU B 598 -12.79 21.75 -40.98
C LEU B 598 -12.15 23.01 -40.38
N MET B 599 -11.01 23.43 -40.93
CA MET B 599 -10.34 24.63 -40.45
C MET B 599 -11.25 25.87 -40.61
N GLY B 600 -12.09 25.85 -41.65
CA GLY B 600 -13.08 26.90 -41.85
C GLY B 600 -14.04 27.00 -40.68
N LEU B 601 -14.55 25.86 -40.22
CA LEU B 601 -15.48 25.86 -39.10
C LEU B 601 -14.75 26.35 -37.84
N PHE B 602 -13.56 25.79 -37.59
CA PHE B 602 -12.82 26.12 -36.39
C PHE B 602 -12.55 27.62 -36.28
N PHE B 603 -12.14 28.25 -37.36
CA PHE B 603 -11.86 29.67 -37.30
C PHE B 603 -13.10 30.47 -37.06
N ARG B 604 -14.23 30.02 -37.60
CA ARG B 604 -15.47 30.74 -37.41
C ARG B 604 -15.89 30.68 -35.95
N LEU B 605 -15.79 29.48 -35.38
CA LEU B 605 -16.03 29.30 -33.95
C LEU B 605 -15.19 30.26 -33.11
N LEU B 606 -13.90 30.34 -33.41
CA LEU B 606 -12.99 31.19 -32.65
C LEU B 606 -13.28 32.69 -32.80
N GLU B 607 -13.84 33.07 -33.95
CA GLU B 607 -14.08 34.47 -34.32
C GLU B 607 -15.24 35.07 -33.56
N LYS B 608 -16.24 34.24 -33.29
CA LYS B 608 -17.34 34.65 -32.46
C LYS B 608 -16.81 35.13 -31.11
N LYS B 609 -17.41 36.17 -30.57
CA LYS B 609 -17.21 36.45 -29.15
C LYS B 609 -18.14 35.49 -28.39
N ASP B 610 -17.79 35.22 -27.15
CA ASP B 610 -18.35 34.09 -26.42
C ASP B 610 -17.76 32.77 -26.94
N SER B 611 -16.53 32.84 -27.46
CA SER B 611 -15.79 31.64 -27.82
C SER B 611 -15.07 30.95 -26.63
N ALA B 612 -15.04 31.61 -25.47
CA ALA B 612 -14.22 31.20 -24.35
C ALA B 612 -14.47 29.74 -23.91
N PHE B 613 -15.72 29.35 -23.91
CA PHE B 613 -16.09 27.99 -23.51
C PHE B 613 -15.54 26.89 -24.41
N ILE B 614 -15.26 27.24 -25.66
CA ILE B 614 -14.80 26.26 -26.61
C ILE B 614 -13.41 26.51 -27.19
N GLU B 615 -12.77 27.64 -26.88
CA GLU B 615 -11.45 28.01 -27.47
C GLU B 615 -10.40 26.90 -27.36
N ASP B 616 -10.12 26.50 -26.12
CA ASP B 616 -9.11 25.51 -25.83
C ASP B 616 -9.39 24.21 -26.61
N ASP B 617 -10.64 23.76 -26.62
CA ASP B 617 -11.02 22.54 -27.33
C ASP B 617 -10.57 22.70 -28.77
N VAL B 618 -10.90 23.83 -29.36
CA VAL B 618 -10.61 24.07 -30.77
C VAL B 618 -9.11 24.20 -31.01
N PHE B 619 -8.40 24.90 -30.11
CA PHE B 619 -6.94 24.96 -30.19
C PHE B 619 -6.29 23.58 -30.16
N TYR B 620 -6.76 22.71 -29.27
CA TYR B 620 -6.25 21.36 -29.17
C TYR B 620 -6.48 20.67 -30.48
N ALA B 621 -7.72 20.74 -30.97
CA ALA B 621 -8.12 20.07 -32.20
C ALA B 621 -7.24 20.51 -33.40
N ILE B 622 -7.06 21.81 -33.56
CA ILE B 622 -6.28 22.37 -34.66
C ILE B 622 -4.84 21.88 -34.52
N SER B 623 -4.33 21.90 -33.30
CA SER B 623 -2.93 21.50 -33.06
C SER B 623 -2.68 20.07 -33.49
N ALA B 624 -3.59 19.18 -33.12
CA ALA B 624 -3.49 17.78 -33.46
C ALA B 624 -3.69 17.56 -34.96
N LEU B 625 -4.59 18.32 -35.57
CA LEU B 625 -4.77 18.29 -37.02
C LEU B 625 -3.51 18.77 -37.75
N ALA B 626 -2.90 19.84 -37.23
CA ALA B 626 -1.65 20.38 -37.80
C ALA B 626 -0.57 19.30 -37.86
N ALA B 627 -0.41 18.61 -36.74
CA ALA B 627 0.52 17.48 -36.67
C ALA B 627 0.32 16.42 -37.79
N SER B 628 -0.93 16.11 -38.13
CA SER B 628 -1.23 15.17 -39.23
C SER B 628 -1.06 15.72 -40.65
N LEU B 629 -1.31 17.01 -40.85
CA LEU B 629 -1.25 17.60 -42.20
C LEU B 629 0.17 17.84 -42.65
N GLY B 630 1.03 18.25 -41.71
CA GLY B 630 2.43 18.48 -41.99
C GLY B 630 2.58 19.66 -42.85
N LYS B 631 3.22 19.35 -43.94
CA LYS B 631 3.44 20.36 -44.87
C LYS B 631 2.08 20.96 -45.30
N GLY B 632 1.07 20.11 -45.45
CA GLY B 632 -0.28 20.56 -45.83
C GLY B 632 -0.97 21.57 -44.90
N PHE B 633 -0.45 21.76 -43.70
CA PHE B 633 -1.01 22.74 -42.78
C PHE B 633 -0.50 24.18 -42.95
N GLU B 634 0.56 24.38 -43.72
CA GLU B 634 1.13 25.72 -43.91
C GLU B 634 0.11 26.76 -44.43
N LYS B 635 -0.85 26.36 -45.25
CA LYS B 635 -1.89 27.29 -45.69
C LYS B 635 -2.70 27.91 -44.53
N TYR B 636 -2.75 27.27 -43.37
CA TYR B 636 -3.57 27.80 -42.29
C TYR B 636 -2.76 28.60 -41.25
N LEU B 637 -1.43 28.51 -41.35
CA LEU B 637 -0.54 29.17 -40.37
C LEU B 637 -0.77 30.69 -40.20
N GLU B 638 -0.84 31.42 -41.29
CA GLU B 638 -1.03 32.88 -41.22
C GLU B 638 -2.29 33.21 -40.40
N THR B 639 -3.43 32.63 -40.78
CA THR B 639 -4.66 32.96 -40.07
C THR B 639 -4.77 32.27 -38.70
N PHE B 640 -4.00 31.21 -38.46
CA PHE B 640 -3.91 30.58 -37.12
C PHE B 640 -3.00 31.38 -36.17
N SER B 641 -2.08 32.15 -36.75
CA SER B 641 -1.04 32.84 -35.98
C SER B 641 -1.44 33.56 -34.67
N PRO B 642 -2.49 34.38 -34.70
CA PRO B 642 -2.74 35.12 -33.47
C PRO B 642 -3.29 34.25 -32.35
N TYR B 643 -3.92 33.14 -32.72
CA TYR B 643 -4.43 32.20 -31.72
C TYR B 643 -3.25 31.48 -31.10
N LEU B 644 -2.28 31.06 -31.91
CA LEU B 644 -1.06 30.44 -31.40
C LEU B 644 -0.39 31.35 -30.38
N LEU B 645 -0.21 32.60 -30.76
CA LEU B 645 0.43 33.62 -29.91
C LEU B 645 -0.34 33.92 -28.64
N LYS B 646 -1.66 34.01 -28.74
CA LYS B 646 -2.49 34.20 -27.56
C LYS B 646 -2.19 33.02 -26.62
N ALA B 647 -2.15 31.81 -27.17
CA ALA B 647 -1.91 30.59 -26.40
C ALA B 647 -0.52 30.55 -25.80
N LEU B 648 0.49 30.87 -26.61
CA LEU B 648 1.85 30.94 -26.10
C LEU B 648 1.97 31.93 -24.93
N ASN B 649 1.19 33.00 -24.95
CA ASN B 649 1.24 34.01 -23.89
C ASN B 649 0.43 33.74 -22.61
N GLN B 650 -0.49 32.78 -22.64
CA GLN B 650 -1.15 32.30 -21.42
C GLN B 650 -0.18 31.38 -20.67
N VAL B 651 0.96 31.90 -20.26
CA VAL B 651 2.04 31.07 -19.71
C VAL B 651 1.66 30.42 -18.36
N ASP B 652 0.46 30.73 -17.86
CA ASP B 652 -0.09 30.07 -16.68
C ASP B 652 -1.10 28.94 -17.00
N SER B 653 -1.49 28.81 -18.27
CA SER B 653 -2.49 27.80 -18.70
C SER B 653 -1.87 26.57 -19.38
N PRO B 654 -2.51 25.39 -19.24
CA PRO B 654 -1.89 24.22 -19.85
C PRO B 654 -1.79 24.37 -21.37
N VAL B 655 -2.57 25.30 -21.92
CA VAL B 655 -2.63 25.44 -23.34
C VAL B 655 -1.29 25.90 -23.93
N SER B 656 -0.48 26.60 -23.16
CA SER B 656 0.77 27.12 -23.69
C SER B 656 1.77 25.98 -23.93
N ILE B 657 1.68 24.92 -23.12
CA ILE B 657 2.55 23.77 -23.26
C ILE B 657 2.25 23.15 -24.62
N THR B 658 0.97 22.99 -24.96
CA THR B 658 0.66 22.38 -26.25
C THR B 658 1.01 23.33 -27.39
N ALA B 659 0.92 24.64 -27.18
CA ALA B 659 1.38 25.60 -28.19
C ALA B 659 2.85 25.41 -28.56
N VAL B 660 3.70 25.24 -27.53
CA VAL B 660 5.12 24.97 -27.71
C VAL B 660 5.26 23.66 -28.50
N GLY B 661 4.45 22.68 -28.16
CA GLY B 661 4.45 21.42 -28.87
C GLY B 661 4.12 21.59 -30.34
N PHE B 662 3.28 22.58 -30.63
CA PHE B 662 2.83 22.86 -31.99
C PHE B 662 3.98 23.45 -32.78
N ILE B 663 4.74 24.34 -32.16
CA ILE B 663 5.93 24.91 -32.78
C ILE B 663 6.92 23.80 -33.15
N ALA B 664 7.07 22.85 -32.25
CA ALA B 664 7.91 21.68 -32.48
C ALA B 664 7.41 20.86 -33.68
N ASP B 665 6.09 20.64 -33.76
CA ASP B 665 5.49 19.85 -34.84
C ASP B 665 5.65 20.49 -36.23
N ILE B 666 5.33 21.77 -36.38
CA ILE B 666 5.49 22.37 -37.69
C ILE B 666 6.95 22.60 -38.05
N SER B 667 7.85 22.68 -37.06
CA SER B 667 9.27 22.77 -37.42
C SER B 667 9.71 21.42 -38.00
N ASN B 668 9.15 20.35 -37.45
CA ASN B 668 9.50 19.02 -37.87
C ASN B 668 8.88 18.63 -39.20
N SER B 669 7.85 19.34 -39.63
CA SER B 669 7.12 18.97 -40.82
C SER B 669 7.46 19.87 -41.99
N LEU B 670 7.56 21.18 -41.71
CA LEU B 670 8.09 22.10 -42.70
C LEU B 670 9.59 21.85 -42.93
N GLU B 671 10.25 21.19 -41.97
CA GLU B 671 11.70 20.93 -42.02
C GLU B 671 12.46 22.20 -42.45
N GLU B 672 13.04 22.19 -43.63
CA GLU B 672 13.80 23.34 -44.07
C GLU B 672 12.91 24.56 -44.29
N ASP B 673 11.66 24.35 -44.67
CA ASP B 673 10.73 25.45 -44.94
C ASP B 673 10.31 26.22 -43.68
N PHE B 674 10.65 25.72 -42.50
CA PHE B 674 10.38 26.42 -41.23
C PHE B 674 11.17 27.72 -41.09
N ARG B 675 12.25 27.86 -41.86
CA ARG B 675 12.92 29.15 -42.08
C ARG B 675 12.02 30.38 -42.16
N ARG B 676 10.90 30.28 -42.87
CA ARG B 676 10.01 31.43 -43.06
C ARG B 676 9.46 31.98 -41.75
N TYR B 677 9.30 31.08 -40.79
CA TYR B 677 8.63 31.40 -39.56
C TYR B 677 9.62 31.49 -38.38
N SER B 678 10.86 31.05 -38.62
CA SER B 678 11.82 30.92 -37.55
C SER B 678 12.08 32.23 -36.78
N ASP B 679 12.21 33.34 -37.49
CA ASP B 679 12.48 34.63 -36.84
C ASP B 679 11.39 35.09 -35.85
N ALA B 680 10.13 35.02 -36.26
CA ALA B 680 9.00 35.31 -35.35
C ALA B 680 8.90 34.32 -34.20
N MET B 681 9.17 33.04 -34.47
CA MET B 681 8.97 32.00 -33.46
C MET B 681 10.02 32.13 -32.38
N MET B 682 11.27 32.31 -32.80
CA MET B 682 12.40 32.44 -31.88
C MET B 682 12.21 33.63 -30.98
N ASN B 683 11.81 34.78 -31.52
CA ASN B 683 11.70 35.94 -30.66
C ASN B 683 10.58 35.74 -29.62
N VAL B 684 9.50 35.05 -29.98
CA VAL B 684 8.45 34.74 -29.00
C VAL B 684 8.88 33.72 -27.95
N LEU B 685 9.59 32.68 -28.36
CA LEU B 685 10.08 31.66 -27.42
C LEU B 685 11.12 32.28 -26.45
N ALA B 686 11.99 33.12 -26.97
CA ALA B 686 12.91 33.89 -26.14
C ALA B 686 12.21 34.68 -25.03
N GLN B 687 11.11 35.35 -25.33
CA GLN B 687 10.48 36.14 -24.28
C GLN B 687 9.69 35.29 -23.28
N MET B 688 9.15 34.15 -23.72
CA MET B 688 8.47 33.20 -22.82
C MET B 688 9.35 32.60 -21.75
N ILE B 689 10.59 32.29 -22.11
CA ILE B 689 11.49 31.59 -21.22
C ILE B 689 12.06 32.51 -20.15
N SER B 690 12.27 33.79 -20.48
CA SER B 690 12.68 34.80 -19.49
C SER B 690 11.48 35.62 -18.94
N ASN B 691 10.33 34.95 -18.81
CA ASN B 691 9.12 35.52 -18.19
C ASN B 691 9.00 34.97 -16.76
N PRO B 692 9.09 35.87 -15.75
CA PRO B 692 8.91 35.48 -14.34
C PRO B 692 7.64 34.66 -14.04
N ASN B 693 6.52 34.99 -14.67
CA ASN B 693 5.21 34.38 -14.40
C ASN B 693 4.90 33.10 -15.20
N ALA B 694 5.84 32.69 -16.05
CA ALA B 694 5.71 31.45 -16.81
C ALA B 694 5.66 30.26 -15.87
N ARG B 695 4.65 29.41 -16.03
CA ARG B 695 4.54 28.22 -15.18
C ARG B 695 5.72 27.26 -15.44
N ARG B 696 5.94 26.39 -14.46
CA ARG B 696 7.19 25.65 -14.34
C ARG B 696 7.56 24.83 -15.58
N GLU B 697 6.57 24.22 -16.22
CA GLU B 697 6.79 23.30 -17.36
C GLU B 697 7.32 23.98 -18.64
N LEU B 698 7.11 25.30 -18.74
CA LEU B 698 7.48 26.04 -19.95
C LEU B 698 8.98 26.08 -20.17
N LYS B 699 9.75 26.39 -19.12
CA LYS B 699 11.20 26.56 -19.29
C LYS B 699 11.78 25.36 -20.07
N PRO B 700 11.70 24.14 -19.52
CA PRO B 700 12.20 22.98 -20.29
C PRO B 700 11.53 22.73 -21.65
N ALA B 701 10.23 22.99 -21.76
CA ALA B 701 9.56 22.78 -23.03
C ALA B 701 10.22 23.68 -24.05
N VAL B 702 10.49 24.93 -23.65
CA VAL B 702 11.09 25.86 -24.57
C VAL B 702 12.49 25.40 -24.95
N LEU B 703 13.29 25.07 -23.93
CA LEU B 703 14.68 24.70 -24.13
C LEU B 703 14.79 23.49 -25.07
N SER B 704 13.87 22.53 -24.93
CA SER B 704 13.83 21.42 -25.87
C SER B 704 13.48 21.87 -27.28
N VAL B 705 12.51 22.76 -27.42
CA VAL B 705 12.07 23.10 -28.75
C VAL B 705 13.17 23.89 -29.49
N PHE B 706 14.09 24.53 -28.76
CA PHE B 706 15.23 25.12 -29.42
C PHE B 706 16.04 24.01 -30.10
N GLY B 707 16.11 22.86 -29.44
CA GLY B 707 16.74 21.68 -30.02
C GLY B 707 16.06 21.25 -31.30
N ASP B 708 14.75 21.14 -31.28
CA ASP B 708 13.99 20.77 -32.49
C ASP B 708 14.28 21.71 -33.63
N ILE B 709 14.06 23.00 -33.41
CA ILE B 709 14.16 23.99 -34.46
C ILE B 709 15.55 23.91 -35.09
N ALA B 710 16.60 23.90 -34.25
CA ALA B 710 17.98 23.90 -34.72
C ALA B 710 18.28 22.68 -35.58
N SER B 711 17.73 21.53 -35.21
CA SER B 711 17.98 20.32 -35.97
C SER B 711 17.26 20.34 -37.31
N ASN B 712 16.16 21.08 -37.40
CA ASN B 712 15.42 21.13 -38.68
C ASN B 712 15.93 22.22 -39.62
N ILE B 713 16.61 23.21 -39.07
CA ILE B 713 16.85 24.51 -39.72
C ILE B 713 18.35 24.75 -40.05
N GLY B 714 19.21 23.88 -39.55
CA GLY B 714 20.59 23.86 -39.97
C GLY B 714 21.30 25.18 -39.75
N ALA B 715 21.94 25.67 -40.82
CA ALA B 715 22.67 26.93 -40.82
C ALA B 715 21.78 28.14 -40.55
N ASP B 716 20.48 28.03 -40.85
CA ASP B 716 19.56 29.14 -40.54
C ASP B 716 19.34 29.36 -39.03
N PHE B 717 19.90 28.50 -38.19
CA PHE B 717 19.84 28.70 -36.75
C PHE B 717 20.96 29.63 -36.25
N ILE B 718 21.99 29.88 -37.06
CA ILE B 718 23.20 30.59 -36.59
C ILE B 718 22.92 31.96 -36.00
N PRO B 719 22.04 32.76 -36.59
CA PRO B 719 21.76 34.05 -35.93
C PRO B 719 21.23 33.92 -34.49
N TYR B 720 20.57 32.82 -34.15
CA TYR B 720 20.01 32.68 -32.79
C TYR B 720 20.99 32.01 -31.85
N LEU B 721 22.07 31.50 -32.42
CA LEU B 721 22.98 30.65 -31.70
C LEU B 721 23.47 31.30 -30.42
N ASN B 722 23.86 32.55 -30.50
CA ASN B 722 24.47 33.25 -29.38
C ASN B 722 23.49 33.48 -28.20
N ASP B 723 22.25 33.85 -28.52
CA ASP B 723 21.22 34.08 -27.49
C ASP B 723 20.84 32.77 -26.81
N ILE B 724 20.69 31.73 -27.61
CA ILE B 724 20.21 30.46 -27.11
C ILE B 724 21.26 29.82 -26.21
N MET B 725 22.52 29.90 -26.65
CA MET B 725 23.61 29.38 -25.85
C MET B 725 23.65 30.09 -24.48
N ALA B 726 23.34 31.38 -24.43
CA ALA B 726 23.34 32.09 -23.14
C ALA B 726 22.22 31.60 -22.24
N LEU B 727 21.04 31.35 -22.82
CA LEU B 727 19.91 30.75 -22.07
C LEU B 727 20.25 29.36 -21.52
N CYS B 728 20.95 28.57 -22.33
CA CYS B 728 21.37 27.22 -21.93
C CYS B 728 22.42 27.24 -20.83
N VAL B 729 23.43 28.10 -20.95
CA VAL B 729 24.43 28.25 -19.91
C VAL B 729 23.76 28.63 -18.61
N ALA B 730 22.89 29.63 -18.67
CA ALA B 730 22.22 30.12 -17.47
C ALA B 730 21.39 29.02 -16.84
N ALA B 731 20.65 28.28 -17.67
CA ALA B 731 19.82 27.18 -17.18
C ALA B 731 20.66 26.06 -16.55
N GLN B 732 21.79 25.72 -17.19
CA GLN B 732 22.62 24.61 -16.73
C GLN B 732 23.35 24.93 -15.42
N ASN B 733 23.49 26.21 -15.09
CA ASN B 733 24.09 26.62 -13.82
C ASN B 733 23.07 26.96 -12.73
N THR B 734 21.79 26.87 -13.04
CA THR B 734 20.76 27.07 -12.04
C THR B 734 20.70 25.84 -11.17
N LYS B 735 20.66 26.05 -9.86
CA LYS B 735 20.57 24.98 -8.87
C LYS B 735 19.11 24.78 -8.48
N PRO B 736 18.79 23.67 -7.78
CA PRO B 736 17.40 23.51 -7.32
C PRO B 736 16.96 24.65 -6.41
N GLU B 737 15.71 25.08 -6.55
CA GLU B 737 15.19 26.22 -5.78
C GLU B 737 15.27 26.00 -4.27
N ASN B 738 15.16 24.76 -3.82
CA ASN B 738 15.31 24.42 -2.41
C ASN B 738 15.95 23.02 -2.18
N GLY B 739 15.33 22.17 -1.36
CA GLY B 739 15.89 20.86 -1.02
C GLY B 739 14.95 19.67 -1.21
N THR B 740 13.68 19.95 -1.50
CA THR B 740 12.68 18.90 -1.75
C THR B 740 12.97 18.01 -2.96
N LEU B 741 12.32 16.84 -2.98
CA LEU B 741 12.25 16.01 -4.16
C LEU B 741 11.75 16.84 -5.34
N GLU B 742 10.61 17.49 -5.13
CA GLU B 742 9.95 18.31 -6.16
C GLU B 742 10.91 19.27 -6.83
N ALA B 743 11.64 20.05 -6.02
CA ALA B 743 12.53 21.08 -6.53
C ALA B 743 13.75 20.51 -7.25
N LEU B 744 14.18 19.32 -6.85
CA LEU B 744 15.31 18.65 -7.48
C LEU B 744 14.91 18.00 -8.83
N ASP B 745 13.78 17.29 -8.84
CA ASP B 745 13.25 16.68 -10.06
C ASP B 745 13.07 17.73 -11.17
N TYR B 746 12.69 18.95 -10.78
CA TYR B 746 12.51 20.04 -11.74
C TYR B 746 13.81 20.55 -12.30
N GLN B 747 14.86 20.70 -11.47
CA GLN B 747 16.18 21.07 -12.00
C GLN B 747 16.64 20.03 -13.05
N ILE B 748 16.44 18.75 -12.74
CA ILE B 748 16.80 17.71 -13.67
C ILE B 748 15.96 17.77 -14.94
N LYS B 749 14.67 18.05 -14.82
CA LYS B 749 13.86 18.23 -16.02
C LYS B 749 14.43 19.38 -16.88
N VAL B 750 14.94 20.43 -16.23
CA VAL B 750 15.56 21.53 -16.94
C VAL B 750 16.82 21.05 -17.62
N LEU B 751 17.64 20.32 -16.86
CA LEU B 751 18.90 19.80 -17.37
C LEU B 751 18.70 18.87 -18.57
N GLU B 752 17.66 18.03 -18.52
CA GLU B 752 17.33 17.15 -19.65
C GLU B 752 16.91 17.97 -20.89
N ALA B 753 16.34 19.15 -20.65
CA ALA B 753 15.95 20.05 -21.73
C ALA B 753 17.18 20.75 -22.34
N VAL B 754 18.17 21.09 -21.51
CA VAL B 754 19.44 21.61 -22.06
C VAL B 754 20.10 20.56 -22.97
N LEU B 755 20.13 19.30 -22.54
CA LEU B 755 20.60 18.21 -23.40
C LEU B 755 19.92 18.25 -24.77
N ASP B 756 18.60 18.35 -24.76
CA ASP B 756 17.83 18.34 -25.98
C ASP B 756 18.28 19.48 -26.89
N ALA B 757 18.47 20.66 -26.30
CA ALA B 757 18.96 21.83 -27.02
C ALA B 757 20.32 21.54 -27.66
N TYR B 758 21.28 21.05 -26.86
CA TYR B 758 22.62 20.78 -27.39
C TYR B 758 22.68 19.64 -28.43
N VAL B 759 21.89 18.60 -28.24
CA VAL B 759 21.82 17.54 -29.22
C VAL B 759 21.25 18.13 -30.52
N GLY B 760 20.19 18.89 -30.41
CA GLY B 760 19.60 19.46 -31.61
C GLY B 760 20.54 20.41 -32.35
N ILE B 761 21.25 21.25 -31.60
CA ILE B 761 22.13 22.24 -32.20
C ILE B 761 23.31 21.55 -32.90
N VAL B 762 23.95 20.59 -32.20
CA VAL B 762 25.03 19.80 -32.76
C VAL B 762 24.58 19.08 -34.04
N ALA B 763 23.38 18.50 -34.03
CA ALA B 763 22.86 17.86 -35.24
C ALA B 763 22.69 18.91 -36.33
N GLY B 764 22.16 20.06 -35.96
CA GLY B 764 21.94 21.14 -36.91
C GLY B 764 23.20 21.74 -37.51
N LEU B 765 24.22 21.96 -36.69
CA LEU B 765 25.42 22.61 -37.18
C LEU B 765 26.46 21.62 -37.70
N HIS B 766 26.03 20.40 -38.02
CA HIS B 766 26.90 19.35 -38.55
C HIS B 766 27.84 19.88 -39.65
N ASP B 767 27.28 20.49 -40.67
CA ASP B 767 28.09 21.03 -41.76
C ASP B 767 28.72 22.41 -41.48
N LYS B 768 28.62 22.89 -40.24
CA LYS B 768 29.06 24.25 -39.90
C LYS B 768 29.80 24.30 -38.57
N PRO B 769 30.85 23.48 -38.41
CA PRO B 769 31.57 23.32 -37.12
C PRO B 769 32.12 24.62 -36.54
N GLU B 770 32.58 25.51 -37.42
CA GLU B 770 33.09 26.82 -37.01
C GLU B 770 32.07 27.55 -36.13
N ALA B 771 30.78 27.37 -36.46
CA ALA B 771 29.70 27.99 -35.70
C ALA B 771 29.57 27.39 -34.30
N LEU B 772 29.80 26.09 -34.19
CA LEU B 772 29.73 25.45 -32.89
C LEU B 772 31.01 25.66 -32.07
N PHE B 773 32.13 25.90 -32.74
CA PHE B 773 33.44 25.91 -32.05
C PHE B 773 33.52 26.69 -30.73
N PRO B 774 33.01 27.93 -30.69
CA PRO B 774 33.15 28.72 -29.44
C PRO B 774 32.42 28.16 -28.21
N TYR B 775 31.52 27.20 -28.42
CA TYR B 775 30.62 26.75 -27.38
C TYR B 775 30.93 25.35 -26.90
N VAL B 776 31.98 24.76 -27.46
CA VAL B 776 32.31 23.37 -27.16
C VAL B 776 32.65 23.24 -25.67
N GLY B 777 33.27 24.28 -25.11
CA GLY B 777 33.63 24.29 -23.69
C GLY B 777 32.44 24.22 -22.77
N THR B 778 31.42 25.00 -23.12
CA THR B 778 30.18 25.08 -22.38
C THR B 778 29.40 23.77 -22.51
N ILE B 779 29.39 23.19 -23.70
CA ILE B 779 28.74 21.91 -23.89
C ILE B 779 29.42 20.86 -22.97
N PHE B 780 30.75 20.80 -22.98
CA PHE B 780 31.45 19.87 -22.08
C PHE B 780 31.24 20.16 -20.60
N GLN B 781 31.11 21.42 -20.22
CA GLN B 781 30.75 21.75 -18.83
C GLN B 781 29.45 21.03 -18.50
N PHE B 782 28.50 21.05 -19.42
CA PHE B 782 27.24 20.34 -19.25
C PHE B 782 27.42 18.82 -19.19
N ILE B 783 28.14 18.26 -20.15
CA ILE B 783 28.40 16.81 -20.14
C ILE B 783 28.99 16.38 -18.78
N ALA B 784 29.87 17.23 -18.22
CA ALA B 784 30.45 17.01 -16.89
C ALA B 784 29.39 16.91 -15.79
N GLN B 785 28.33 17.69 -15.87
CA GLN B 785 27.25 17.58 -14.89
C GLN B 785 26.52 16.27 -15.03
N VAL B 786 26.30 15.83 -16.27
CA VAL B 786 25.70 14.55 -16.54
C VAL B 786 26.55 13.44 -15.93
N ALA B 787 27.86 13.53 -16.10
CA ALA B 787 28.80 12.58 -15.48
C ALA B 787 28.72 12.57 -13.96
N GLU B 788 28.42 13.71 -13.36
CA GLU B 788 28.42 13.86 -11.90
C GLU B 788 27.12 13.46 -11.20
N ASP B 789 25.97 13.78 -11.79
CA ASP B 789 24.68 13.54 -11.11
C ASP B 789 24.05 12.21 -11.52
N PRO B 790 23.88 11.25 -10.57
CA PRO B 790 23.27 9.92 -10.79
C PRO B 790 21.90 10.00 -11.43
N GLN B 791 21.17 11.05 -11.08
CA GLN B 791 19.83 11.21 -11.55
C GLN B 791 19.80 11.51 -13.06
N LEU B 792 20.95 11.93 -13.60
CA LEU B 792 21.12 12.12 -15.03
C LEU B 792 21.82 10.94 -15.65
N TYR B 793 23.01 10.63 -15.17
CA TYR B 793 23.82 9.62 -15.85
C TYR B 793 23.25 8.22 -15.79
N SER B 794 22.46 7.92 -14.78
CA SER B 794 21.93 6.58 -14.68
C SER B 794 20.68 6.40 -15.55
N GLU B 795 20.15 7.48 -16.11
CA GLU B 795 19.09 7.32 -17.12
C GLU B 795 19.73 6.88 -18.43
N ASP B 796 19.38 5.68 -18.89
CA ASP B 796 20.00 5.08 -20.08
C ASP B 796 19.96 6.00 -21.29
N ALA B 797 18.82 6.67 -21.47
CA ALA B 797 18.62 7.58 -22.58
C ALA B 797 19.55 8.80 -22.47
N THR B 798 19.70 9.31 -21.26
CA THR B 798 20.46 10.53 -21.07
C THR B 798 21.93 10.26 -21.32
N SER B 799 22.41 9.12 -20.83
CA SER B 799 23.83 8.80 -20.99
C SER B 799 24.14 8.52 -22.45
N ARG B 800 23.25 7.81 -23.14
CA ARG B 800 23.46 7.54 -24.56
C ARG B 800 23.53 8.83 -25.37
N ALA B 801 22.72 9.81 -25.00
CA ALA B 801 22.72 11.10 -25.67
C ALA B 801 24.00 11.87 -25.34
N ALA B 802 24.40 11.84 -24.08
CA ALA B 802 25.59 12.57 -23.62
C ALA B 802 26.85 12.00 -24.28
N VAL B 803 26.99 10.69 -24.22
CA VAL B 803 28.12 9.98 -24.83
C VAL B 803 28.13 10.15 -26.36
N GLY B 804 26.94 10.22 -26.95
CA GLY B 804 26.80 10.57 -28.35
C GLY B 804 27.34 11.97 -28.67
N LEU B 805 27.09 12.96 -27.80
CA LEU B 805 27.61 14.32 -28.03
C LEU B 805 29.12 14.31 -28.03
N ILE B 806 29.69 13.66 -27.04
CA ILE B 806 31.14 13.50 -26.98
C ILE B 806 31.67 12.97 -28.32
N GLY B 807 31.04 11.92 -28.82
CA GLY B 807 31.46 11.35 -30.08
C GLY B 807 31.26 12.30 -31.25
N ASP B 808 30.04 12.84 -31.36
CA ASP B 808 29.63 13.64 -32.52
C ASP B 808 30.39 14.97 -32.64
N ILE B 809 30.64 15.61 -31.50
CA ILE B 809 31.48 16.79 -31.48
C ILE B 809 32.89 16.44 -31.92
N ALA B 810 33.44 15.33 -31.43
CA ALA B 810 34.78 14.91 -31.88
C ALA B 810 34.85 14.72 -33.40
N ALA B 811 33.86 14.04 -33.97
CA ALA B 811 33.76 13.88 -35.43
C ALA B 811 33.75 15.20 -36.22
N MET B 812 33.29 16.27 -35.58
CA MET B 812 33.12 17.54 -36.24
C MET B 812 34.42 18.33 -36.36
N PHE B 813 35.37 18.04 -35.47
CA PHE B 813 36.67 18.71 -35.44
C PHE B 813 37.87 17.77 -35.58
N PRO B 814 38.12 17.26 -36.81
CA PRO B 814 39.24 16.34 -37.08
C PRO B 814 40.61 17.05 -37.21
N ASP B 815 40.61 18.38 -37.08
CA ASP B 815 41.82 19.19 -37.19
C ASP B 815 42.59 19.38 -35.87
N GLY B 816 42.05 18.85 -34.78
CA GLY B 816 42.70 18.92 -33.46
C GLY B 816 42.36 20.12 -32.57
N SER B 817 41.51 21.03 -33.07
CA SER B 817 41.21 22.28 -32.36
C SER B 817 40.50 22.14 -31.01
N ILE B 818 39.93 20.97 -30.72
CA ILE B 818 39.30 20.74 -29.42
C ILE B 818 39.84 19.46 -28.75
N LYS B 819 41.00 19.00 -29.18
CA LYS B 819 41.56 17.76 -28.63
C LYS B 819 41.78 17.80 -27.11
N GLN B 820 41.94 19.00 -26.55
CA GLN B 820 42.25 19.14 -25.11
C GLN B 820 41.13 18.62 -24.21
N PHE B 821 39.89 18.67 -24.69
CA PHE B 821 38.74 18.17 -23.90
C PHE B 821 38.71 16.65 -23.79
N TYR B 822 39.44 15.96 -24.67
CA TYR B 822 39.34 14.51 -24.77
C TYR B 822 40.41 13.75 -23.98
N GLY B 823 41.38 14.47 -23.43
CA GLY B 823 42.41 13.86 -22.59
C GLY B 823 42.16 14.01 -21.10
N GLN B 824 40.96 14.47 -20.73
CA GLN B 824 40.64 14.71 -19.31
C GLN B 824 40.25 13.39 -18.64
N ASP B 825 40.59 13.26 -17.36
CA ASP B 825 40.27 12.05 -16.60
C ASP B 825 38.77 11.77 -16.61
N TRP B 826 37.98 12.77 -16.28
CA TRP B 826 36.53 12.58 -16.11
C TRP B 826 35.83 12.10 -17.39
N VAL B 827 36.37 12.48 -18.57
CA VAL B 827 35.78 12.09 -19.86
C VAL B 827 36.03 10.62 -20.16
N ILE B 828 37.29 10.21 -20.00
CA ILE B 828 37.68 8.83 -20.19
C ILE B 828 36.86 7.92 -19.28
N ASP B 829 36.81 8.27 -17.99
CA ASP B 829 36.07 7.46 -17.01
C ASP B 829 34.56 7.41 -17.28
N TYR B 830 34.02 8.48 -17.84
CA TYR B 830 32.59 8.51 -18.15
C TYR B 830 32.27 7.58 -19.31
N ILE B 831 33.09 7.64 -20.36
CA ILE B 831 32.94 6.69 -21.46
C ILE B 831 33.06 5.23 -20.98
N LYS B 832 34.09 4.91 -20.19
CA LYS B 832 34.24 3.56 -19.65
C LYS B 832 32.99 3.12 -18.90
N ARG B 833 32.51 3.97 -17.99
CA ARG B 833 31.32 3.65 -17.19
C ARG B 833 30.12 3.40 -18.07
N THR B 834 30.03 4.13 -19.17
CA THR B 834 28.89 4.02 -20.07
C THR B 834 28.98 2.74 -20.88
N ARG B 835 30.17 2.17 -20.97
CA ARG B 835 30.32 0.90 -21.65
C ARG B 835 30.26 -0.35 -20.79
N SER B 836 30.12 -0.19 -19.47
CA SER B 836 30.57 -1.23 -18.55
C SER B 836 29.52 -2.24 -18.16
N GLY B 837 28.60 -1.86 -17.30
CA GLY B 837 27.86 -2.86 -16.53
C GLY B 837 26.75 -3.57 -17.26
N GLN B 838 25.69 -3.80 -16.50
CA GLN B 838 24.42 -4.31 -17.01
C GLN B 838 23.46 -3.12 -16.95
N LEU B 839 23.93 -2.06 -16.28
CA LEU B 839 23.19 -0.83 -16.01
C LEU B 839 22.67 -0.10 -17.26
N PHE B 840 23.41 -0.17 -18.35
CA PHE B 840 23.00 0.50 -19.56
C PHE B 840 22.73 -0.53 -20.63
N SER B 841 21.94 -0.14 -21.64
CA SER B 841 21.52 -1.09 -22.67
C SER B 841 22.52 -1.17 -23.82
N GLN B 842 22.33 -2.16 -24.68
CA GLN B 842 23.23 -2.36 -25.81
C GLN B 842 23.35 -1.12 -26.70
N ALA B 843 22.22 -0.45 -26.97
CA ALA B 843 22.27 0.75 -27.77
C ALA B 843 23.23 1.76 -27.11
N THR B 844 23.05 2.01 -25.81
CA THR B 844 23.95 2.88 -25.06
C THR B 844 25.41 2.44 -25.12
N LYS B 845 25.67 1.15 -25.02
CA LYS B 845 27.06 0.68 -24.98
C LYS B 845 27.75 0.81 -26.33
N ASP B 846 26.98 0.63 -27.40
CA ASP B 846 27.51 0.77 -28.76
C ASP B 846 27.85 2.23 -29.04
N THR B 847 27.04 3.15 -28.54
CA THR B 847 27.32 4.57 -28.69
C THR B 847 28.55 4.96 -27.87
N ALA B 848 28.74 4.36 -26.69
CA ALA B 848 29.94 4.61 -25.89
C ALA B 848 31.17 4.14 -26.64
N ARG B 849 31.07 2.96 -27.25
CA ARG B 849 32.14 2.37 -28.06
C ARG B 849 32.59 3.35 -29.14
N TRP B 850 31.63 3.95 -29.81
CA TRP B 850 31.89 4.92 -30.87
C TRP B 850 32.54 6.18 -30.27
N ALA B 851 32.02 6.65 -29.12
CA ALA B 851 32.61 7.81 -28.46
C ALA B 851 34.06 7.56 -28.05
N ARG B 852 34.30 6.35 -27.54
CA ARG B 852 35.63 5.85 -27.21
C ARG B 852 36.55 5.91 -28.42
N GLU B 853 36.08 5.48 -29.60
CA GLU B 853 36.92 5.48 -30.80
C GLU B 853 37.27 6.90 -31.24
N GLN B 854 36.30 7.81 -31.15
CA GLN B 854 36.51 9.19 -31.55
C GLN B 854 37.42 9.90 -30.58
N GLN B 855 37.28 9.59 -29.30
CA GLN B 855 38.16 10.15 -28.28
C GLN B 855 39.62 9.71 -28.46
N LYS B 856 39.84 8.43 -28.78
CA LYS B 856 41.18 7.90 -29.07
C LYS B 856 41.86 8.60 -30.26
N ARG B 857 41.10 8.77 -31.35
CA ARG B 857 41.56 9.44 -32.57
C ARG B 857 42.02 10.88 -32.31
N GLN B 858 41.38 11.52 -31.33
CA GLN B 858 41.67 12.89 -30.98
C GLN B 858 43.04 13.02 -30.32
N LEU B 859 43.35 12.16 -29.36
CA LEU B 859 44.62 12.23 -28.62
C LEU B 859 45.84 12.01 -29.50
N SER B 860 45.73 11.13 -30.49
CA SER B 860 46.83 10.89 -31.44
C SER B 860 47.03 12.04 -32.46
N LEU B 861 46.11 13.00 -32.50
CA LEU B 861 46.23 14.19 -33.35
C LEU B 861 47.24 15.21 -32.79
N VAL C 9 28.78 -41.84 28.31
CA VAL C 9 27.92 -40.64 28.54
C VAL C 9 27.49 -40.01 27.21
N GLN C 10 26.31 -40.37 26.72
CA GLN C 10 25.78 -39.78 25.46
C GLN C 10 24.29 -39.44 25.46
N PHE C 11 23.94 -38.50 24.58
CA PHE C 11 22.62 -37.90 24.53
C PHE C 11 22.03 -37.90 23.10
N LYS C 12 20.75 -38.26 22.98
CA LYS C 12 20.06 -38.18 21.72
C LYS C 12 19.61 -36.74 21.51
N LEU C 13 20.00 -36.17 20.38
CA LEU C 13 19.64 -34.81 20.02
C LEU C 13 18.90 -34.94 18.71
N VAL C 14 17.64 -34.52 18.71
CA VAL C 14 16.88 -34.37 17.46
C VAL C 14 17.02 -32.94 16.94
N LEU C 15 17.35 -32.85 15.66
CA LEU C 15 17.47 -31.60 14.92
C LEU C 15 16.29 -31.52 13.96
N VAL C 16 15.51 -30.45 14.07
CA VAL C 16 14.30 -30.25 13.27
C VAL C 16 14.20 -28.82 12.75
N GLY C 17 13.39 -28.65 11.73
CA GLY C 17 13.11 -27.32 11.17
C GLY C 17 12.72 -27.46 9.73
N ASP C 18 12.12 -26.42 9.18
CA ASP C 18 11.72 -26.43 7.77
C ASP C 18 12.87 -26.80 6.85
N GLY C 19 12.54 -27.41 5.72
CA GLY C 19 13.50 -27.70 4.66
C GLY C 19 14.25 -26.48 4.13
N GLY C 20 15.54 -26.64 3.86
CA GLY C 20 16.38 -25.55 3.31
C GLY C 20 16.98 -24.64 4.35
N THR C 21 16.61 -24.83 5.62
CA THR C 21 17.06 -23.97 6.73
C THR C 21 18.52 -24.20 7.12
N GLY C 22 19.05 -25.39 6.80
CA GLY C 22 20.49 -25.65 6.96
C GLY C 22 20.88 -26.73 7.96
N LYS C 23 19.92 -27.55 8.34
CA LYS C 23 20.16 -28.58 9.32
C LYS C 23 21.33 -29.46 8.92
N THR C 24 21.24 -30.04 7.72
CA THR C 24 22.26 -30.97 7.26
C THR C 24 23.61 -30.29 7.06
N THR C 25 23.60 -29.03 6.63
CA THR C 25 24.84 -28.27 6.42
C THR C 25 25.57 -28.00 7.74
N PHE C 26 24.79 -27.60 8.76
CA PHE C 26 25.29 -27.32 10.12
C PHE C 26 25.97 -28.53 10.70
N VAL C 27 25.31 -29.68 10.61
CA VAL C 27 25.86 -30.93 11.14
C VAL C 27 27.11 -31.42 10.39
N LYS C 28 27.17 -31.34 9.07
CA LYS C 28 28.40 -31.78 8.37
C LYS C 28 29.57 -30.87 8.73
N ARG C 29 29.34 -29.57 8.87
CA ARG C 29 30.46 -28.71 9.30
C ARG C 29 31.05 -29.14 10.61
N HIS C 30 30.21 -29.41 11.59
CA HIS C 30 30.68 -29.94 12.86
C HIS C 30 31.30 -31.31 12.79
N LEU C 31 30.89 -32.07 11.80
CA LEU C 31 31.32 -33.46 11.65
C LEU C 31 32.66 -33.55 10.92
N THR C 32 32.72 -33.09 9.68
CA THR C 32 33.93 -33.23 8.87
C THR C 32 34.66 -31.91 8.63
N GLY C 33 34.01 -30.80 8.94
CA GLY C 33 34.58 -29.49 8.72
C GLY C 33 34.21 -28.91 7.38
N GLU C 34 33.48 -29.68 6.56
CA GLU C 34 33.18 -29.27 5.19
C GLU C 34 31.87 -28.50 5.13
N PHE C 35 31.84 -27.49 4.26
CA PHE C 35 30.62 -26.76 3.93
C PHE C 35 30.02 -27.32 2.66
N GLU C 36 28.75 -27.70 2.72
CA GLU C 36 28.02 -28.22 1.57
C GLU C 36 27.25 -27.05 0.90
N LYS C 37 27.62 -26.73 -0.34
CA LYS C 37 26.97 -25.64 -1.09
C LYS C 37 25.59 -26.03 -1.64
N LYS C 38 25.45 -27.29 -2.07
CA LYS C 38 24.22 -27.72 -2.75
C LYS C 38 23.18 -28.07 -1.71
N TYR C 39 21.92 -28.01 -2.13
CA TYR C 39 20.78 -28.46 -1.32
C TYR C 39 20.31 -29.82 -1.82
N VAL C 40 20.53 -30.85 -1.02
CA VAL C 40 20.03 -32.18 -1.32
C VAL C 40 19.18 -32.51 -0.12
N ALA C 41 17.87 -32.47 -0.30
CA ALA C 41 16.93 -32.70 0.78
C ALA C 41 17.24 -34.04 1.47
N THR C 42 17.28 -34.01 2.79
CA THR C 42 17.41 -35.19 3.63
C THR C 42 16.16 -36.11 3.52
N LEU C 43 16.37 -37.42 3.48
CA LEU C 43 15.28 -38.38 3.29
C LEU C 43 14.99 -39.08 4.62
N GLY C 44 14.02 -38.56 5.35
CA GLY C 44 13.68 -39.12 6.64
C GLY C 44 14.59 -38.61 7.72
N VAL C 45 15.71 -39.31 7.92
CA VAL C 45 16.71 -38.96 8.93
C VAL C 45 18.10 -39.54 8.59
N GLU C 46 19.15 -38.79 8.95
CA GLU C 46 20.52 -39.31 8.99
C GLU C 46 21.03 -39.10 10.39
N VAL C 47 21.65 -40.13 10.97
CA VAL C 47 22.15 -40.07 12.34
C VAL C 47 23.65 -40.10 12.33
N HIS C 48 24.25 -39.06 12.91
CA HIS C 48 25.70 -38.93 13.02
C HIS C 48 26.09 -38.59 14.46
N PRO C 49 27.19 -39.16 14.95
CA PRO C 49 27.73 -38.75 16.23
C PRO C 49 28.68 -37.54 16.13
N LEU C 50 28.46 -36.57 17.01
CA LEU C 50 29.36 -35.44 17.23
C LEU C 50 29.98 -35.53 18.62
N VAL C 51 31.30 -35.59 18.68
CA VAL C 51 32.00 -35.57 19.96
C VAL C 51 32.56 -34.16 20.27
N PHE C 52 32.33 -33.68 21.51
CA PHE C 52 32.97 -32.45 22.02
C PHE C 52 33.74 -32.78 23.26
N HIS C 53 34.97 -32.29 23.35
CA HIS C 53 35.82 -32.53 24.48
C HIS C 53 35.56 -31.42 25.46
N THR C 54 35.33 -31.75 26.73
CA THR C 54 35.06 -30.74 27.76
C THR C 54 36.01 -30.89 28.95
N ASN C 55 35.98 -29.92 29.86
CA ASN C 55 36.79 -30.00 31.08
C ASN C 55 36.32 -31.10 32.05
N ARG C 56 35.29 -31.86 31.68
CA ARG C 56 34.97 -33.14 32.33
C ARG C 56 34.97 -34.27 31.30
N GLY C 57 35.86 -34.18 30.30
CA GLY C 57 36.00 -35.23 29.30
C GLY C 57 34.98 -35.13 28.19
N PRO C 58 34.84 -36.20 27.39
CA PRO C 58 34.02 -36.07 26.19
C PRO C 58 32.51 -36.16 26.46
N ILE C 59 31.74 -35.44 25.63
CA ILE C 59 30.28 -35.56 25.56
C ILE C 59 29.98 -35.97 24.13
N LYS C 60 29.11 -36.96 23.96
CA LYS C 60 28.68 -37.37 22.64
C LYS C 60 27.21 -37.08 22.42
N PHE C 61 26.93 -36.40 21.32
CA PHE C 61 25.58 -36.12 20.91
C PHE C 61 25.33 -37.07 19.77
N ASN C 62 24.29 -37.87 19.86
CA ASN C 62 23.85 -38.67 18.71
C ASN C 62 22.80 -37.90 17.92
N VAL C 63 23.22 -37.29 16.82
CA VAL C 63 22.41 -36.27 16.15
C VAL C 63 21.51 -36.88 15.10
N TRP C 64 20.22 -36.81 15.37
CA TRP C 64 19.22 -37.25 14.40
C TRP C 64 18.85 -36.04 13.52
N ASP C 65 19.48 -35.94 12.36
CA ASP C 65 19.24 -34.83 11.42
C ASP C 65 18.03 -35.15 10.55
N THR C 66 16.87 -34.65 10.97
CA THR C 66 15.57 -35.03 10.36
C THR C 66 15.22 -34.17 9.14
N ALA C 67 14.37 -34.74 8.30
CA ALA C 67 13.85 -34.06 7.11
C ALA C 67 12.86 -32.93 7.45
N GLY C 68 13.04 -31.78 6.81
CA GLY C 68 12.12 -30.66 6.97
C GLY C 68 11.07 -30.51 5.88
N GLN C 69 11.30 -31.08 4.70
CA GLN C 69 10.27 -31.11 3.64
C GLN C 69 9.21 -32.11 4.03
N GLU C 70 7.95 -31.68 4.02
CA GLU C 70 6.84 -32.55 4.39
C GLU C 70 6.82 -33.87 3.62
N LYS C 71 7.01 -33.79 2.31
CA LYS C 71 7.10 -34.96 1.43
C LYS C 71 8.03 -36.08 1.92
N PHE C 72 9.14 -35.70 2.56
CA PHE C 72 10.24 -36.59 2.86
C PHE C 72 10.36 -36.86 4.34
N GLY C 73 9.28 -36.62 5.06
CA GLY C 73 9.34 -36.61 6.52
C GLY C 73 9.74 -37.90 7.20
N GLY C 74 9.39 -39.03 6.57
CA GLY C 74 9.65 -40.35 7.15
C GLY C 74 8.83 -40.64 8.40
N LEU C 75 9.50 -40.90 9.52
CA LEU C 75 8.79 -41.18 10.78
C LEU C 75 8.35 -39.92 11.53
N ARG C 76 8.76 -38.75 11.03
CA ARG C 76 8.28 -37.48 11.55
C ARG C 76 8.53 -37.42 13.03
N ASP C 77 7.49 -37.22 13.86
CA ASP C 77 7.70 -37.10 15.31
C ASP C 77 8.05 -38.44 15.96
N GLY C 78 7.89 -39.52 15.21
CA GLY C 78 8.43 -40.81 15.62
C GLY C 78 9.91 -40.76 15.96
N TYR C 79 10.69 -39.99 15.22
CA TYR C 79 12.12 -39.89 15.47
C TYR C 79 12.46 -39.27 16.82
N TYR C 80 11.49 -38.58 17.45
CA TYR C 80 11.79 -37.78 18.65
C TYR C 80 11.82 -38.66 19.86
N ILE C 81 11.31 -39.88 19.72
CA ILE C 81 11.14 -40.80 20.84
C ILE C 81 12.49 -41.07 21.51
N GLN C 82 12.55 -40.86 22.83
CA GLN C 82 13.80 -40.91 23.63
C GLN C 82 14.79 -39.77 23.33
N ALA C 83 14.33 -38.66 22.77
CA ALA C 83 15.23 -37.51 22.59
C ALA C 83 15.52 -36.92 23.98
N GLN C 84 16.77 -36.56 24.22
CA GLN C 84 17.12 -35.90 25.46
C GLN C 84 17.36 -34.42 25.25
N CYS C 85 17.38 -34.00 23.99
CA CYS C 85 17.54 -32.61 23.64
C CYS C 85 17.17 -32.39 22.19
N ALA C 86 17.11 -31.12 21.79
CA ALA C 86 16.68 -30.76 20.46
C ALA C 86 17.23 -29.41 20.00
N ILE C 87 17.49 -29.31 18.71
CA ILE C 87 17.76 -28.03 18.08
C ILE C 87 16.68 -27.81 17.05
N ILE C 88 16.03 -26.66 17.08
CA ILE C 88 15.07 -26.29 16.05
C ILE C 88 15.77 -25.25 15.24
N MET C 89 15.83 -25.44 13.94
CA MET C 89 16.48 -24.45 13.09
C MET C 89 15.48 -23.72 12.21
N PHE C 90 15.76 -22.45 11.96
CA PHE C 90 15.08 -21.72 10.92
C PHE C 90 16.05 -20.83 10.15
N ASP C 91 15.54 -20.21 9.09
CA ASP C 91 16.35 -19.40 8.21
C ASP C 91 15.98 -17.94 8.40
N VAL C 92 16.92 -17.18 8.92
CA VAL C 92 16.78 -15.75 9.21
C VAL C 92 16.36 -14.93 7.97
N THR C 93 16.61 -15.44 6.77
CA THR C 93 16.21 -14.79 5.51
C THR C 93 14.87 -15.27 4.96
N SER C 94 14.18 -16.14 5.70
CA SER C 94 12.90 -16.68 5.24
C SER C 94 11.87 -16.72 6.36
N ARG C 95 10.97 -15.75 6.38
CA ARG C 95 9.96 -15.62 7.44
C ARG C 95 9.09 -16.88 7.64
N VAL C 96 8.68 -17.56 6.57
CA VAL C 96 7.83 -18.73 6.73
C VAL C 96 8.51 -19.78 7.62
N THR C 97 9.83 -19.96 7.48
CA THR C 97 10.55 -20.92 8.33
C THR C 97 10.51 -20.51 9.80
N TYR C 98 10.41 -19.23 10.07
CA TYR C 98 10.32 -18.77 11.46
C TYR C 98 8.90 -18.91 12.00
N LYS C 99 7.89 -18.69 11.15
CA LYS C 99 6.51 -18.81 11.60
C LYS C 99 6.16 -20.24 11.94
N ASN C 100 6.87 -21.20 11.35
CA ASN C 100 6.64 -22.63 11.63
C ASN C 100 7.34 -23.11 12.89
N VAL C 101 8.07 -22.23 13.56
CA VAL C 101 8.85 -22.64 14.73
C VAL C 101 7.97 -23.11 15.90
N PRO C 102 6.93 -22.34 16.27
CA PRO C 102 6.01 -22.88 17.26
C PRO C 102 5.50 -24.30 16.96
N ASN C 103 5.19 -24.59 15.70
CA ASN C 103 4.72 -25.92 15.32
C ASN C 103 5.78 -27.02 15.48
N TRP C 104 7.02 -26.75 15.14
CA TRP C 104 8.10 -27.70 15.47
C TRP C 104 8.25 -27.84 16.99
N HIS C 105 8.11 -26.73 17.70
CA HIS C 105 8.24 -26.70 19.15
C HIS C 105 7.17 -27.60 19.74
N ARG C 106 5.93 -27.35 19.37
CA ARG C 106 4.80 -28.18 19.80
C ARG C 106 4.95 -29.68 19.48
N ASP C 107 5.52 -30.04 18.34
CA ASP C 107 5.70 -31.45 17.98
C ASP C 107 6.74 -32.12 18.87
N LEU C 108 7.78 -31.38 19.24
CA LEU C 108 8.80 -31.90 20.15
C LEU C 108 8.25 -32.13 21.54
N VAL C 109 7.48 -31.17 22.09
CA VAL C 109 7.06 -31.26 23.50
C VAL C 109 5.87 -32.17 23.71
N ARG C 110 5.21 -32.59 22.64
CA ARG C 110 4.16 -33.63 22.74
C ARG C 110 4.76 -35.02 22.98
N VAL C 111 5.93 -35.28 22.38
CA VAL C 111 6.65 -36.54 22.51
C VAL C 111 7.69 -36.52 23.62
N CYS C 112 8.26 -35.36 23.94
CA CYS C 112 9.33 -35.21 24.94
C CYS C 112 9.01 -34.06 25.87
N GLU C 113 8.49 -34.32 27.06
CA GLU C 113 7.87 -33.23 27.85
C GLU C 113 8.83 -32.13 28.38
N ASN C 114 9.97 -32.51 28.92
CA ASN C 114 10.81 -31.55 29.63
C ASN C 114 12.27 -31.60 29.17
N ILE C 115 12.50 -31.51 27.86
CA ILE C 115 13.88 -31.49 27.39
C ILE C 115 14.38 -30.08 27.11
N PRO C 116 15.71 -29.87 27.20
CA PRO C 116 16.35 -28.64 26.74
C PRO C 116 16.34 -28.49 25.21
N ILE C 117 15.97 -27.31 24.73
CA ILE C 117 15.82 -27.04 23.31
C ILE C 117 16.47 -25.72 22.94
N VAL C 118 17.31 -25.72 21.90
CA VAL C 118 17.87 -24.49 21.37
C VAL C 118 17.24 -24.15 20.04
N LEU C 119 16.83 -22.90 19.89
CA LEU C 119 16.35 -22.38 18.62
C LEU C 119 17.52 -21.66 17.99
N CYS C 120 17.84 -22.02 16.75
CA CYS C 120 18.98 -21.46 16.03
C CYS C 120 18.51 -20.80 14.76
N GLY C 121 18.73 -19.48 14.67
CA GLY C 121 18.43 -18.74 13.47
C GLY C 121 19.64 -18.75 12.55
N ASN C 122 19.56 -19.53 11.48
CA ASN C 122 20.71 -19.70 10.59
C ASN C 122 20.76 -18.70 9.43
N LYS C 123 21.91 -18.67 8.76
CA LYS C 123 22.12 -17.89 7.55
C LYS C 123 22.21 -16.40 7.84
N VAL C 124 22.73 -16.07 9.03
CA VAL C 124 22.95 -14.68 9.41
C VAL C 124 24.08 -14.02 8.64
N ASP C 125 24.82 -14.76 7.82
CA ASP C 125 25.86 -14.19 6.95
C ASP C 125 25.27 -13.41 5.79
N ILE C 126 24.01 -13.69 5.45
CA ILE C 126 23.37 -13.09 4.28
C ILE C 126 22.85 -11.69 4.59
N LYS C 127 23.08 -10.78 3.65
CA LYS C 127 22.90 -9.34 3.85
C LYS C 127 21.59 -9.00 4.57
N ASP C 128 20.45 -9.14 3.90
CA ASP C 128 19.19 -8.66 4.47
C ASP C 128 18.41 -9.79 5.14
N ARG C 129 18.56 -9.88 6.47
CA ARG C 129 17.74 -10.77 7.28
C ARG C 129 16.30 -10.32 7.10
N LYS C 130 15.38 -11.24 7.36
CA LYS C 130 13.98 -10.84 7.48
C LYS C 130 13.42 -11.04 8.89
N VAL C 131 14.02 -11.94 9.67
CA VAL C 131 13.67 -12.11 11.08
C VAL C 131 14.73 -11.49 11.98
N LYS C 132 14.40 -10.36 12.61
CA LYS C 132 15.36 -9.59 13.41
C LYS C 132 15.62 -10.22 14.78
N ALA C 133 16.87 -10.16 15.22
CA ALA C 133 17.31 -10.75 16.50
C ALA C 133 16.46 -10.27 17.68
N LYS C 134 16.14 -8.99 17.68
CA LYS C 134 15.33 -8.38 18.75
C LYS C 134 13.99 -9.08 18.98
N SER C 135 13.21 -9.19 17.91
CA SER C 135 11.84 -9.65 18.00
C SER C 135 11.68 -11.16 18.24
N ILE C 136 12.78 -11.89 18.52
CA ILE C 136 12.67 -13.27 18.99
C ILE C 136 12.31 -13.33 20.49
N VAL C 137 11.30 -14.14 20.81
CA VAL C 137 10.71 -14.25 22.15
C VAL C 137 10.47 -15.72 22.56
N PHE C 138 11.14 -16.65 21.86
CA PHE C 138 11.05 -18.10 22.11
C PHE C 138 11.81 -18.55 23.36
N HIS C 139 13.02 -18.00 23.53
CA HIS C 139 13.96 -18.41 24.59
C HIS C 139 13.61 -17.92 26.00
N ARG C 140 12.39 -17.47 26.20
CA ARG C 140 12.03 -16.78 27.43
C ARG C 140 11.80 -17.70 28.62
N LYS C 141 11.62 -18.99 28.38
CA LYS C 141 11.41 -19.92 29.49
C LYS C 141 12.69 -20.71 29.83
N LYS C 142 12.56 -21.51 30.89
CA LYS C 142 13.64 -22.28 31.55
C LYS C 142 14.55 -23.15 30.67
N ASN C 143 13.97 -23.98 29.80
CA ASN C 143 14.74 -24.95 29.03
C ASN C 143 14.75 -24.62 27.52
N LEU C 144 14.82 -23.32 27.22
CA LEU C 144 14.63 -22.78 25.87
C LEU C 144 15.64 -21.65 25.62
N GLN C 145 16.31 -21.68 24.47
CA GLN C 145 17.44 -20.78 24.24
C GLN C 145 17.53 -20.37 22.77
N TYR C 146 17.93 -19.13 22.50
CA TYR C 146 18.10 -18.65 21.13
C TYR C 146 19.54 -18.24 20.80
N TYR C 147 20.04 -18.63 19.62
CA TYR C 147 21.27 -18.07 19.05
C TYR C 147 21.16 -17.79 17.57
N ASP C 148 21.70 -16.65 17.16
CA ASP C 148 22.03 -16.43 15.76
C ASP C 148 23.18 -17.35 15.41
N ILE C 149 23.14 -17.89 14.20
CA ILE C 149 24.11 -18.85 13.72
C ILE C 149 24.38 -18.64 12.23
N SER C 150 25.56 -19.05 11.77
CA SER C 150 25.79 -19.24 10.35
C SER C 150 26.66 -20.47 10.12
N ALA C 151 26.08 -21.50 9.47
CA ALA C 151 26.85 -22.69 9.12
C ALA C 151 27.88 -22.38 8.04
N LYS C 152 27.79 -21.18 7.47
CA LYS C 152 28.73 -20.74 6.43
C LYS C 152 29.85 -19.85 6.96
N SER C 153 29.55 -18.84 7.75
CA SER C 153 30.64 -18.06 8.32
C SER C 153 31.13 -18.65 9.64
N ASN C 154 30.47 -19.70 10.13
CA ASN C 154 30.79 -20.31 11.44
C ASN C 154 30.55 -19.41 12.68
N TYR C 155 29.79 -18.33 12.53
CA TYR C 155 29.44 -17.47 13.66
C TYR C 155 28.61 -18.29 14.66
N ASN C 156 29.03 -18.24 15.92
CA ASN C 156 28.43 -19.00 17.01
C ASN C 156 28.47 -20.49 16.72
N PHE C 157 29.50 -20.91 16.01
CA PHE C 157 29.68 -22.33 15.66
C PHE C 157 29.36 -23.29 16.81
N GLU C 158 29.79 -23.00 18.04
CA GLU C 158 29.64 -23.99 19.11
C GLU C 158 28.59 -23.67 20.17
N LYS C 159 28.05 -22.47 20.13
CA LYS C 159 27.21 -22.00 21.20
C LYS C 159 26.02 -22.91 21.51
N PRO C 160 25.30 -23.38 20.47
CA PRO C 160 24.14 -24.21 20.79
C PRO C 160 24.55 -25.52 21.44
N PHE C 161 25.69 -26.07 21.04
CA PHE C 161 26.14 -27.32 21.66
C PHE C 161 26.58 -27.13 23.09
N LEU C 162 27.30 -26.04 23.35
CA LEU C 162 27.79 -25.77 24.69
C LEU C 162 26.60 -25.64 25.63
N TRP C 163 25.60 -24.87 25.20
CA TRP C 163 24.47 -24.56 26.04
C TRP C 163 23.74 -25.83 26.41
N LEU C 164 23.61 -26.74 25.45
CA LEU C 164 22.97 -28.03 25.68
C LEU C 164 23.80 -28.92 26.62
N ALA C 165 25.10 -29.07 26.35
CA ALA C 165 25.99 -29.83 27.25
C ALA C 165 25.86 -29.32 28.66
N ARG C 166 25.79 -28.00 28.80
CA ARG C 166 25.67 -27.38 30.11
C ARG C 166 24.37 -27.76 30.81
N LYS C 167 23.26 -27.82 30.08
CA LYS C 167 22.00 -28.21 30.70
C LYS C 167 21.96 -29.72 30.97
N LEU C 168 22.51 -30.52 30.04
CA LEU C 168 22.42 -31.98 30.17
C LEU C 168 23.28 -32.53 31.30
N ILE C 169 24.46 -31.95 31.49
CA ILE C 169 25.36 -32.36 32.57
C ILE C 169 25.03 -31.67 33.88
N GLY C 170 24.18 -30.65 33.84
CA GLY C 170 23.86 -29.86 35.05
C GLY C 170 24.99 -29.00 35.57
N ASP C 171 25.95 -28.63 34.72
CA ASP C 171 27.07 -27.82 35.14
C ASP C 171 27.18 -26.54 34.33
N PRO C 172 26.84 -25.38 34.93
CA PRO C 172 26.82 -24.08 34.24
C PRO C 172 28.17 -23.53 33.78
N ASN C 173 29.27 -23.98 34.40
CA ASN C 173 30.62 -23.51 34.04
C ASN C 173 31.45 -24.56 33.26
N LEU C 174 30.76 -25.39 32.47
CA LEU C 174 31.38 -26.39 31.61
C LEU C 174 31.94 -25.73 30.37
N GLU C 175 33.19 -26.05 30.02
CA GLU C 175 33.85 -25.43 28.87
C GLU C 175 34.25 -26.47 27.84
N PHE C 176 34.41 -26.06 26.59
CA PHE C 176 34.79 -27.01 25.54
C PHE C 176 36.29 -27.30 25.38
N VAL C 177 37.18 -26.47 25.88
CA VAL C 177 38.61 -26.79 25.80
C VAL C 177 39.00 -27.52 24.50
N MET D 1 0.86 -60.76 8.05
CA MET D 1 1.82 -60.28 9.09
C MET D 1 1.15 -60.28 10.49
N SER D 2 1.89 -60.69 11.51
CA SER D 2 1.38 -60.76 12.88
C SER D 2 1.76 -59.54 13.69
N THR D 3 1.08 -59.35 14.82
CA THR D 3 1.38 -58.28 15.76
C THR D 3 2.87 -58.21 16.10
N ALA D 4 3.46 -59.35 16.42
CA ALA D 4 4.86 -59.39 16.89
C ALA D 4 5.84 -58.99 15.80
N GLU D 5 5.63 -59.45 14.57
CA GLU D 5 6.49 -59.07 13.45
C GLU D 5 6.36 -57.59 13.12
N PHE D 6 5.14 -57.05 13.26
CA PHE D 6 4.91 -55.64 13.02
C PHE D 6 5.56 -54.83 14.13
N ALA D 7 5.47 -55.31 15.37
CA ALA D 7 6.17 -54.70 16.51
C ALA D 7 7.69 -54.72 16.32
N GLN D 8 8.20 -55.82 15.77
CA GLN D 8 9.63 -55.90 15.50
C GLN D 8 10.03 -54.78 14.54
N LEU D 9 9.31 -54.64 13.43
CA LEU D 9 9.52 -53.56 12.48
C LEU D 9 9.56 -52.15 13.11
N LEU D 10 8.55 -51.86 13.93
CA LEU D 10 8.49 -50.60 14.64
C LEU D 10 9.75 -50.45 15.52
N GLU D 11 10.04 -51.43 16.35
CA GLU D 11 11.19 -51.33 17.24
C GLU D 11 12.48 -51.10 16.47
N ASN D 12 12.68 -51.82 15.38
CA ASN D 12 13.94 -51.72 14.62
C ASN D 12 14.12 -50.35 13.95
N SER D 13 13.00 -49.73 13.57
CA SER D 13 13.00 -48.40 12.94
C SER D 13 13.73 -47.35 13.73
N ILE D 14 13.62 -47.45 15.05
CA ILE D 14 14.20 -46.45 15.92
C ILE D 14 15.15 -46.97 17.00
N LEU D 15 15.24 -48.28 17.20
CA LEU D 15 16.13 -48.84 18.23
C LEU D 15 17.39 -49.55 17.72
N SER D 16 17.41 -49.99 16.47
CA SER D 16 18.56 -50.74 15.98
C SER D 16 19.78 -49.83 15.83
N PRO D 17 20.95 -50.27 16.33
CA PRO D 17 22.22 -49.56 16.09
C PRO D 17 22.62 -49.49 14.62
N ASP D 18 22.26 -50.53 13.86
CA ASP D 18 22.59 -50.61 12.45
C ASP D 18 21.68 -49.65 11.68
N GLN D 19 22.28 -48.64 11.08
CA GLN D 19 21.53 -47.59 10.37
C GLN D 19 20.79 -48.14 9.15
N ASN D 20 21.33 -49.19 8.52
CA ASN D 20 20.68 -49.80 7.36
C ASN D 20 19.50 -50.66 7.74
N ILE D 21 19.54 -51.26 8.93
CA ILE D 21 18.36 -51.95 9.47
C ILE D 21 17.23 -50.95 9.77
N ARG D 22 17.57 -49.76 10.26
CA ARG D 22 16.56 -48.73 10.52
C ARG D 22 15.90 -48.30 9.22
N LEU D 23 16.67 -47.95 8.21
CA LEU D 23 16.12 -47.52 6.92
C LEU D 23 15.22 -48.59 6.30
N THR D 24 15.72 -49.81 6.28
CA THR D 24 15.00 -50.95 5.74
C THR D 24 13.66 -51.15 6.40
N SER D 25 13.61 -51.03 7.72
CA SER D 25 12.35 -51.20 8.46
C SER D 25 11.40 -50.04 8.19
N GLU D 26 11.94 -48.83 8.17
CA GLU D 26 11.16 -47.63 7.94
C GLU D 26 10.50 -47.72 6.58
N THR D 27 11.25 -48.20 5.59
CA THR D 27 10.77 -48.38 4.22
C THR D 27 9.65 -49.42 4.15
N GLN D 28 9.79 -50.52 4.88
CA GLN D 28 8.79 -51.57 4.87
C GLN D 28 7.49 -51.09 5.49
N LEU D 29 7.58 -50.33 6.59
CA LEU D 29 6.41 -49.78 7.25
C LEU D 29 5.63 -48.88 6.29
N LYS D 30 6.34 -47.99 5.62
CA LYS D 30 5.70 -47.08 4.67
C LYS D 30 5.05 -47.86 3.51
N LYS D 31 5.73 -48.90 3.03
CA LYS D 31 5.19 -49.74 1.98
C LYS D 31 3.89 -50.44 2.42
N LEU D 32 3.88 -50.97 3.63
CA LEU D 32 2.71 -51.66 4.16
C LEU D 32 1.50 -50.74 4.19
N SER D 33 1.70 -49.53 4.72
CA SER D 33 0.60 -48.57 4.85
C SER D 33 0.04 -48.21 3.48
N ASN D 34 0.90 -48.23 2.48
CA ASN D 34 0.49 -48.01 1.11
C ASN D 34 -0.28 -49.17 0.50
N ASP D 35 0.34 -50.36 0.52
CA ASP D 35 -0.20 -51.58 -0.13
C ASP D 35 -1.48 -52.09 0.51
N ASN D 36 -1.54 -52.06 1.85
CA ASN D 36 -2.67 -52.57 2.61
C ASN D 36 -2.88 -51.72 3.86
N PHE D 37 -3.55 -50.59 3.71
CA PHE D 37 -3.75 -49.69 4.83
C PHE D 37 -4.60 -50.32 5.93
N LEU D 38 -5.63 -51.06 5.55
CA LEU D 38 -6.47 -51.71 6.52
C LEU D 38 -5.59 -52.51 7.49
N GLN D 39 -4.72 -53.35 6.96
CA GLN D 39 -3.87 -54.18 7.79
C GLN D 39 -2.91 -53.32 8.63
N PHE D 40 -2.28 -52.34 8.00
CA PHE D 40 -1.35 -51.46 8.70
C PHE D 40 -2.03 -50.75 9.87
N ALA D 41 -3.23 -50.23 9.65
CA ALA D 41 -3.98 -49.56 10.73
C ALA D 41 -4.27 -50.52 11.88
N GLY D 42 -4.79 -51.70 11.57
CA GLY D 42 -5.11 -52.68 12.59
C GLY D 42 -3.89 -53.10 13.39
N LEU D 43 -2.84 -53.49 12.67
CA LEU D 43 -1.61 -53.93 13.32
C LEU D 43 -1.05 -52.85 14.24
N SER D 44 -1.09 -51.60 13.78
CA SER D 44 -0.58 -50.48 14.57
C SER D 44 -1.32 -50.37 15.90
N SER D 45 -2.64 -50.48 15.82
CA SER D 45 -3.48 -50.36 17.00
C SER D 45 -3.25 -51.53 17.98
N GLN D 46 -2.86 -52.69 17.45
CA GLN D 46 -2.59 -53.88 18.27
C GLN D 46 -1.27 -53.78 19.02
N VAL D 47 -0.26 -53.18 18.38
CA VAL D 47 1.05 -52.99 19.02
C VAL D 47 0.97 -51.94 20.12
N LEU D 48 0.18 -50.91 19.89
CA LEU D 48 -0.02 -49.85 20.87
C LEU D 48 -0.48 -50.40 22.23
N ILE D 49 -1.33 -51.44 22.23
CA ILE D 49 -1.83 -52.06 23.47
C ILE D 49 -1.11 -53.34 23.92
N ASP D 50 -0.06 -53.75 23.22
CA ASP D 50 0.63 -55.02 23.55
C ASP D 50 1.72 -54.83 24.61
N GLU D 51 1.58 -55.56 25.72
CA GLU D 51 2.50 -55.46 26.86
C GLU D 51 3.90 -55.99 26.55
N ASN D 52 3.99 -56.91 25.59
CA ASN D 52 5.26 -57.56 25.25
C ASN D 52 6.17 -56.73 24.35
N THR D 53 5.65 -55.64 23.78
CA THR D 53 6.45 -54.78 22.93
C THR D 53 7.11 -53.71 23.78
N LYS D 54 8.36 -53.38 23.45
CA LYS D 54 9.08 -52.28 24.09
C LYS D 54 8.30 -50.96 24.02
N LEU D 55 8.41 -50.18 25.08
CA LEU D 55 7.75 -48.88 25.20
C LEU D 55 7.87 -48.02 23.93
N GLU D 56 9.10 -47.89 23.45
CA GLU D 56 9.43 -47.01 22.35
C GLU D 56 8.67 -47.43 21.09
N GLY D 57 8.55 -48.74 20.90
CA GLY D 57 7.79 -49.29 19.77
C GLY D 57 6.31 -49.02 19.85
N ARG D 58 5.75 -49.04 21.05
CA ARG D 58 4.31 -48.86 21.19
C ARG D 58 3.95 -47.41 20.92
N ILE D 59 4.81 -46.51 21.40
CA ILE D 59 4.62 -45.09 21.17
C ILE D 59 4.66 -44.82 19.67
N LEU D 60 5.66 -45.40 18.99
CA LEU D 60 5.83 -45.23 17.57
C LEU D 60 4.62 -45.76 16.82
N ALA D 61 4.01 -46.82 17.33
CA ALA D 61 2.83 -47.40 16.68
C ALA D 61 1.70 -46.35 16.66
N ALA D 62 1.49 -45.70 17.81
CA ALA D 62 0.50 -44.62 17.87
C ALA D 62 0.85 -43.48 16.94
N LEU D 63 2.10 -43.02 17.02
CA LEU D 63 2.54 -41.85 16.27
C LEU D 63 2.49 -42.12 14.75
N THR D 64 2.95 -43.29 14.33
CA THR D 64 2.97 -43.61 12.91
C THR D 64 1.58 -43.78 12.31
N LEU D 65 0.65 -44.40 13.04
CA LEU D 65 -0.71 -44.42 12.51
C LEU D 65 -1.25 -43.00 12.48
N LYS D 66 -0.97 -42.20 13.51
CA LYS D 66 -1.46 -40.83 13.53
C LYS D 66 -0.98 -40.07 12.30
N ASN D 67 0.30 -40.24 11.97
CA ASN D 67 0.91 -39.57 10.82
C ASN D 67 0.44 -40.11 9.44
N GLU D 68 -0.44 -41.10 9.44
CA GLU D 68 -1.11 -41.55 8.23
C GLU D 68 -2.61 -41.18 8.29
N LEU D 69 -3.01 -40.47 9.34
CA LEU D 69 -4.39 -39.97 9.47
C LEU D 69 -4.47 -38.42 9.41
N VAL D 70 -3.36 -37.74 9.67
CA VAL D 70 -3.34 -36.27 9.79
C VAL D 70 -2.01 -35.72 9.25
N SER D 71 -2.03 -34.52 8.70
CA SER D 71 -0.84 -33.96 8.04
C SER D 71 -0.81 -32.44 8.07
N LYS D 72 0.39 -31.85 7.99
CA LYS D 72 0.55 -30.41 7.79
C LYS D 72 -0.05 -29.95 6.45
N ASP D 73 0.11 -30.78 5.43
CA ASP D 73 -0.34 -30.49 4.08
C ASP D 73 -1.84 -30.79 4.01
N SER D 74 -2.65 -29.79 3.68
CA SER D 74 -4.11 -29.97 3.68
C SER D 74 -4.63 -30.81 2.49
N VAL D 75 -3.84 -30.99 1.43
CA VAL D 75 -4.16 -31.97 0.36
C VAL D 75 -4.02 -33.41 0.88
N LYS D 76 -2.96 -33.68 1.63
CA LYS D 76 -2.74 -35.01 2.22
C LYS D 76 -3.79 -35.30 3.29
N THR D 77 -4.18 -34.25 4.01
CA THR D 77 -5.17 -34.35 5.05
C THR D 77 -6.48 -34.88 4.52
N GLN D 78 -6.91 -34.38 3.36
CA GLN D 78 -8.16 -34.85 2.75
C GLN D 78 -8.03 -36.28 2.24
N GLN D 79 -6.87 -36.66 1.70
CA GLN D 79 -6.66 -38.04 1.25
C GLN D 79 -6.68 -38.99 2.43
N PHE D 80 -6.04 -38.60 3.54
CA PHE D 80 -5.98 -39.46 4.74
C PHE D 80 -7.35 -39.62 5.37
N ALA D 81 -8.13 -38.55 5.43
CA ALA D 81 -9.48 -38.67 5.92
C ALA D 81 -10.28 -39.64 5.05
N GLN D 82 -10.23 -39.46 3.73
CA GLN D 82 -11.02 -40.29 2.83
C GLN D 82 -10.54 -41.76 2.84
N ARG D 83 -9.25 -41.98 3.04
CA ARG D 83 -8.73 -43.33 3.07
C ARG D 83 -9.24 -44.02 4.33
N TRP D 84 -9.23 -43.30 5.43
CA TRP D 84 -9.78 -43.84 6.66
C TRP D 84 -11.27 -44.14 6.50
N ILE D 85 -12.03 -43.17 6.01
CA ILE D 85 -13.48 -43.33 5.92
C ILE D 85 -13.89 -44.50 5.06
N THR D 86 -13.16 -44.73 3.96
CA THR D 86 -13.56 -45.67 2.90
C THR D 86 -12.86 -47.03 2.88
N GLN D 87 -11.58 -47.09 3.25
CA GLN D 87 -10.81 -48.35 3.17
C GLN D 87 -10.79 -49.17 4.43
N VAL D 88 -11.18 -48.59 5.55
CA VAL D 88 -11.09 -49.32 6.81
C VAL D 88 -12.50 -49.74 7.21
N SER D 89 -12.69 -51.04 7.36
CA SER D 89 -14.01 -51.59 7.64
C SER D 89 -14.58 -51.07 8.96
N PRO D 90 -15.92 -51.02 9.09
CA PRO D 90 -16.53 -50.60 10.36
C PRO D 90 -15.97 -51.40 11.54
N GLU D 91 -15.75 -52.71 11.33
CA GLU D 91 -15.24 -53.60 12.38
C GLU D 91 -13.82 -53.21 12.75
N ALA D 92 -13.00 -52.91 11.75
CA ALA D 92 -11.62 -52.51 11.97
C ALA D 92 -11.58 -51.16 12.62
N LYS D 93 -12.43 -50.24 12.15
CA LYS D 93 -12.51 -48.89 12.74
C LYS D 93 -12.83 -48.99 14.22
N ASN D 94 -13.80 -49.84 14.52
CA ASN D 94 -14.22 -50.03 15.89
C ASN D 94 -13.11 -50.61 16.78
N GLN D 95 -12.37 -51.59 16.29
CA GLN D 95 -11.30 -52.19 17.06
C GLN D 95 -10.21 -51.14 17.29
N ILE D 96 -9.82 -50.43 16.21
CA ILE D 96 -8.77 -49.43 16.29
C ILE D 96 -9.14 -48.37 17.34
N LYS D 97 -10.36 -47.86 17.27
CA LYS D 97 -10.79 -46.87 18.23
C LYS D 97 -10.78 -47.41 19.64
N THR D 98 -11.33 -48.61 19.81
CA THR D 98 -11.36 -49.27 21.12
C THR D 98 -9.95 -49.42 21.65
N ASN D 99 -9.00 -49.84 20.81
CA ASN D 99 -7.62 -49.98 21.28
C ASN D 99 -7.03 -48.63 21.63
N ALA D 100 -7.42 -47.58 20.91
CA ALA D 100 -6.90 -46.26 21.20
C ALA D 100 -7.39 -45.80 22.57
N LEU D 101 -8.67 -45.98 22.87
CA LEU D 101 -9.22 -45.61 24.18
C LEU D 101 -8.67 -46.45 25.32
N THR D 102 -8.22 -47.66 25.02
CA THR D 102 -7.57 -48.53 26.01
C THR D 102 -6.17 -47.99 26.30
N ALA D 103 -5.42 -47.68 25.25
CA ALA D 103 -4.10 -47.09 25.46
C ALA D 103 -4.24 -45.80 26.26
N LEU D 104 -5.27 -44.99 25.96
CA LEU D 104 -5.48 -43.69 26.62
C LEU D 104 -5.46 -43.80 28.15
N VAL D 105 -5.99 -44.91 28.68
CA VAL D 105 -6.08 -45.10 30.13
C VAL D 105 -4.91 -45.96 30.62
N SER D 106 -3.90 -46.18 29.77
CA SER D 106 -2.73 -46.94 30.17
C SER D 106 -2.14 -46.24 31.37
N ILE D 107 -1.64 -47.07 32.26
CA ILE D 107 -1.03 -46.59 33.48
C ILE D 107 0.38 -46.01 33.15
N GLU D 108 0.86 -46.22 31.91
CA GLU D 108 2.07 -45.55 31.43
C GLU D 108 1.73 -44.21 30.76
N PRO D 109 2.18 -43.07 31.33
CA PRO D 109 1.77 -41.75 30.79
C PRO D 109 2.15 -41.49 29.33
N ARG D 110 3.32 -41.99 28.92
CA ARG D 110 3.78 -41.73 27.56
C ARG D 110 2.99 -42.50 26.50
N ILE D 111 2.45 -43.65 26.87
CA ILE D 111 1.55 -44.37 25.99
C ILE D 111 0.25 -43.58 25.93
N ALA D 112 -0.28 -43.21 27.08
CA ALA D 112 -1.52 -42.42 27.13
C ALA D 112 -1.43 -41.13 26.29
N ASN D 113 -0.30 -40.43 26.37
CA ASN D 113 -0.12 -39.20 25.58
C ASN D 113 -0.20 -39.49 24.10
N ALA D 114 0.50 -40.54 23.65
CA ALA D 114 0.55 -40.88 22.23
C ALA D 114 -0.83 -41.31 21.76
N ALA D 115 -1.54 -42.04 22.63
CA ALA D 115 -2.93 -42.41 22.35
C ALA D 115 -3.78 -41.14 22.16
N ALA D 116 -3.57 -40.17 23.03
CA ALA D 116 -4.32 -38.92 22.92
C ALA D 116 -4.18 -38.29 21.52
N GLN D 117 -2.97 -38.32 20.97
CA GLN D 117 -2.76 -37.75 19.63
C GLN D 117 -3.54 -38.57 18.59
N LEU D 118 -3.46 -39.89 18.72
CA LEU D 118 -4.17 -40.78 17.80
C LEU D 118 -5.69 -40.55 17.88
N ILE D 119 -6.22 -40.41 19.09
CA ILE D 119 -7.62 -40.11 19.24
C ILE D 119 -7.99 -38.78 18.62
N ALA D 120 -7.16 -37.75 18.83
CA ALA D 120 -7.45 -36.46 18.20
C ALA D 120 -7.51 -36.62 16.68
N ALA D 121 -6.55 -37.35 16.11
CA ALA D 121 -6.47 -37.52 14.64
C ALA D 121 -7.74 -38.17 14.09
N ILE D 122 -8.10 -39.30 14.67
CA ILE D 122 -9.34 -39.96 14.29
C ILE D 122 -10.53 -39.00 14.45
N ALA D 123 -10.61 -38.32 15.59
CA ALA D 123 -11.73 -37.41 15.84
C ALA D 123 -11.79 -36.28 14.80
N ASP D 124 -10.63 -35.78 14.33
CA ASP D 124 -10.62 -34.74 13.28
C ASP D 124 -11.31 -35.23 12.01
N ILE D 125 -11.16 -36.51 11.70
CA ILE D 125 -11.75 -37.10 10.48
C ILE D 125 -13.23 -37.38 10.68
N GLU D 126 -13.58 -37.92 11.84
CA GLU D 126 -14.92 -38.47 12.03
C GLU D 126 -15.98 -37.51 12.57
N LEU D 127 -15.60 -36.64 13.51
CA LEU D 127 -16.59 -35.78 14.18
C LEU D 127 -17.37 -34.88 13.22
N PRO D 128 -16.72 -34.35 12.16
CA PRO D 128 -17.50 -33.61 11.14
C PRO D 128 -18.54 -34.47 10.40
N HIS D 129 -18.20 -35.71 10.04
CA HIS D 129 -19.14 -36.61 9.34
C HIS D 129 -20.20 -37.22 10.27
N GLY D 130 -20.14 -36.89 11.55
CA GLY D 130 -21.06 -37.46 12.54
C GLY D 130 -20.81 -38.93 12.83
N ALA D 131 -19.71 -39.47 12.31
CA ALA D 131 -19.24 -40.79 12.73
C ALA D 131 -18.68 -40.60 14.15
N TRP D 132 -18.27 -41.68 14.79
CA TRP D 132 -17.89 -41.66 16.21
C TRP D 132 -18.73 -40.74 17.10
N PRO D 133 -20.05 -40.95 17.13
CA PRO D 133 -20.87 -40.06 17.97
C PRO D 133 -20.81 -40.43 19.45
N GLU D 134 -20.15 -41.53 19.79
CA GLU D 134 -19.97 -41.94 21.19
C GLU D 134 -18.85 -41.16 21.88
N LEU D 135 -17.91 -40.63 21.09
CA LEU D 135 -16.66 -40.09 21.65
C LEU D 135 -16.87 -38.94 22.63
N MET D 136 -17.67 -37.95 22.25
CA MET D 136 -17.86 -36.74 23.08
C MET D 136 -18.38 -37.07 24.48
N LYS D 137 -19.31 -38.02 24.55
CA LYS D 137 -19.83 -38.47 25.84
C LYS D 137 -18.75 -39.14 26.70
N ILE D 138 -17.93 -40.00 26.07
CA ILE D 138 -16.85 -40.72 26.76
C ILE D 138 -15.81 -39.76 27.37
N MET D 139 -15.42 -38.74 26.60
CA MET D 139 -14.44 -37.75 27.04
C MET D 139 -14.99 -36.94 28.23
N VAL D 140 -16.22 -36.43 28.11
CA VAL D 140 -16.85 -35.68 29.19
C VAL D 140 -17.01 -36.54 30.44
N ASP D 141 -17.44 -37.78 30.28
CA ASP D 141 -17.53 -38.71 31.41
C ASP D 141 -16.15 -38.96 32.03
N ASN D 142 -15.12 -39.15 31.20
CA ASN D 142 -13.75 -39.37 31.72
C ASN D 142 -13.18 -38.20 32.52
N THR D 143 -13.71 -37.00 32.34
CA THR D 143 -13.22 -35.82 33.04
C THR D 143 -14.00 -35.50 34.32
N GLY D 144 -15.05 -36.27 34.61
CA GLY D 144 -15.79 -36.15 35.87
C GLY D 144 -14.83 -36.21 37.05
N ALA D 145 -15.11 -35.44 38.10
CA ALA D 145 -14.16 -35.29 39.23
C ALA D 145 -13.81 -36.62 39.93
N GLU D 146 -14.75 -37.56 39.94
CA GLU D 146 -14.56 -38.84 40.63
C GLU D 146 -13.70 -39.87 39.88
N GLN D 147 -13.47 -39.66 38.58
CA GLN D 147 -12.64 -40.58 37.76
C GLN D 147 -11.19 -40.60 38.25
N PRO D 148 -10.46 -41.70 37.98
CA PRO D 148 -9.05 -41.72 38.40
C PRO D 148 -8.22 -40.60 37.75
N GLU D 149 -7.19 -40.14 38.45
CA GLU D 149 -6.34 -39.03 38.00
C GLU D 149 -5.87 -39.21 36.54
N ASN D 150 -5.21 -40.33 36.25
CA ASN D 150 -4.67 -40.54 34.91
C ASN D 150 -5.71 -40.44 33.80
N VAL D 151 -6.94 -40.89 34.07
CA VAL D 151 -8.04 -40.87 33.10
C VAL D 151 -8.49 -39.43 32.84
N LYS D 152 -8.61 -38.63 33.89
CA LYS D 152 -8.99 -37.22 33.74
C LYS D 152 -7.94 -36.44 32.92
N ARG D 153 -6.67 -36.70 33.21
CA ARG D 153 -5.57 -35.95 32.62
C ARG D 153 -5.44 -36.25 31.13
N ALA D 154 -5.33 -37.54 30.81
CA ALA D 154 -5.24 -37.98 29.41
C ALA D 154 -6.48 -37.55 28.58
N SER D 155 -7.65 -37.55 29.18
CA SER D 155 -8.85 -37.14 28.46
C SER D 155 -8.89 -35.62 28.25
N LEU D 156 -8.48 -34.84 29.25
CA LEU D 156 -8.36 -33.40 29.05
C LEU D 156 -7.33 -33.10 27.96
N LEU D 157 -6.22 -33.84 27.95
CA LEU D 157 -5.18 -33.67 26.93
C LEU D 157 -5.76 -33.92 25.54
N ALA D 158 -6.41 -35.07 25.38
CA ALA D 158 -7.05 -35.43 24.13
C ALA D 158 -8.09 -34.39 23.70
N LEU D 159 -8.94 -33.95 24.63
CA LEU D 159 -9.95 -32.94 24.29
C LEU D 159 -9.28 -31.69 23.74
N GLY D 160 -8.16 -31.30 24.35
CA GLY D 160 -7.36 -30.18 23.90
C GLY D 160 -6.80 -30.39 22.50
N TYR D 161 -6.20 -31.55 22.26
CA TYR D 161 -5.66 -31.88 20.92
C TYR D 161 -6.75 -31.85 19.85
N MET D 162 -7.91 -32.38 20.23
CA MET D 162 -9.08 -32.53 19.38
C MET D 162 -9.60 -31.16 18.97
N CYS D 163 -9.64 -30.23 19.93
CA CYS D 163 -10.18 -28.89 19.71
C CYS D 163 -9.26 -28.02 18.84
N GLU D 164 -7.97 -28.00 19.13
CA GLU D 164 -7.08 -27.10 18.38
C GLU D 164 -6.84 -27.53 16.94
N SER D 165 -7.38 -28.68 16.55
CA SER D 165 -7.04 -29.29 15.28
C SER D 165 -8.17 -29.25 14.25
N ALA D 166 -9.41 -29.09 14.71
CA ALA D 166 -10.58 -29.08 13.80
C ALA D 166 -10.70 -27.77 13.03
N ASN D 179 -21.20 -30.44 26.15
CA ASN D 179 -20.41 -29.22 25.97
C ASN D 179 -18.92 -29.48 26.29
N ILE D 180 -18.07 -29.24 25.30
CA ILE D 180 -16.62 -29.41 25.42
C ILE D 180 -16.01 -28.37 26.36
N LEU D 181 -16.53 -27.15 26.28
CA LEU D 181 -16.06 -26.04 27.11
C LEU D 181 -16.28 -26.30 28.60
N ILE D 182 -17.48 -26.80 28.94
CA ILE D 182 -17.80 -27.06 30.35
C ILE D 182 -16.89 -28.15 30.87
N ALA D 183 -16.66 -29.19 30.04
CA ALA D 183 -15.72 -30.24 30.40
C ALA D 183 -14.35 -29.71 30.80
N ILE D 184 -13.78 -28.85 29.95
CA ILE D 184 -12.42 -28.35 30.17
C ILE D 184 -12.36 -27.36 31.34
N VAL D 185 -13.30 -26.41 31.34
CA VAL D 185 -13.31 -25.37 32.37
C VAL D 185 -13.48 -25.98 33.76
N GLN D 186 -14.31 -27.03 33.85
CA GLN D 186 -14.49 -27.72 35.13
C GLN D 186 -13.20 -28.36 35.64
N GLY D 187 -12.41 -28.98 34.76
CA GLY D 187 -11.10 -29.53 35.15
C GLY D 187 -10.12 -28.49 35.67
N ALA D 188 -10.42 -27.19 35.42
CA ALA D 188 -9.60 -26.08 35.90
C ALA D 188 -10.10 -25.44 37.20
N GLN D 189 -11.19 -25.94 37.78
CA GLN D 189 -11.79 -25.36 39.01
C GLN D 189 -10.83 -25.41 40.21
N SER D 190 -11.00 -24.46 41.15
CA SER D 190 -10.28 -24.45 42.44
C SER D 190 -10.41 -25.79 43.19
N THR D 191 -11.57 -26.43 43.00
CA THR D 191 -11.98 -27.63 43.73
C THR D 191 -11.29 -28.92 43.25
N GLU D 192 -10.63 -28.87 42.11
CA GLU D 192 -9.90 -30.02 41.57
C GLU D 192 -8.63 -30.34 42.39
N THR D 193 -8.57 -31.55 42.94
CA THR D 193 -7.48 -31.97 43.81
C THR D 193 -6.12 -32.07 43.14
N SER D 194 -6.13 -32.55 41.90
CA SER D 194 -4.91 -32.96 41.20
C SER D 194 -4.31 -31.82 40.36
N LYS D 195 -3.03 -31.52 40.61
CA LYS D 195 -2.36 -30.48 39.85
C LYS D 195 -2.19 -30.88 38.37
N ALA D 196 -1.83 -32.15 38.12
CA ALA D 196 -1.68 -32.67 36.75
C ALA D 196 -2.94 -32.48 35.89
N VAL D 197 -4.11 -32.59 36.53
CA VAL D 197 -5.39 -32.38 35.85
C VAL D 197 -5.69 -30.90 35.58
N ARG D 198 -5.36 -30.04 36.53
CA ARG D 198 -5.54 -28.61 36.34
C ARG D 198 -4.60 -28.09 35.26
N LEU D 199 -3.37 -28.59 35.25
CA LEU D 199 -2.45 -28.26 34.17
C LEU D 199 -3.02 -28.63 32.83
N ALA D 200 -3.44 -29.90 32.73
CA ALA D 200 -4.04 -30.42 31.52
C ALA D 200 -5.21 -29.54 31.08
N ALA D 201 -6.03 -29.12 32.04
CA ALA D 201 -7.24 -28.37 31.73
C ALA D 201 -6.89 -26.99 31.19
N LEU D 202 -6.00 -26.31 31.89
CA LEU D 202 -5.61 -24.97 31.50
C LEU D 202 -4.90 -25.02 30.13
N ASN D 203 -4.10 -26.06 29.90
CA ASN D 203 -3.41 -26.22 28.61
C ASN D 203 -4.38 -26.53 27.48
N ALA D 204 -5.39 -27.36 27.77
CA ALA D 204 -6.42 -27.71 26.79
C ALA D 204 -7.26 -26.47 26.48
N LEU D 205 -7.50 -25.67 27.52
CA LEU D 205 -8.23 -24.43 27.37
C LEU D 205 -7.50 -23.48 26.43
N ALA D 206 -6.18 -23.35 26.62
CA ALA D 206 -5.34 -22.54 25.74
C ALA D 206 -5.37 -23.07 24.29
N ASP D 207 -5.23 -24.39 24.13
CA ASP D 207 -5.32 -25.02 22.83
C ASP D 207 -6.68 -24.77 22.17
N SER D 208 -7.72 -24.55 22.97
CA SER D 208 -9.08 -24.52 22.43
C SER D 208 -9.66 -23.12 22.18
N LEU D 209 -8.86 -22.08 22.42
CA LEU D 209 -9.37 -20.72 22.44
C LEU D 209 -9.92 -20.21 21.08
N ILE D 210 -9.36 -20.68 19.97
CA ILE D 210 -9.88 -20.32 18.64
C ILE D 210 -11.18 -21.06 18.34
N PHE D 211 -11.22 -22.33 18.67
CA PHE D 211 -12.41 -23.15 18.49
C PHE D 211 -13.65 -22.63 19.25
N ILE D 212 -13.45 -22.09 20.46
CA ILE D 212 -14.58 -21.66 21.32
C ILE D 212 -14.98 -20.18 21.17
N LYS D 213 -14.67 -19.61 20.01
CA LYS D 213 -14.99 -18.24 19.63
C LYS D 213 -16.45 -17.80 19.83
N ASN D 214 -17.41 -18.60 19.35
CA ASN D 214 -18.83 -18.30 19.56
C ASN D 214 -19.21 -18.31 21.05
N ASN D 215 -18.53 -19.16 21.83
CA ASN D 215 -18.74 -19.22 23.28
C ASN D 215 -18.20 -17.97 23.96
N MET D 216 -17.02 -17.56 23.50
CA MET D 216 -16.39 -16.37 24.06
C MET D 216 -17.20 -15.13 23.74
N GLU D 217 -17.95 -15.14 22.66
CA GLU D 217 -18.81 -14.00 22.30
C GLU D 217 -20.17 -13.98 23.03
N ARG D 218 -20.44 -14.96 23.90
CA ARG D 218 -21.58 -14.92 24.82
C ARG D 218 -21.11 -14.49 26.21
N GLU D 219 -21.53 -13.31 26.64
CA GLU D 219 -21.08 -12.77 27.91
C GLU D 219 -21.09 -13.78 29.07
N GLY D 220 -22.20 -14.51 29.23
CA GLY D 220 -22.33 -15.44 30.33
C GLY D 220 -21.23 -16.48 30.37
N GLU D 221 -20.98 -17.10 29.22
CA GLU D 221 -19.94 -18.12 29.12
C GLU D 221 -18.56 -17.50 29.29
N ARG D 222 -18.37 -16.30 28.72
CA ARG D 222 -17.11 -15.56 28.83
C ARG D 222 -16.78 -15.16 30.27
N ASN D 223 -17.76 -14.61 30.99
CA ASN D 223 -17.56 -14.17 32.38
C ASN D 223 -17.13 -15.33 33.25
N TYR D 224 -17.75 -16.46 33.01
CA TYR D 224 -17.51 -17.65 33.77
C TYR D 224 -16.08 -18.14 33.53
N LEU D 225 -15.69 -18.23 32.26
CA LEU D 225 -14.35 -18.65 31.88
C LEU D 225 -13.27 -17.72 32.43
N MET D 226 -13.50 -16.39 32.38
CA MET D 226 -12.51 -15.42 32.88
C MET D 226 -12.36 -15.58 34.37
N GLN D 227 -13.48 -15.81 35.06
CA GLN D 227 -13.45 -15.99 36.50
C GLN D 227 -12.62 -17.20 36.89
N VAL D 228 -12.74 -18.29 36.16
CA VAL D 228 -11.99 -19.49 36.49
C VAL D 228 -10.51 -19.35 36.17
N VAL D 229 -10.19 -18.76 35.04
CA VAL D 229 -8.79 -18.54 34.70
C VAL D 229 -8.12 -17.58 35.70
N CYS D 230 -8.81 -16.52 36.11
CA CYS D 230 -8.24 -15.59 37.09
C CYS D 230 -8.02 -16.22 38.46
N GLU D 231 -8.93 -17.09 38.89
CA GLU D 231 -8.71 -17.84 40.12
C GLU D 231 -7.41 -18.63 40.02
N ALA D 232 -7.23 -19.26 38.87
CA ALA D 232 -6.14 -20.17 38.62
C ALA D 232 -4.79 -19.47 38.75
N THR D 233 -4.76 -18.17 38.45
CA THR D 233 -3.52 -17.40 38.56
C THR D 233 -3.09 -17.24 40.00
N GLN D 234 -4.05 -17.37 40.92
CA GLN D 234 -3.78 -17.24 42.36
C GLN D 234 -3.64 -18.61 43.03
N ALA D 235 -3.43 -19.67 42.24
CA ALA D 235 -3.25 -21.01 42.82
C ALA D 235 -1.96 -21.08 43.61
N GLU D 236 -1.91 -22.02 44.56
CA GLU D 236 -0.67 -22.35 45.28
C GLU D 236 0.42 -22.77 44.31
N ASP D 237 0.08 -23.72 43.43
CA ASP D 237 1.05 -24.34 42.54
C ASP D 237 1.54 -23.42 41.42
N ILE D 238 2.86 -23.31 41.33
CA ILE D 238 3.55 -22.42 40.42
C ILE D 238 3.25 -22.75 38.94
N GLU D 239 3.20 -24.04 38.61
CA GLU D 239 2.95 -24.46 37.23
C GLU D 239 1.49 -24.23 36.82
N VAL D 240 0.59 -24.21 37.80
CA VAL D 240 -0.81 -23.89 37.54
C VAL D 240 -0.93 -22.40 37.28
N GLN D 241 -0.27 -21.60 38.11
CA GLN D 241 -0.18 -20.16 37.89
C GLN D 241 0.35 -19.88 36.50
N ALA D 242 1.49 -20.48 36.15
CA ALA D 242 2.08 -20.29 34.83
C ALA D 242 1.06 -20.48 33.74
N ALA D 243 0.37 -21.61 33.80
CA ALA D 243 -0.59 -21.98 32.79
C ALA D 243 -1.78 -21.03 32.75
N ALA D 244 -2.16 -20.48 33.90
CA ALA D 244 -3.26 -19.54 33.95
C ALA D 244 -2.88 -18.28 33.18
N PHE D 245 -1.73 -17.71 33.53
CA PHE D 245 -1.23 -16.52 32.85
C PHE D 245 -1.03 -16.83 31.37
N GLY D 246 -0.60 -18.04 31.06
CA GLY D 246 -0.54 -18.50 29.68
C GLY D 246 -1.85 -18.30 28.95
N CYS D 247 -2.95 -18.73 29.57
CA CYS D 247 -4.29 -18.51 29.00
C CYS D 247 -4.65 -17.05 28.87
N LEU D 248 -4.38 -16.26 29.92
CA LEU D 248 -4.68 -14.83 29.91
C LEU D 248 -4.01 -14.16 28.72
N CYS D 249 -2.73 -14.43 28.51
CA CYS D 249 -2.02 -13.84 27.36
C CYS D 249 -2.74 -14.18 26.06
N LYS D 250 -3.05 -15.46 25.87
CA LYS D 250 -3.74 -15.86 24.66
C LYS D 250 -5.10 -15.18 24.57
N ILE D 251 -5.88 -15.23 25.65
CA ILE D 251 -7.20 -14.58 25.66
C ILE D 251 -7.03 -13.11 25.40
N MET D 252 -6.07 -12.48 26.08
CA MET D 252 -5.85 -11.05 25.87
C MET D 252 -5.50 -10.76 24.41
N SER D 253 -4.71 -11.62 23.77
CA SER D 253 -4.32 -11.34 22.39
C SER D 253 -5.41 -11.69 21.35
N LYS D 254 -6.26 -12.67 21.64
CA LYS D 254 -7.36 -13.06 20.71
C LYS D 254 -8.62 -12.24 20.94
N TYR D 255 -8.91 -11.93 22.20
CA TYR D 255 -10.19 -11.36 22.58
C TYR D 255 -10.04 -10.05 23.36
N TYR D 256 -8.97 -9.33 23.02
CA TYR D 256 -8.71 -7.99 23.53
C TYR D 256 -9.98 -7.12 23.61
N THR D 257 -10.78 -7.23 22.56
CA THR D 257 -11.92 -6.38 22.40
C THR D 257 -12.91 -6.51 23.58
N PHE D 258 -12.93 -7.67 24.23
CA PHE D 258 -13.82 -7.89 25.37
C PHE D 258 -13.16 -7.71 26.74
N MET D 259 -11.93 -7.22 26.79
CA MET D 259 -11.17 -7.24 28.05
C MET D 259 -11.34 -6.09 29.03
N LYS D 260 -11.92 -4.97 28.62
CA LYS D 260 -12.01 -3.80 29.50
C LYS D 260 -12.75 -4.08 30.82
N PRO D 261 -13.95 -4.69 30.75
CA PRO D 261 -14.61 -4.98 32.03
C PRO D 261 -13.76 -5.82 33.01
N TYR D 262 -13.04 -6.83 32.54
CA TYR D 262 -12.31 -7.72 33.46
C TYR D 262 -11.05 -7.06 33.99
N MET D 263 -10.40 -6.26 33.14
CA MET D 263 -9.24 -5.49 33.58
C MET D 263 -9.63 -4.57 34.75
N GLU D 264 -10.76 -3.90 34.61
CA GLU D 264 -11.27 -3.02 35.65
C GLU D 264 -11.79 -3.73 36.92
N GLN D 265 -12.55 -4.83 36.76
CA GLN D 265 -13.07 -5.59 37.93
C GLN D 265 -11.90 -6.04 38.85
N ALA D 266 -10.83 -6.58 38.28
CA ALA D 266 -9.88 -7.34 39.08
C ALA D 266 -8.55 -7.65 38.40
N LEU D 267 -8.56 -7.92 37.10
CA LEU D 267 -7.35 -8.30 36.37
C LEU D 267 -6.18 -7.33 36.58
N TYR D 268 -6.49 -6.05 36.46
CA TYR D 268 -5.47 -5.02 36.61
C TYR D 268 -4.80 -5.12 37.97
N ALA D 269 -5.59 -5.04 39.04
CA ALA D 269 -5.04 -5.06 40.39
C ALA D 269 -4.32 -6.36 40.74
N LEU D 270 -4.70 -7.50 40.17
CA LEU D 270 -4.00 -8.74 40.52
C LEU D 270 -2.70 -8.92 39.76
N THR D 271 -2.63 -8.48 38.51
CA THR D 271 -1.36 -8.56 37.77
C THR D 271 -0.31 -7.60 38.35
N ILE D 272 -0.74 -6.41 38.82
CA ILE D 272 0.16 -5.49 39.53
C ILE D 272 0.71 -6.13 40.80
N ALA D 273 -0.16 -6.76 41.59
CA ALA D 273 0.29 -7.43 42.82
C ALA D 273 1.27 -8.57 42.49
N THR D 274 0.92 -9.44 41.54
CA THR D 274 1.75 -10.59 41.16
C THR D 274 3.14 -10.21 40.63
N MET D 275 3.26 -9.01 40.08
CA MET D 275 4.50 -8.52 39.52
C MET D 275 5.59 -8.26 40.59
N LYS D 276 5.17 -7.99 41.82
CA LYS D 276 6.10 -7.86 42.96
C LYS D 276 6.52 -9.20 43.55
N SER D 277 6.01 -10.31 43.02
CA SER D 277 6.20 -11.60 43.67
C SER D 277 7.67 -11.87 43.92
N PRO D 278 8.03 -12.37 45.12
CA PRO D 278 9.41 -12.78 45.37
C PRO D 278 9.81 -14.03 44.57
N ASN D 279 8.84 -14.71 43.98
CA ASN D 279 9.13 -15.80 43.07
C ASN D 279 9.38 -15.25 41.68
N ASP D 280 10.54 -15.60 41.08
CA ASP D 280 10.93 -15.11 39.74
C ASP D 280 9.97 -15.55 38.63
N LYS D 281 9.61 -16.83 38.65
CA LYS D 281 8.78 -17.39 37.57
C LYS D 281 7.40 -16.75 37.57
N VAL D 282 6.91 -16.39 38.76
CA VAL D 282 5.59 -15.75 38.88
C VAL D 282 5.63 -14.32 38.34
N ALA D 283 6.71 -13.60 38.66
CA ALA D 283 6.89 -12.25 38.14
C ALA D 283 7.00 -12.26 36.61
N SER D 284 7.74 -13.22 36.06
CA SER D 284 7.87 -13.34 34.60
C SER D 284 6.53 -13.47 33.91
N MET D 285 5.65 -14.31 34.47
CA MET D 285 4.38 -14.60 33.83
C MET D 285 3.65 -13.31 33.67
N THR D 286 3.65 -12.52 34.73
CA THR D 286 2.86 -11.33 34.75
C THR D 286 3.52 -10.29 33.83
N VAL D 287 4.85 -10.28 33.77
CA VAL D 287 5.56 -9.43 32.79
C VAL D 287 5.19 -9.82 31.36
N GLU D 288 5.13 -11.11 31.09
CA GLU D 288 4.65 -11.61 29.80
C GLU D 288 3.30 -11.03 29.39
N PHE D 289 2.36 -11.03 30.33
CA PHE D 289 1.01 -10.54 30.10
C PHE D 289 1.05 -9.06 29.71
N TRP D 290 1.83 -8.27 30.45
CA TRP D 290 1.95 -6.86 30.12
C TRP D 290 2.67 -6.61 28.80
N SER D 291 3.63 -7.44 28.41
CA SER D 291 4.24 -7.31 27.06
C SER D 291 3.20 -7.54 25.97
N THR D 292 2.40 -8.58 26.15
CA THR D 292 1.32 -8.91 25.23
C THR D 292 0.38 -7.69 25.09
N ILE D 293 0.00 -7.10 26.22
CA ILE D 293 -0.88 -5.93 26.18
C ILE D 293 -0.21 -4.80 25.40
N CYS D 294 1.07 -4.53 25.70
CA CYS D 294 1.82 -3.48 24.99
C CYS D 294 1.88 -3.78 23.52
N GLU D 295 2.23 -5.02 23.19
CA GLU D 295 2.43 -5.42 21.80
C GLU D 295 1.13 -5.25 20.99
N GLU D 296 0.02 -5.69 21.59
CA GLU D 296 -1.29 -5.51 20.99
C GLU D 296 -1.59 -4.05 20.73
N GLU D 297 -1.35 -3.21 21.73
CA GLU D 297 -1.72 -1.81 21.62
C GLU D 297 -0.85 -1.07 20.61
N ILE D 298 0.41 -1.48 20.49
CA ILE D 298 1.31 -0.98 19.43
C ILE D 298 0.71 -1.35 18.08
N ASP D 299 0.34 -2.63 17.94
CA ASP D 299 -0.26 -3.15 16.70
C ASP D 299 -1.56 -2.45 16.39
N ILE D 300 -2.40 -2.24 17.40
CA ILE D 300 -3.66 -1.57 17.18
C ILE D 300 -3.40 -0.15 16.65
N ALA D 301 -2.42 0.53 17.22
CA ALA D 301 -2.13 1.89 16.83
C ALA D 301 -1.67 1.95 15.36
N TYR D 302 -0.93 0.94 14.89
CA TYR D 302 -0.52 0.85 13.47
C TYR D 302 -1.71 0.64 12.55
N GLU D 303 -2.55 -0.32 12.92
CA GLU D 303 -3.79 -0.59 12.19
C GLU D 303 -4.69 0.65 12.10
N LEU D 304 -4.86 1.34 13.24
CA LEU D 304 -5.71 2.53 13.29
C LEU D 304 -5.15 3.70 12.46
N ALA D 305 -3.84 3.73 12.26
CA ALA D 305 -3.23 4.78 11.42
C ALA D 305 -3.52 4.50 9.96
N GLN D 306 -3.53 3.23 9.59
CA GLN D 306 -3.85 2.81 8.24
C GLN D 306 -5.35 2.76 7.98
N PHE D 307 -6.16 2.58 9.03
CA PHE D 307 -7.64 2.57 8.91
C PHE D 307 -8.22 3.44 10.03
N PRO D 308 -8.28 4.77 9.80
CA PRO D 308 -8.73 5.66 10.87
C PRO D 308 -10.19 5.48 11.23
N GLN D 309 -10.98 4.91 10.32
CA GLN D 309 -12.40 4.67 10.61
C GLN D 309 -12.65 3.25 11.07
N SER D 310 -11.60 2.55 11.50
CA SER D 310 -11.76 1.21 12.05
C SER D 310 -12.70 1.23 13.25
N PRO D 311 -13.61 0.25 13.32
CA PRO D 311 -14.43 0.06 14.52
C PRO D 311 -13.62 -0.37 15.76
N LEU D 312 -12.39 -0.84 15.54
CA LEU D 312 -11.49 -1.30 16.59
C LEU D 312 -11.02 -0.15 17.49
N GLN D 313 -11.16 -0.33 18.82
CA GLN D 313 -10.79 0.71 19.79
C GLN D 313 -9.63 0.19 20.64
N SER D 314 -8.62 1.03 20.86
CA SER D 314 -7.68 0.77 21.94
C SER D 314 -8.30 1.16 23.29
N TYR D 315 -8.04 0.35 24.31
CA TYR D 315 -8.42 0.68 25.69
C TYR D 315 -7.24 1.24 26.46
N ASN D 316 -6.13 1.47 25.76
CA ASN D 316 -4.93 2.05 26.35
C ASN D 316 -4.57 1.49 27.73
N PHE D 317 -4.61 0.17 27.90
CA PHE D 317 -4.27 -0.45 29.18
C PHE D 317 -2.85 -0.07 29.62
N ALA D 318 -1.87 -0.21 28.73
CA ALA D 318 -0.47 0.04 29.09
C ALA D 318 -0.33 1.46 29.62
N LEU D 319 -0.72 2.41 28.78
CA LEU D 319 -0.73 3.85 29.10
C LEU D 319 -1.31 4.18 30.48
N SER D 320 -2.45 3.58 30.81
CA SER D 320 -3.10 3.76 32.12
C SER D 320 -2.30 3.17 33.27
N SER D 321 -1.50 2.15 32.97
CA SER D 321 -0.84 1.36 34.00
C SER D 321 0.49 1.88 34.47
N ILE D 322 1.04 2.89 33.79
CA ILE D 322 2.42 3.37 34.07
C ILE D 322 2.70 3.56 35.57
N LYS D 323 1.87 4.34 36.27
CA LYS D 323 1.99 4.53 37.73
C LYS D 323 2.46 3.28 38.44
N ASP D 324 1.83 2.16 38.09
CA ASP D 324 1.96 0.90 38.81
C ASP D 324 2.98 -0.06 38.17
N VAL D 325 2.82 -0.29 36.87
CA VAL D 325 3.61 -1.31 36.17
C VAL D 325 5.08 -0.92 36.04
N VAL D 326 5.34 0.34 35.71
CA VAL D 326 6.70 0.71 35.39
C VAL D 326 7.65 0.64 36.61
N PRO D 327 7.26 1.22 37.76
CA PRO D 327 8.10 1.01 38.95
C PRO D 327 8.36 -0.46 39.30
N ASN D 328 7.37 -1.33 39.10
CA ASN D 328 7.52 -2.76 39.39
C ASN D 328 8.48 -3.40 38.40
N LEU D 329 8.37 -3.04 37.12
CA LEU D 329 9.30 -3.54 36.11
C LEU D 329 10.73 -3.14 36.46
N LEU D 330 10.91 -1.85 36.80
CA LEU D 330 12.23 -1.33 37.13
C LEU D 330 12.81 -2.09 38.31
N ASN D 331 11.99 -2.40 39.31
CA ASN D 331 12.46 -3.19 40.47
C ASN D 331 12.93 -4.58 40.04
N LEU D 332 12.26 -5.16 39.05
CA LEU D 332 12.66 -6.47 38.51
C LEU D 332 13.99 -6.46 37.77
N LEU D 333 14.48 -5.29 37.38
CA LEU D 333 15.80 -5.19 36.72
C LEU D 333 16.93 -5.61 37.65
N THR D 334 16.75 -5.48 38.96
CA THR D 334 17.78 -5.84 39.94
C THR D 334 17.79 -7.33 40.31
N ARG D 335 17.17 -8.17 39.48
CA ARG D 335 17.23 -9.62 39.69
C ARG D 335 18.08 -10.24 38.60
N GLN D 336 19.22 -9.64 38.33
CA GLN D 336 20.13 -10.15 37.29
C GLN D 336 20.66 -11.49 37.79
N ASN D 337 21.26 -12.27 36.90
CA ASN D 337 22.03 -13.43 37.34
C ASN D 337 23.45 -13.03 37.76
N GLU D 338 23.88 -13.51 38.94
CA GLU D 338 25.28 -13.32 39.46
C GLU D 338 26.37 -13.84 38.53
N ASP D 339 26.13 -15.03 37.97
CA ASP D 339 27.14 -15.74 37.22
C ASP D 339 27.31 -15.15 35.80
N PRO D 340 28.49 -14.55 35.50
CA PRO D 340 28.76 -13.99 34.17
C PRO D 340 28.73 -14.99 33.01
N GLU D 341 28.85 -16.27 33.33
CA GLU D 341 28.87 -17.32 32.31
C GLU D 341 27.48 -17.87 31.99
N ASP D 342 26.47 -17.44 32.75
CA ASP D 342 25.10 -17.85 32.50
C ASP D 342 24.45 -16.89 31.50
N ASP D 343 24.06 -17.43 30.34
CA ASP D 343 23.41 -16.65 29.27
C ASP D 343 21.93 -17.00 29.07
N ASP D 344 21.26 -17.42 30.15
CA ASP D 344 19.84 -17.77 30.10
C ASP D 344 18.98 -16.51 30.24
N TRP D 345 17.79 -16.59 29.65
CA TRP D 345 16.80 -15.56 29.85
C TRP D 345 16.30 -15.66 31.30
N ASN D 346 16.11 -14.51 31.94
CA ASN D 346 15.55 -14.48 33.28
C ASN D 346 14.62 -13.29 33.40
N VAL D 347 13.94 -13.21 34.53
CA VAL D 347 12.95 -12.17 34.78
C VAL D 347 13.47 -10.75 34.52
N SER D 348 14.72 -10.45 34.90
CA SER D 348 15.28 -9.10 34.67
C SER D 348 15.33 -8.77 33.18
N MET D 349 15.67 -9.75 32.35
CA MET D 349 15.65 -9.53 30.89
C MET D 349 14.21 -9.37 30.34
N SER D 350 13.26 -10.11 30.91
CA SER D 350 11.87 -9.92 30.53
C SER D 350 11.42 -8.52 30.92
N ALA D 351 11.87 -8.08 32.08
CA ALA D 351 11.50 -6.77 32.56
C ALA D 351 12.05 -5.70 31.60
N GLY D 352 13.30 -5.83 31.17
CA GLY D 352 13.89 -4.85 30.23
C GLY D 352 13.13 -4.81 28.91
N ALA D 353 12.93 -5.99 28.31
CA ALA D 353 12.20 -6.11 27.06
C ALA D 353 10.85 -5.39 27.14
N CYS D 354 10.16 -5.60 28.27
CA CYS D 354 8.82 -5.04 28.44
C CYS D 354 8.89 -3.53 28.66
N LEU D 355 9.92 -3.10 29.36
CA LEU D 355 10.15 -1.68 29.57
C LEU D 355 10.36 -0.99 28.23
N GLN D 356 11.01 -1.65 27.28
CA GLN D 356 11.22 -1.10 25.94
C GLN D 356 9.91 -0.98 25.16
N LEU D 357 9.09 -2.03 25.23
CA LEU D 357 7.76 -1.96 24.61
C LEU D 357 6.98 -0.78 25.20
N PHE D 358 7.00 -0.64 26.52
CA PHE D 358 6.30 0.46 27.17
C PHE D 358 6.78 1.79 26.61
N ALA D 359 8.09 1.91 26.41
CA ALA D 359 8.67 3.15 25.88
C ALA D 359 8.21 3.41 24.44
N GLN D 360 8.17 2.37 23.61
CA GLN D 360 7.69 2.52 22.24
C GLN D 360 6.25 2.96 22.24
N ASN D 361 5.48 2.41 23.16
CA ASN D 361 4.07 2.69 23.23
C ASN D 361 3.75 4.06 23.82
N CYS D 362 4.41 4.39 24.92
CA CYS D 362 3.98 5.50 25.78
C CYS D 362 4.87 6.71 25.70
N GLY D 363 5.97 6.61 24.96
CA GLY D 363 6.82 7.77 24.72
C GLY D 363 7.19 8.52 25.98
N ASN D 364 7.01 9.85 25.92
CA ASN D 364 7.40 10.76 27.00
C ASN D 364 6.77 10.45 28.36
N HIS D 365 5.67 9.70 28.38
CA HIS D 365 5.01 9.33 29.64
C HIS D 365 5.87 8.37 30.46
N ILE D 366 6.81 7.70 29.79
CA ILE D 366 7.73 6.77 30.44
C ILE D 366 8.86 7.48 31.17
N LEU D 367 9.14 8.73 30.79
CA LEU D 367 10.37 9.42 31.25
C LEU D 367 10.49 9.59 32.75
N GLU D 368 9.47 10.14 33.38
CA GLU D 368 9.54 10.50 34.80
C GLU D 368 9.90 9.31 35.69
N PRO D 369 9.14 8.21 35.63
CA PRO D 369 9.53 7.10 36.50
C PRO D 369 10.87 6.47 36.16
N VAL D 370 11.20 6.33 34.88
CA VAL D 370 12.50 5.72 34.54
C VAL D 370 13.67 6.59 35.01
N LEU D 371 13.59 7.89 34.77
CA LEU D 371 14.64 8.84 35.17
C LEU D 371 14.78 9.07 36.70
N GLU D 372 13.73 8.83 37.49
CA GLU D 372 13.91 8.84 38.96
C GLU D 372 14.80 7.65 39.32
N PHE D 373 14.52 6.49 38.74
CA PHE D 373 15.19 5.24 39.09
C PHE D 373 16.66 5.24 38.69
N VAL D 374 16.96 5.69 37.48
CA VAL D 374 18.37 5.75 37.02
C VAL D 374 19.19 6.63 37.95
N GLU D 375 18.70 7.85 38.20
CA GLU D 375 19.34 8.81 39.10
C GLU D 375 19.61 8.23 40.48
N GLN D 376 18.68 7.43 40.99
CA GLN D 376 18.80 6.81 42.31
C GLN D 376 19.81 5.65 42.37
N ASN D 377 20.04 4.99 41.24
CA ASN D 377 20.77 3.71 41.25
C ASN D 377 22.08 3.67 40.49
N ILE D 378 22.33 4.66 39.63
CA ILE D 378 23.54 4.71 38.82
C ILE D 378 24.81 4.78 39.68
N THR D 379 24.72 5.37 40.87
CA THR D 379 25.88 5.37 41.80
C THR D 379 25.67 4.53 43.08
N ALA D 380 24.74 3.59 43.05
CA ALA D 380 24.53 2.71 44.20
C ALA D 380 25.74 1.82 44.42
N ASP D 381 25.87 1.32 45.64
CA ASP D 381 27.03 0.53 46.04
C ASP D 381 26.97 -0.91 45.49
N ASN D 382 25.75 -1.40 45.29
CA ASN D 382 25.52 -2.75 44.77
C ASN D 382 25.55 -2.72 43.24
N TRP D 383 26.40 -3.55 42.63
CA TRP D 383 26.45 -3.65 41.16
C TRP D 383 25.08 -3.90 40.50
N ARG D 384 24.27 -4.75 41.11
CA ARG D 384 22.93 -5.00 40.61
C ARG D 384 22.16 -3.69 40.39
N ASN D 385 22.25 -2.76 41.32
CA ASN D 385 21.55 -1.49 41.15
C ASN D 385 22.19 -0.62 40.06
N ARG D 386 23.51 -0.68 39.93
CA ARG D 386 24.20 0.09 38.89
C ARG D 386 23.91 -0.47 37.51
N GLU D 387 23.96 -1.79 37.37
CA GLU D 387 23.59 -2.41 36.10
C GLU D 387 22.12 -2.14 35.75
N ALA D 388 21.20 -2.25 36.70
CA ALA D 388 19.79 -1.97 36.37
C ALA D 388 19.67 -0.54 35.87
N ALA D 389 20.41 0.38 36.49
CA ALA D 389 20.38 1.78 36.11
C ALA D 389 20.62 1.97 34.60
N VAL D 390 21.74 1.45 34.10
CA VAL D 390 22.10 1.64 32.69
C VAL D 390 21.19 0.88 31.75
N MET D 391 20.77 -0.32 32.15
CA MET D 391 19.76 -1.08 31.39
C MET D 391 18.49 -0.26 31.24
N ALA D 392 18.02 0.31 32.33
CA ALA D 392 16.79 1.12 32.29
C ALA D 392 16.98 2.26 31.31
N PHE D 393 18.11 2.97 31.43
CA PHE D 393 18.35 4.11 30.57
C PHE D 393 18.37 3.70 29.10
N GLY D 394 19.09 2.63 28.77
CA GLY D 394 19.18 2.19 27.38
C GLY D 394 17.84 1.76 26.85
N SER D 395 16.99 1.27 27.75
CA SER D 395 15.67 0.76 27.39
C SER D 395 14.69 1.85 26.99
N ILE D 396 14.99 3.11 27.29
CA ILE D 396 14.09 4.21 26.90
C ILE D 396 14.70 5.09 25.84
N MET D 397 15.73 4.62 25.14
CA MET D 397 16.32 5.40 24.04
C MET D 397 15.51 5.36 22.74
N ASP D 398 14.37 4.68 22.79
CA ASP D 398 13.42 4.62 21.68
C ASP D 398 11.99 4.70 22.23
N GLY D 399 11.23 5.69 21.75
CA GLY D 399 9.85 5.93 22.17
C GLY D 399 9.60 7.40 22.44
N PRO D 400 10.28 7.96 23.48
CA PRO D 400 10.14 9.36 23.80
C PRO D 400 10.67 10.25 22.66
N ASP D 401 10.21 11.49 22.57
CA ASP D 401 10.59 12.36 21.44
C ASP D 401 12.06 12.77 21.50
N LYS D 402 12.55 13.37 20.43
CA LYS D 402 13.98 13.62 20.29
C LYS D 402 14.49 14.68 21.27
N VAL D 403 13.66 15.69 21.56
CA VAL D 403 14.01 16.76 22.50
C VAL D 403 14.31 16.23 23.91
N GLN D 404 13.46 15.36 24.44
CA GLN D 404 13.64 14.80 25.78
C GLN D 404 14.83 13.86 25.83
N ARG D 405 14.93 12.96 24.85
CA ARG D 405 16.06 12.03 24.80
C ARG D 405 17.37 12.80 24.74
N THR D 406 17.45 13.76 23.84
CA THR D 406 18.65 14.57 23.69
C THR D 406 19.02 15.22 25.01
N TYR D 407 18.04 15.77 25.72
CA TYR D 407 18.32 16.48 26.96
C TYR D 407 18.86 15.57 28.05
N TYR D 408 18.23 14.42 28.23
CA TYR D 408 18.64 13.50 29.31
C TYR D 408 19.92 12.75 29.01
N VAL D 409 20.19 12.51 27.74
CA VAL D 409 21.47 11.96 27.34
C VAL D 409 22.56 12.94 27.74
N HIS D 410 22.38 14.23 27.48
CA HIS D 410 23.34 15.26 27.94
C HIS D 410 23.62 15.17 29.45
N GLN D 411 22.59 14.90 30.24
CA GLN D 411 22.75 14.84 31.70
C GLN D 411 23.41 13.57 32.17
N ALA D 412 23.02 12.46 31.56
CA ALA D 412 23.43 11.13 32.02
C ALA D 412 24.81 10.72 31.51
N LEU D 413 25.20 11.23 30.36
CA LEU D 413 26.32 10.65 29.63
C LEU D 413 27.62 10.66 30.40
N PRO D 414 27.95 11.77 31.08
CA PRO D 414 29.15 11.67 31.90
C PRO D 414 29.15 10.53 32.92
N SER D 415 28.06 10.35 33.67
CA SER D 415 27.99 9.23 34.61
C SER D 415 28.00 7.86 33.92
N ILE D 416 27.38 7.76 32.76
CA ILE D 416 27.37 6.51 32.01
C ILE D 416 28.80 6.18 31.56
N LEU D 417 29.54 7.16 31.10
CA LEU D 417 30.90 6.91 30.60
C LEU D 417 31.83 6.49 31.73
N ASN D 418 31.57 7.01 32.92
CA ASN D 418 32.39 6.69 34.06
C ASN D 418 32.20 5.23 34.49
N LEU D 419 31.02 4.68 34.20
CA LEU D 419 30.75 3.28 34.50
C LEU D 419 31.57 2.32 33.63
N MET D 420 32.13 2.76 32.50
CA MET D 420 33.06 1.90 31.77
C MET D 420 34.30 1.51 32.59
N ASN D 421 34.54 2.19 33.72
CA ASN D 421 35.63 1.83 34.67
C ASN D 421 35.21 0.96 35.84
N ASP D 422 34.00 0.43 35.79
CA ASP D 422 33.42 -0.29 36.91
C ASP D 422 34.19 -1.58 37.25
N GLN D 423 34.20 -1.94 38.53
CA GLN D 423 34.71 -3.24 38.96
C GLN D 423 33.91 -4.39 38.33
N SER D 424 32.60 -4.20 38.20
CA SER D 424 31.67 -5.23 37.74
C SER D 424 31.65 -5.43 36.20
N LEU D 425 32.00 -6.63 35.77
CA LEU D 425 31.89 -7.00 34.37
C LEU D 425 30.50 -6.69 33.77
N GLN D 426 29.42 -6.99 34.49
CA GLN D 426 28.08 -6.85 33.94
C GLN D 426 27.71 -5.38 33.82
N VAL D 427 28.22 -4.55 34.73
CA VAL D 427 28.01 -3.13 34.60
C VAL D 427 28.68 -2.60 33.33
N LYS D 428 29.90 -3.03 33.06
CA LYS D 428 30.65 -2.58 31.90
C LYS D 428 29.96 -3.05 30.60
N GLU D 429 29.65 -4.34 30.57
CA GLU D 429 28.94 -4.91 29.44
C GLU D 429 27.65 -4.11 29.12
N THR D 430 26.78 -3.89 30.10
CA THR D 430 25.54 -3.13 29.86
C THR D 430 25.78 -1.66 29.53
N THR D 431 26.87 -1.10 30.05
CA THR D 431 27.21 0.29 29.78
C THR D 431 27.57 0.41 28.31
N ALA D 432 28.46 -0.46 27.83
CA ALA D 432 28.87 -0.43 26.45
C ALA D 432 27.64 -0.56 25.57
N TRP D 433 26.70 -1.40 25.99
CA TRP D 433 25.46 -1.59 25.26
C TRP D 433 24.61 -0.33 25.28
N CYS D 434 24.54 0.31 26.43
CA CYS D 434 23.77 1.54 26.59
C CYS D 434 24.30 2.67 25.69
N ILE D 435 25.62 2.77 25.58
CA ILE D 435 26.24 3.82 24.77
C ILE D 435 25.84 3.55 23.34
N GLY D 436 25.90 2.30 22.95
CA GLY D 436 25.44 1.88 21.64
C GLY D 436 24.01 2.31 21.31
N ARG D 437 23.12 2.22 22.29
CA ARG D 437 21.71 2.56 22.10
C ARG D 437 21.51 4.05 21.94
N ILE D 438 22.34 4.80 22.66
CA ILE D 438 22.38 6.24 22.50
C ILE D 438 22.90 6.55 21.09
N ALA D 439 23.98 5.90 20.67
CA ALA D 439 24.54 6.16 19.36
C ALA D 439 23.51 5.85 18.29
N ASP D 440 22.79 4.73 18.44
CA ASP D 440 21.86 4.24 17.40
C ASP D 440 20.64 5.13 17.18
N SER D 441 20.06 5.62 18.26
CA SER D 441 18.77 6.33 18.20
C SER D 441 18.87 7.84 18.34
N VAL D 442 19.99 8.34 18.88
CA VAL D 442 20.11 9.77 19.15
C VAL D 442 21.55 10.28 18.98
N ALA D 443 22.20 9.91 17.88
CA ALA D 443 23.63 10.22 17.69
C ALA D 443 24.00 11.72 17.80
N GLU D 444 23.10 12.60 17.35
CA GLU D 444 23.30 14.06 17.48
C GLU D 444 23.27 14.56 18.94
N SER D 445 22.82 13.72 19.88
CA SER D 445 22.74 14.09 21.30
C SER D 445 24.07 14.09 22.03
N ILE D 446 25.06 13.48 21.43
CA ILE D 446 26.38 13.40 21.98
C ILE D 446 27.11 14.65 21.53
N ASP D 447 27.18 15.68 22.39
CA ASP D 447 27.83 16.93 22.00
C ASP D 447 29.22 16.66 21.42
N PRO D 448 29.44 17.04 20.14
CA PRO D 448 30.72 16.88 19.45
C PRO D 448 31.94 17.32 20.25
N GLN D 449 31.82 18.43 20.99
CA GLN D 449 32.94 19.01 21.76
C GLN D 449 33.12 18.40 23.15
N GLN D 450 32.02 18.33 23.90
CA GLN D 450 32.04 17.91 25.32
C GLN D 450 31.99 16.40 25.57
N HIS D 451 31.35 15.64 24.69
CA HIS D 451 31.06 14.22 24.97
C HIS D 451 31.65 13.20 23.97
N LEU D 452 31.71 13.51 22.69
CA LEU D 452 32.17 12.54 21.70
C LEU D 452 33.59 12.03 21.99
N PRO D 453 34.54 12.92 22.38
CA PRO D 453 35.87 12.43 22.70
C PRO D 453 35.87 11.40 23.82
N GLY D 454 35.04 11.62 24.83
CA GLY D 454 34.85 10.69 25.92
C GLY D 454 34.22 9.38 25.47
N VAL D 455 33.28 9.46 24.52
CA VAL D 455 32.61 8.26 24.02
C VAL D 455 33.61 7.41 23.23
N VAL D 456 34.34 8.07 22.34
CA VAL D 456 35.37 7.40 21.56
C VAL D 456 36.41 6.75 22.50
N GLN D 457 36.90 7.51 23.48
CA GLN D 457 37.83 6.91 24.45
C GLN D 457 37.22 5.68 25.15
N ALA D 458 35.98 5.78 25.60
CA ALA D 458 35.35 4.66 26.34
C ALA D 458 35.29 3.41 25.45
N CYS D 459 34.96 3.59 24.17
CA CYS D 459 34.97 2.47 23.20
C CYS D 459 36.35 1.89 22.98
N LEU D 460 37.37 2.74 22.91
CA LEU D 460 38.73 2.23 22.74
C LEU D 460 39.20 1.40 23.96
N ILE D 461 38.94 1.89 25.18
CA ILE D 461 39.26 1.16 26.40
C ILE D 461 38.52 -0.17 26.34
N GLY D 462 37.24 -0.08 25.97
CA GLY D 462 36.37 -1.25 25.93
C GLY D 462 36.89 -2.35 25.01
N LEU D 463 37.39 -2.00 23.83
CA LEU D 463 37.96 -2.98 22.90
C LEU D 463 39.10 -3.78 23.51
N GLN D 464 39.80 -3.21 24.49
CA GLN D 464 40.94 -3.87 25.11
C GLN D 464 40.55 -4.61 26.39
N ASP D 465 39.26 -4.61 26.72
CA ASP D 465 38.78 -5.18 27.98
C ASP D 465 38.35 -6.62 27.73
N HIS D 466 37.60 -7.19 28.67
CA HIS D 466 36.99 -8.50 28.48
C HIS D 466 36.29 -8.58 27.13
N PRO D 467 36.49 -9.69 26.39
CA PRO D 467 35.90 -9.86 25.08
C PRO D 467 34.40 -9.53 25.01
N LYS D 468 33.63 -9.87 26.05
CA LYS D 468 32.21 -9.53 26.11
C LYS D 468 31.99 -8.02 26.09
N VAL D 469 32.85 -7.27 26.79
CA VAL D 469 32.77 -5.82 26.73
C VAL D 469 33.21 -5.35 25.34
N ALA D 470 34.24 -5.99 24.79
CA ALA D 470 34.81 -5.60 23.51
C ALA D 470 33.76 -5.67 22.40
N THR D 471 33.04 -6.81 22.37
CA THR D 471 32.01 -7.04 21.37
C THR D 471 30.95 -5.94 21.41
N ASN D 472 30.50 -5.53 22.60
CA ASN D 472 29.52 -4.45 22.68
C ASN D 472 30.08 -3.12 22.21
N CYS D 473 31.37 -2.92 22.42
CA CYS D 473 32.01 -1.70 21.95
C CYS D 473 32.09 -1.63 20.43
N SER D 474 32.32 -2.77 19.77
CA SER D 474 32.32 -2.82 18.32
C SER D 474 30.95 -2.44 17.78
N TRP D 475 29.92 -3.12 18.26
CA TRP D 475 28.56 -2.81 17.83
C TRP D 475 28.26 -1.35 18.14
N THR D 476 28.82 -0.82 19.22
CA THR D 476 28.62 0.58 19.53
C THR D 476 29.33 1.52 18.54
N ILE D 477 30.51 1.13 18.07
CA ILE D 477 31.23 1.94 17.07
C ILE D 477 30.47 1.96 15.76
N ILE D 478 29.97 0.80 15.34
CA ILE D 478 29.17 0.68 14.12
C ILE D 478 28.00 1.66 14.21
N ASN D 479 27.28 1.65 15.33
CA ASN D 479 26.13 2.55 15.49
C ASN D 479 26.53 4.02 15.42
N LEU D 480 27.59 4.37 16.15
CA LEU D 480 28.13 5.74 16.10
C LEU D 480 28.39 6.19 14.66
N VAL D 481 29.10 5.37 13.89
CA VAL D 481 29.47 5.75 12.53
C VAL D 481 28.29 5.82 11.57
N GLU D 482 27.39 4.83 11.65
CA GLU D 482 26.23 4.77 10.76
C GLU D 482 25.33 5.97 10.95
N GLN D 483 25.21 6.43 12.20
CA GLN D 483 24.32 7.54 12.53
C GLN D 483 24.98 8.89 12.33
N LEU D 484 26.28 9.00 12.60
CA LEU D 484 26.97 10.30 12.59
C LEU D 484 27.65 10.63 11.27
N ALA D 485 27.92 9.63 10.44
CA ALA D 485 28.53 9.86 9.12
C ALA D 485 27.61 10.70 8.21
N GLU D 486 26.31 10.63 8.45
CA GLU D 486 25.31 11.37 7.66
C GLU D 486 25.01 12.81 8.13
N ALA D 487 25.43 13.21 9.34
CA ALA D 487 25.34 14.61 9.77
C ALA D 487 26.14 15.47 8.79
N THR D 488 25.72 16.72 8.52
CA THR D 488 26.32 17.49 7.41
C THR D 488 27.65 18.18 7.77
N PRO D 489 27.68 18.99 8.85
CA PRO D 489 29.00 19.07 9.46
C PRO D 489 29.17 17.75 10.23
N SER D 490 29.96 16.82 9.68
CA SER D 490 30.06 15.46 10.26
C SER D 490 31.24 15.28 11.17
N PRO D 491 30.96 15.07 12.45
CA PRO D 491 32.04 15.17 13.43
C PRO D 491 32.82 13.88 13.67
N ILE D 492 32.35 12.77 13.11
CA ILE D 492 32.90 11.45 13.37
C ILE D 492 34.22 11.20 12.63
N TYR D 493 34.38 11.80 11.45
CA TYR D 493 35.58 11.62 10.64
C TYR D 493 36.85 12.10 11.36
N ASN D 494 36.69 13.05 12.27
CA ASN D 494 37.77 13.45 13.17
C ASN D 494 38.39 12.31 13.96
N PHE D 495 37.60 11.27 14.17
CA PHE D 495 37.98 10.15 15.02
C PHE D 495 38.18 8.85 14.24
N TYR D 496 38.06 8.90 12.92
CA TYR D 496 38.28 7.71 12.11
C TYR D 496 39.64 7.08 12.38
N PRO D 497 40.73 7.86 12.28
CA PRO D 497 42.01 7.24 12.54
C PRO D 497 42.09 6.58 13.90
N ALA D 498 41.55 7.21 14.96
CA ALA D 498 41.65 6.62 16.29
C ALA D 498 40.87 5.32 16.30
N LEU D 499 39.65 5.38 15.78
CA LEU D 499 38.75 4.22 15.81
C LEU D 499 39.25 3.10 14.93
N VAL D 500 39.79 3.43 13.75
CA VAL D 500 40.31 2.38 12.87
C VAL D 500 41.47 1.67 13.56
N ASP D 501 42.35 2.44 14.19
CA ASP D 501 43.47 1.88 14.97
C ASP D 501 43.05 0.90 16.05
N GLY D 502 42.05 1.29 16.85
CA GLY D 502 41.52 0.44 17.91
C GLY D 502 40.94 -0.84 17.36
N LEU D 503 40.20 -0.70 16.27
CA LEU D 503 39.51 -1.83 15.66
C LEU D 503 40.51 -2.83 15.07
N ILE D 504 41.55 -2.33 14.44
CA ILE D 504 42.63 -3.19 13.91
C ILE D 504 43.30 -3.99 15.03
N GLY D 505 43.54 -3.32 16.16
CA GLY D 505 44.04 -3.99 17.35
C GLY D 505 43.11 -5.07 17.84
N ALA D 506 41.80 -4.80 17.86
CA ALA D 506 40.83 -5.80 18.27
C ALA D 506 40.83 -6.94 17.29
N ALA D 507 40.93 -6.63 15.99
CA ALA D 507 40.81 -7.65 14.93
C ALA D 507 42.02 -8.58 14.92
N ASN D 508 43.11 -8.10 15.51
CA ASN D 508 44.35 -8.88 15.72
C ASN D 508 44.32 -9.84 16.90
N ARG D 509 43.20 -9.92 17.62
CA ARG D 509 43.07 -10.85 18.74
C ARG D 509 43.46 -12.29 18.30
N ILE D 510 44.03 -13.07 19.23
CA ILE D 510 44.52 -14.44 18.95
C ILE D 510 43.37 -15.43 18.78
N ASP D 511 42.19 -15.11 19.29
CA ASP D 511 41.03 -15.99 19.19
C ASP D 511 39.77 -15.17 18.97
N ASN D 512 38.61 -15.82 18.89
CA ASN D 512 37.36 -15.09 18.72
C ASN D 512 36.44 -15.25 19.91
N GLU D 513 37.02 -15.34 21.10
CA GLU D 513 36.24 -15.47 22.33
C GLU D 513 35.09 -14.45 22.35
N PHE D 514 33.87 -14.94 22.59
CA PHE D 514 32.67 -14.11 22.65
C PHE D 514 32.49 -13.16 21.47
N ASN D 515 33.03 -13.57 20.32
CA ASN D 515 32.91 -12.83 19.08
C ASN D 515 33.64 -11.48 19.03
N ALA D 516 34.55 -11.26 19.98
CA ALA D 516 35.35 -10.05 20.03
C ALA D 516 36.05 -9.80 18.71
N ARG D 517 36.60 -10.85 18.09
CA ARG D 517 37.29 -10.69 16.81
C ARG D 517 36.33 -10.44 15.63
N ALA D 518 35.33 -11.31 15.49
CA ALA D 518 34.36 -11.22 14.37
C ALA D 518 33.69 -9.84 14.34
N SER D 519 33.25 -9.37 15.50
CA SER D 519 32.65 -8.05 15.57
C SER D 519 33.62 -6.93 15.21
N ALA D 520 34.92 -7.10 15.49
CA ALA D 520 35.89 -6.11 15.10
C ALA D 520 35.91 -6.02 13.60
N PHE D 521 35.87 -7.17 12.92
CA PHE D 521 35.83 -7.17 11.44
C PHE D 521 34.53 -6.56 10.87
N SER D 522 33.39 -6.75 11.53
CA SER D 522 32.17 -6.11 11.04
C SER D 522 32.37 -4.61 11.15
N ALA D 523 32.79 -4.16 12.33
CA ALA D 523 33.04 -2.76 12.55
C ALA D 523 33.94 -2.20 11.47
N LEU D 524 35.00 -2.93 11.11
CA LEU D 524 35.93 -2.46 10.07
C LEU D 524 35.24 -2.33 8.72
N THR D 525 34.27 -3.20 8.46
CA THR D 525 33.51 -3.12 7.22
C THR D 525 32.68 -1.85 7.17
N THR D 526 32.05 -1.52 8.29
CA THR D 526 31.36 -0.24 8.45
C THR D 526 32.32 0.94 8.23
N MET D 527 33.50 0.90 8.85
CA MET D 527 34.42 2.04 8.72
C MET D 527 34.72 2.27 7.22
N VAL D 528 34.95 1.17 6.51
CA VAL D 528 35.22 1.23 5.07
C VAL D 528 34.00 1.72 4.29
N GLU D 529 32.81 1.26 4.66
CA GLU D 529 31.58 1.64 3.92
C GLU D 529 31.36 3.15 3.93
N TYR D 530 31.59 3.74 5.10
CA TYR D 530 31.28 5.15 5.34
C TYR D 530 32.46 6.11 5.21
N ALA D 531 33.63 5.58 4.81
CA ALA D 531 34.82 6.40 4.55
C ALA D 531 34.62 7.44 3.44
N THR D 532 34.99 8.68 3.74
CA THR D 532 35.04 9.73 2.73
C THR D 532 36.48 9.89 2.20
N ASP D 533 36.66 10.80 1.25
CA ASP D 533 37.97 11.06 0.66
C ASP D 533 38.92 11.69 1.67
N THR D 534 38.42 12.59 2.50
CA THR D 534 39.27 13.20 3.51
C THR D 534 39.88 12.15 4.45
N VAL D 535 39.31 10.94 4.51
CA VAL D 535 39.91 9.87 5.29
C VAL D 535 40.37 8.67 4.43
N ALA D 536 40.83 8.94 3.21
CA ALA D 536 41.34 7.88 2.32
C ALA D 536 42.55 7.12 2.87
N GLU D 537 43.44 7.82 3.58
CA GLU D 537 44.62 7.18 4.16
C GLU D 537 44.27 6.04 5.13
N THR D 538 43.23 6.21 5.94
CA THR D 538 42.84 5.16 6.90
C THR D 538 42.18 3.96 6.21
N SER D 539 41.49 4.16 5.09
CA SER D 539 41.02 3.02 4.28
C SER D 539 42.19 2.15 3.83
N ALA D 540 43.25 2.77 3.32
CA ALA D 540 44.44 2.04 2.93
C ALA D 540 45.00 1.21 4.09
N SER D 541 44.98 1.76 5.30
CA SER D 541 45.44 1.03 6.50
C SER D 541 44.68 -0.28 6.62
N ILE D 542 43.36 -0.20 6.52
CA ILE D 542 42.50 -1.35 6.72
C ILE D 542 42.75 -2.42 5.67
N SER D 543 42.87 -2.01 4.41
CA SER D 543 43.09 -2.99 3.35
C SER D 543 44.47 -3.60 3.43
N THR D 544 45.48 -2.79 3.79
CA THR D 544 46.81 -3.33 4.05
C THR D 544 46.73 -4.36 5.17
N PHE D 545 46.01 -4.03 6.22
CA PHE D 545 45.95 -4.91 7.38
C PHE D 545 45.29 -6.25 7.04
N VAL D 546 44.14 -6.22 6.41
CA VAL D 546 43.40 -7.46 6.18
C VAL D 546 44.04 -8.31 5.07
N MET D 547 44.65 -7.67 4.07
CA MET D 547 45.43 -8.44 3.09
C MET D 547 46.57 -9.19 3.76
N ASP D 548 47.28 -8.51 4.67
CA ASP D 548 48.38 -9.13 5.39
C ASP D 548 47.82 -10.24 6.27
N LYS D 549 46.66 -10.01 6.89
CA LYS D 549 46.06 -11.02 7.76
C LYS D 549 45.60 -12.23 6.94
N LEU D 550 45.01 -12.00 5.77
CA LEU D 550 44.60 -13.10 4.91
C LEU D 550 45.83 -13.93 4.54
N GLY D 551 46.96 -13.24 4.33
CA GLY D 551 48.22 -13.91 4.02
C GLY D 551 48.65 -14.83 5.15
N GLN D 552 48.64 -14.32 6.38
CA GLN D 552 48.93 -15.16 7.52
C GLN D 552 48.05 -16.39 7.53
N THR D 553 46.74 -16.23 7.44
CA THR D 553 45.84 -17.38 7.63
C THR D 553 46.14 -18.52 6.66
N MET D 554 46.76 -18.21 5.52
CA MET D 554 46.99 -19.20 4.48
C MET D 554 48.36 -19.87 4.58
N SER D 555 49.24 -19.32 5.39
CA SER D 555 50.56 -19.91 5.59
C SER D 555 50.64 -20.59 6.97
N VAL D 556 49.51 -21.17 7.38
CA VAL D 556 49.44 -22.04 8.52
C VAL D 556 49.43 -23.44 7.92
N ASP D 557 49.82 -24.48 8.64
CA ASP D 557 49.69 -25.81 8.07
C ASP D 557 48.44 -26.44 8.68
N GLU D 558 47.33 -26.29 7.97
CA GLU D 558 46.01 -26.59 8.53
C GLU D 558 45.63 -28.08 8.53
N ASN D 559 46.56 -28.94 8.10
CA ASN D 559 46.44 -30.39 8.28
C ASN D 559 47.01 -30.85 9.65
N GLN D 560 47.77 -29.97 10.30
CA GLN D 560 48.25 -30.23 11.67
C GLN D 560 47.40 -29.44 12.68
N LEU D 561 46.17 -29.10 12.31
CA LEU D 561 45.29 -28.28 13.16
C LEU D 561 44.07 -29.11 13.57
N THR D 562 43.71 -29.12 14.85
CA THR D 562 42.49 -29.81 15.29
C THR D 562 41.25 -29.11 14.70
N LEU D 563 40.22 -29.89 14.40
CA LEU D 563 38.99 -29.39 13.78
C LEU D 563 38.51 -28.03 14.34
N GLU D 564 38.32 -27.94 15.65
CA GLU D 564 37.91 -26.68 16.33
C GLU D 564 38.81 -25.49 15.89
N ASP D 565 40.11 -25.73 15.76
CA ASP D 565 41.04 -24.69 15.34
C ASP D 565 40.91 -24.41 13.85
N ALA D 566 40.67 -25.46 13.05
CA ALA D 566 40.51 -25.28 11.60
C ALA D 566 39.26 -24.47 11.27
N GLN D 567 38.19 -24.69 12.03
CA GLN D 567 36.94 -23.97 11.88
C GLN D 567 36.97 -22.53 12.40
N SER D 568 37.83 -22.26 13.37
CA SER D 568 38.09 -20.90 13.84
C SER D 568 38.80 -20.09 12.76
N LEU D 569 39.75 -20.74 12.09
CA LEU D 569 40.54 -20.12 11.04
C LEU D 569 39.59 -19.75 9.93
N GLN D 570 38.70 -20.68 9.59
CA GLN D 570 37.78 -20.43 8.49
C GLN D 570 36.81 -19.29 8.83
N GLU D 571 36.42 -19.20 10.09
CA GLU D 571 35.57 -18.08 10.50
C GLU D 571 36.31 -16.79 10.22
N LEU D 572 37.60 -16.77 10.56
CA LEU D 572 38.41 -15.57 10.39
C LEU D 572 38.58 -15.22 8.91
N GLN D 573 38.75 -16.23 8.05
CA GLN D 573 38.82 -15.95 6.63
C GLN D 573 37.50 -15.38 6.11
N SER D 574 36.36 -15.92 6.55
CA SER D 574 35.09 -15.32 6.19
C SER D 574 35.06 -13.87 6.66
N ASN D 575 35.44 -13.62 7.91
CA ASN D 575 35.46 -12.27 8.44
C ASN D 575 36.28 -11.35 7.54
N ILE D 576 37.46 -11.83 7.12
CA ILE D 576 38.37 -11.05 6.28
C ILE D 576 37.75 -10.76 4.93
N LEU D 577 37.06 -11.73 4.35
CA LEU D 577 36.47 -11.50 3.05
C LEU D 577 35.38 -10.48 3.06
N THR D 578 34.63 -10.36 4.15
CA THR D 578 33.62 -9.31 4.27
C THR D 578 34.25 -7.91 4.13
N VAL D 579 35.39 -7.71 4.79
CA VAL D 579 36.10 -6.42 4.71
C VAL D 579 36.64 -6.18 3.30
N LEU D 580 37.24 -7.21 2.70
CA LEU D 580 37.78 -7.08 1.34
C LEU D 580 36.67 -6.82 0.32
N ALA D 581 35.48 -7.37 0.54
CA ALA D 581 34.36 -7.11 -0.37
C ALA D 581 34.02 -5.62 -0.29
N ALA D 582 33.85 -5.13 0.94
CA ALA D 582 33.55 -3.72 1.17
C ALA D 582 34.60 -2.81 0.53
N VAL D 583 35.88 -3.17 0.67
CA VAL D 583 36.94 -2.34 0.14
C VAL D 583 36.83 -2.26 -1.39
N ILE D 584 36.55 -3.41 -2.01
CA ILE D 584 36.48 -3.48 -3.46
C ILE D 584 35.25 -2.74 -4.02
N ARG D 585 34.13 -2.82 -3.32
CA ARG D 585 32.92 -2.06 -3.68
C ARG D 585 33.12 -0.55 -3.58
N LYS D 586 33.78 -0.12 -2.51
CA LYS D 586 33.81 1.28 -2.17
C LYS D 586 35.02 1.95 -2.77
N SER D 587 36.20 1.38 -2.52
CA SER D 587 37.49 1.96 -2.93
C SER D 587 38.24 1.08 -3.95
N PRO D 588 37.61 0.79 -5.11
CA PRO D 588 38.24 -0.17 -6.05
C PRO D 588 39.50 0.35 -6.73
N SER D 589 39.32 1.52 -7.36
CA SER D 589 40.38 2.23 -8.08
C SER D 589 41.40 2.72 -7.06
N SER D 590 41.51 1.96 -5.97
CA SER D 590 42.47 2.20 -4.90
C SER D 590 43.05 0.90 -4.26
N VAL D 591 42.57 -0.28 -4.68
CA VAL D 591 43.26 -1.60 -4.49
C VAL D 591 43.95 -2.05 -5.77
N GLU D 592 43.63 -1.39 -6.88
CA GLU D 592 44.21 -1.77 -8.17
C GLU D 592 45.75 -1.60 -8.26
N PRO D 593 46.36 -0.63 -7.53
CA PRO D 593 47.83 -0.70 -7.39
C PRO D 593 48.42 -2.01 -6.86
N VAL D 594 47.62 -2.80 -6.15
CA VAL D 594 48.05 -4.13 -5.68
C VAL D 594 47.02 -5.23 -6.01
N ALA D 595 46.34 -5.05 -7.14
CA ALA D 595 45.41 -6.06 -7.65
C ALA D 595 46.14 -7.37 -7.93
N ASP D 596 47.40 -7.26 -8.34
CA ASP D 596 48.22 -8.41 -8.62
C ASP D 596 48.34 -9.31 -7.38
N MET D 597 48.59 -8.72 -6.20
CA MET D 597 48.73 -9.55 -5.00
C MET D 597 47.38 -9.94 -4.40
N LEU D 598 46.34 -9.14 -4.64
CA LEU D 598 45.00 -9.50 -4.22
C LEU D 598 44.50 -10.72 -4.96
N MET D 599 44.66 -10.72 -6.28
CA MET D 599 44.27 -11.88 -7.07
C MET D 599 45.07 -13.10 -6.66
N GLY D 600 46.34 -12.89 -6.29
CA GLY D 600 47.19 -13.97 -5.78
C GLY D 600 46.56 -14.66 -4.58
N LEU D 601 46.10 -13.88 -3.62
CA LEU D 601 45.51 -14.44 -2.40
C LEU D 601 44.21 -15.19 -2.70
N PHE D 602 43.40 -14.58 -3.56
CA PHE D 602 42.15 -15.16 -3.95
C PHE D 602 42.33 -16.53 -4.56
N PHE D 603 43.29 -16.66 -5.47
CA PHE D 603 43.48 -17.93 -6.15
C PHE D 603 44.02 -18.97 -5.22
N ARG D 604 44.81 -18.55 -4.24
CA ARG D 604 45.32 -19.50 -3.27
C ARG D 604 44.22 -20.03 -2.37
N LEU D 605 43.35 -19.13 -1.94
CA LEU D 605 42.15 -19.52 -1.22
C LEU D 605 41.34 -20.57 -1.96
N LEU D 606 41.11 -20.33 -3.25
CA LEU D 606 40.30 -21.23 -4.09
C LEU D 606 40.96 -22.60 -4.34
N GLU D 607 42.29 -22.61 -4.35
CA GLU D 607 43.06 -23.82 -4.67
C GLU D 607 43.02 -24.85 -3.56
N LYS D 608 42.96 -24.38 -2.33
CA LYS D 608 42.81 -25.24 -1.18
C LYS D 608 41.54 -26.06 -1.38
N LYS D 609 41.56 -27.32 -0.95
CA LYS D 609 40.30 -28.04 -0.77
C LYS D 609 39.77 -27.64 0.59
N ASP D 610 38.46 -27.74 0.76
CA ASP D 610 37.76 -27.03 1.84
C ASP D 610 37.71 -25.54 1.53
N SER D 611 37.60 -25.21 0.24
CA SER D 611 37.32 -23.84 -0.20
C SER D 611 35.82 -23.53 -0.31
N ALA D 612 34.99 -24.56 -0.20
CA ALA D 612 33.56 -24.43 -0.44
C ALA D 612 32.90 -23.29 0.36
N PHE D 613 33.28 -23.17 1.64
CA PHE D 613 32.71 -22.14 2.52
C PHE D 613 32.96 -20.71 2.04
N ILE D 614 34.03 -20.52 1.28
CA ILE D 614 34.42 -19.18 0.86
C ILE D 614 34.49 -18.93 -0.66
N GLU D 615 34.16 -19.93 -1.47
CA GLU D 615 34.21 -19.84 -2.96
C GLU D 615 33.38 -18.70 -3.56
N ASP D 616 32.08 -18.72 -3.26
CA ASP D 616 31.18 -17.67 -3.73
C ASP D 616 31.65 -16.27 -3.28
N ASP D 617 32.06 -16.12 -2.02
CA ASP D 617 32.54 -14.83 -1.54
C ASP D 617 33.69 -14.35 -2.44
N VAL D 618 34.63 -15.25 -2.70
CA VAL D 618 35.79 -14.93 -3.53
C VAL D 618 35.38 -14.64 -4.99
N PHE D 619 34.48 -15.46 -5.52
CA PHE D 619 33.98 -15.24 -6.87
C PHE D 619 33.34 -13.87 -7.02
N TYR D 620 32.55 -13.48 -6.03
CA TYR D 620 31.90 -12.16 -6.07
C TYR D 620 32.96 -11.08 -6.01
N ALA D 621 33.95 -11.25 -5.15
CA ALA D 621 35.02 -10.29 -5.04
C ALA D 621 35.84 -10.16 -6.35
N ILE D 622 36.20 -11.28 -6.96
CA ILE D 622 36.97 -11.25 -8.20
C ILE D 622 36.16 -10.57 -9.30
N SER D 623 34.87 -10.90 -9.37
CA SER D 623 34.03 -10.37 -10.43
C SER D 623 33.92 -8.85 -10.35
N ALA D 624 33.73 -8.34 -9.14
CA ALA D 624 33.63 -6.89 -8.91
C ALA D 624 34.97 -6.18 -9.16
N LEU D 625 36.07 -6.83 -8.77
CA LEU D 625 37.41 -6.35 -9.12
C LEU D 625 37.67 -6.36 -10.64
N ALA D 626 37.26 -7.42 -11.33
CA ALA D 626 37.45 -7.51 -12.77
C ALA D 626 36.80 -6.32 -13.47
N ALA D 627 35.56 -6.03 -13.06
CA ALA D 627 34.83 -4.85 -13.57
C ALA D 627 35.66 -3.57 -13.48
N SER D 628 36.31 -3.35 -12.33
CA SER D 628 37.13 -2.14 -12.11
C SER D 628 38.40 -2.11 -12.96
N LEU D 629 39.00 -3.27 -13.19
CA LEU D 629 40.31 -3.34 -13.86
C LEU D 629 40.27 -3.13 -15.39
N GLY D 630 39.32 -3.75 -16.09
CA GLY D 630 39.26 -3.69 -17.59
C GLY D 630 40.21 -4.71 -18.32
N LYS D 631 40.89 -4.41 -19.48
CA LYS D 631 41.82 -5.36 -20.29
C LYS D 631 42.90 -6.10 -19.49
N GLY D 632 43.46 -5.43 -18.49
CA GLY D 632 44.48 -6.01 -17.59
C GLY D 632 44.09 -7.30 -16.89
N PHE D 633 42.80 -7.65 -16.87
CA PHE D 633 42.34 -8.87 -16.20
C PHE D 633 42.55 -10.16 -17.02
N GLU D 634 42.86 -10.03 -18.30
CA GLU D 634 42.98 -11.20 -19.18
C GLU D 634 44.00 -12.23 -18.66
N LYS D 635 45.07 -11.77 -18.01
CA LYS D 635 46.06 -12.70 -17.42
C LYS D 635 45.48 -13.69 -16.39
N TYR D 636 44.36 -13.35 -15.77
CA TYR D 636 43.79 -14.23 -14.73
C TYR D 636 42.66 -15.13 -15.26
N LEU D 637 42.21 -14.87 -16.49
CA LEU D 637 41.05 -15.58 -17.07
C LEU D 637 41.19 -17.10 -17.13
N GLU D 638 42.31 -17.58 -17.67
CA GLU D 638 42.56 -19.01 -17.80
C GLU D 638 42.37 -19.66 -16.44
N THR D 639 43.09 -19.16 -15.42
CA THR D 639 43.03 -19.78 -14.09
C THR D 639 41.73 -19.45 -13.34
N PHE D 640 41.03 -18.38 -13.74
CA PHE D 640 39.70 -18.08 -13.20
C PHE D 640 38.59 -18.96 -13.82
N SER D 641 38.85 -19.43 -15.03
CA SER D 641 37.87 -20.18 -15.85
C SER D 641 36.97 -21.22 -15.14
N PRO D 642 37.55 -22.17 -14.40
CA PRO D 642 36.66 -23.21 -13.85
C PRO D 642 35.73 -22.70 -12.73
N TYR D 643 36.13 -21.61 -12.07
CA TYR D 643 35.29 -21.01 -11.04
C TYR D 643 34.10 -20.31 -11.71
N LEU D 644 34.38 -19.62 -12.81
CA LEU D 644 33.33 -18.98 -13.60
C LEU D 644 32.28 -20.04 -14.00
N LEU D 645 32.78 -21.12 -14.57
CA LEU D 645 31.93 -22.19 -15.07
C LEU D 645 31.14 -22.83 -13.95
N LYS D 646 31.79 -23.08 -12.83
CA LYS D 646 31.09 -23.61 -11.67
C LYS D 646 29.94 -22.65 -11.32
N ALA D 647 30.25 -21.36 -11.29
CA ALA D 647 29.26 -20.34 -10.96
C ALA D 647 28.15 -20.28 -12.01
N LEU D 648 28.51 -20.29 -13.30
CA LEU D 648 27.50 -20.29 -14.36
C LEU D 648 26.53 -21.48 -14.24
N ASN D 649 27.04 -22.62 -13.79
CA ASN D 649 26.22 -23.83 -13.66
C ASN D 649 25.35 -23.91 -12.39
N GLN D 650 25.62 -23.10 -11.37
CA GLN D 650 24.71 -23.00 -10.21
C GLN D 650 23.48 -22.16 -10.59
N VAL D 651 22.75 -22.60 -11.61
CA VAL D 651 21.69 -21.79 -12.20
C VAL D 651 20.56 -21.47 -11.22
N ASP D 652 20.58 -22.09 -10.04
CA ASP D 652 19.61 -21.81 -8.96
C ASP D 652 20.11 -20.76 -7.95
N SER D 653 21.40 -20.41 -8.01
CA SER D 653 22.00 -19.47 -7.05
C SER D 653 22.15 -18.05 -7.62
N PRO D 654 22.11 -17.03 -6.74
CA PRO D 654 22.26 -15.68 -7.28
C PRO D 654 23.62 -15.47 -7.94
N VAL D 655 24.56 -16.35 -7.63
CA VAL D 655 25.93 -16.21 -8.12
C VAL D 655 26.01 -16.36 -9.63
N SER D 656 25.09 -17.09 -10.23
CA SER D 656 25.12 -17.28 -11.70
C SER D 656 24.74 -16.00 -12.43
N ILE D 657 23.89 -15.18 -11.81
CA ILE D 657 23.49 -13.91 -12.39
C ILE D 657 24.70 -12.97 -12.46
N THR D 658 25.56 -12.97 -11.43
CA THR D 658 26.76 -12.14 -11.52
C THR D 658 27.83 -12.78 -12.44
N ALA D 659 27.80 -14.10 -12.61
CA ALA D 659 28.69 -14.73 -13.60
C ALA D 659 28.37 -14.30 -15.04
N VAL D 660 27.08 -14.24 -15.37
CA VAL D 660 26.64 -13.74 -16.66
C VAL D 660 27.12 -12.29 -16.81
N GLY D 661 26.93 -11.52 -15.75
CA GLY D 661 27.41 -10.15 -15.71
C GLY D 661 28.90 -10.08 -15.97
N PHE D 662 29.65 -11.07 -15.51
CA PHE D 662 31.10 -11.05 -15.68
C PHE D 662 31.46 -11.30 -17.14
N ILE D 663 30.71 -12.19 -17.80
CA ILE D 663 30.89 -12.42 -19.24
C ILE D 663 30.67 -11.12 -20.00
N ALA D 664 29.61 -10.40 -19.67
CA ALA D 664 29.34 -9.13 -20.30
C ALA D 664 30.52 -8.19 -20.11
N ASP D 665 31.04 -8.11 -18.88
CA ASP D 665 32.11 -7.16 -18.56
C ASP D 665 33.40 -7.42 -19.34
N ILE D 666 33.86 -8.66 -19.39
CA ILE D 666 35.08 -8.93 -20.14
C ILE D 666 34.88 -8.93 -21.64
N SER D 667 33.65 -9.12 -22.12
CA SER D 667 33.40 -8.97 -23.55
C SER D 667 33.52 -7.49 -23.91
N ASN D 668 33.05 -6.63 -23.01
CA ASN D 668 33.12 -5.19 -23.21
C ASN D 668 34.50 -4.59 -23.02
N SER D 669 35.40 -5.34 -22.38
CA SER D 669 36.73 -4.84 -22.09
C SER D 669 37.79 -5.48 -23.00
N LEU D 670 37.63 -6.78 -23.31
CA LEU D 670 38.53 -7.52 -24.25
C LEU D 670 38.16 -7.41 -25.74
N GLU D 671 37.01 -6.83 -26.04
CA GLU D 671 36.61 -6.55 -27.42
C GLU D 671 36.73 -7.75 -28.36
N GLU D 672 37.71 -7.70 -29.26
CA GLU D 672 37.81 -8.70 -30.33
C GLU D 672 38.47 -10.01 -29.85
N ASP D 673 39.30 -9.93 -28.80
CA ASP D 673 40.00 -11.11 -28.24
C ASP D 673 39.05 -12.12 -27.57
N PHE D 674 37.84 -11.67 -27.24
CA PHE D 674 36.83 -12.54 -26.64
C PHE D 674 36.45 -13.77 -27.53
N ARG D 675 36.79 -13.71 -28.82
CA ARG D 675 36.80 -14.89 -29.73
C ARG D 675 37.22 -16.22 -29.12
N ARG D 676 38.37 -16.20 -28.44
CA ARG D 676 38.95 -17.39 -27.83
C ARG D 676 37.95 -18.08 -26.92
N TYR D 677 37.18 -17.28 -26.17
CA TYR D 677 36.34 -17.81 -25.12
C TYR D 677 34.88 -17.92 -25.53
N SER D 678 34.54 -17.46 -26.73
CA SER D 678 33.13 -17.35 -27.11
C SER D 678 32.45 -18.71 -27.16
N ASP D 679 33.07 -19.67 -27.85
CA ASP D 679 32.53 -21.03 -27.97
C ASP D 679 32.14 -21.64 -26.62
N ALA D 680 33.10 -21.65 -25.70
CA ALA D 680 32.87 -22.20 -24.37
C ALA D 680 31.77 -21.45 -23.62
N MET D 681 31.73 -20.14 -23.79
CA MET D 681 30.76 -19.32 -23.11
C MET D 681 29.38 -19.48 -23.73
N MET D 682 29.29 -19.44 -25.06
CA MET D 682 28.00 -19.52 -25.73
C MET D 682 27.29 -20.87 -25.51
N ASN D 683 28.04 -21.97 -25.48
CA ASN D 683 27.40 -23.27 -25.26
C ASN D 683 26.80 -23.34 -23.83
N VAL D 684 27.50 -22.79 -22.84
CA VAL D 684 26.94 -22.75 -21.49
C VAL D 684 25.72 -21.80 -21.41
N LEU D 685 25.84 -20.60 -22.00
CA LEU D 685 24.73 -19.64 -21.94
C LEU D 685 23.46 -20.24 -22.58
N ALA D 686 23.64 -20.92 -23.72
CA ALA D 686 22.55 -21.60 -24.39
C ALA D 686 21.83 -22.65 -23.54
N GLN D 687 22.55 -23.32 -22.63
CA GLN D 687 21.92 -24.33 -21.80
C GLN D 687 21.30 -23.73 -20.53
N MET D 688 21.87 -22.64 -20.03
CA MET D 688 21.32 -21.92 -18.87
C MET D 688 19.87 -21.40 -19.13
N ILE D 689 19.67 -20.85 -20.31
CA ILE D 689 18.43 -20.19 -20.65
C ILE D 689 17.27 -21.19 -20.87
N SER D 690 17.59 -22.38 -21.38
CA SER D 690 16.61 -23.46 -21.51
C SER D 690 16.69 -24.46 -20.35
N ASN D 691 17.13 -24.02 -19.18
CA ASN D 691 17.18 -24.87 -17.96
C ASN D 691 15.93 -24.59 -17.13
N PRO D 692 15.02 -25.57 -17.01
CA PRO D 692 13.79 -25.40 -16.22
C PRO D 692 14.00 -24.93 -14.78
N ASN D 693 15.16 -25.23 -14.19
CA ASN D 693 15.51 -24.82 -12.82
C ASN D 693 16.16 -23.43 -12.66
N ALA D 694 16.64 -22.82 -13.75
CA ALA D 694 17.31 -21.52 -13.67
C ALA D 694 16.35 -20.46 -13.17
N ARG D 695 16.81 -19.56 -12.32
CA ARG D 695 15.89 -18.57 -11.74
C ARG D 695 15.55 -17.51 -12.76
N ARG D 696 14.46 -16.80 -12.46
CA ARG D 696 13.77 -15.93 -13.40
C ARG D 696 14.68 -14.86 -14.02
N GLU D 697 15.66 -14.37 -13.25
CA GLU D 697 16.54 -13.27 -13.69
C GLU D 697 17.54 -13.66 -14.79
N LEU D 698 17.77 -14.95 -14.98
CA LEU D 698 18.79 -15.39 -15.92
C LEU D 698 18.37 -15.17 -17.35
N LYS D 699 17.07 -15.36 -17.64
CA LYS D 699 16.60 -15.31 -19.03
C LYS D 699 16.96 -13.94 -19.65
N PRO D 700 16.45 -12.84 -19.08
CA PRO D 700 16.83 -11.57 -19.63
C PRO D 700 18.34 -11.31 -19.52
N ALA D 701 18.98 -11.65 -18.40
CA ALA D 701 20.43 -11.43 -18.33
C ALA D 701 21.16 -12.11 -19.50
N VAL D 702 20.80 -13.34 -19.82
CA VAL D 702 21.54 -14.05 -20.85
C VAL D 702 21.20 -13.48 -22.21
N LEU D 703 19.92 -13.20 -22.43
CA LEU D 703 19.50 -12.63 -23.70
C LEU D 703 20.30 -11.35 -23.97
N SER D 704 20.41 -10.46 -22.99
CA SER D 704 21.21 -9.23 -23.17
C SER D 704 22.67 -9.54 -23.41
N VAL D 705 23.21 -10.55 -22.73
CA VAL D 705 24.64 -10.83 -22.88
C VAL D 705 24.96 -11.34 -24.30
N PHE D 706 23.96 -11.92 -24.98
CA PHE D 706 24.13 -12.25 -26.37
C PHE D 706 24.42 -10.96 -27.15
N GLY D 707 23.73 -9.88 -26.76
CA GLY D 707 23.96 -8.59 -27.39
C GLY D 707 25.40 -8.10 -27.25
N ASP D 708 25.91 -8.17 -26.03
CA ASP D 708 27.30 -7.78 -25.75
C ASP D 708 28.26 -8.61 -26.61
N ILE D 709 28.01 -9.91 -26.65
CA ILE D 709 28.93 -10.84 -27.28
C ILE D 709 28.92 -10.60 -28.78
N ALA D 710 27.73 -10.53 -29.36
CA ALA D 710 27.60 -10.28 -30.80
C ALA D 710 28.26 -8.97 -31.24
N SER D 711 28.14 -7.90 -30.43
CA SER D 711 28.69 -6.58 -30.79
C SER D 711 30.20 -6.52 -30.65
N ASN D 712 30.79 -7.33 -29.76
CA ASN D 712 32.26 -7.31 -29.62
C ASN D 712 32.97 -8.23 -30.60
N ILE D 713 32.25 -9.26 -31.06
CA ILE D 713 32.82 -10.42 -31.74
C ILE D 713 32.51 -10.49 -33.25
N GLY D 714 31.68 -9.59 -33.74
CA GLY D 714 31.48 -9.39 -35.18
C GLY D 714 31.11 -10.67 -35.91
N ALA D 715 31.85 -10.97 -36.97
CA ALA D 715 31.61 -12.13 -37.83
C ALA D 715 31.79 -13.45 -37.08
N ASP D 716 32.56 -13.44 -35.99
CA ASP D 716 32.76 -14.66 -35.19
C ASP D 716 31.50 -15.08 -34.43
N PHE D 717 30.45 -14.27 -34.48
CA PHE D 717 29.16 -14.63 -33.89
C PHE D 717 28.29 -15.49 -34.83
N ILE D 718 28.61 -15.54 -36.13
CA ILE D 718 27.73 -16.18 -37.13
C ILE D 718 27.38 -17.65 -36.82
N PRO D 719 28.37 -18.47 -36.39
CA PRO D 719 27.98 -19.85 -36.04
C PRO D 719 26.88 -19.97 -34.97
N TYR D 720 26.77 -18.99 -34.07
CA TYR D 720 25.75 -19.04 -33.00
C TYR D 720 24.46 -18.38 -33.44
N LEU D 721 24.51 -17.67 -34.57
CA LEU D 721 23.41 -16.82 -34.99
C LEU D 721 22.08 -17.58 -34.99
N ASN D 722 22.09 -18.77 -35.56
CA ASN D 722 20.87 -19.54 -35.76
C ASN D 722 20.22 -20.03 -34.45
N ASP D 723 21.04 -20.45 -33.51
CA ASP D 723 20.55 -20.88 -32.20
C ASP D 723 19.98 -19.72 -31.42
N ILE D 724 20.69 -18.60 -31.45
CA ILE D 724 20.35 -17.44 -30.67
C ILE D 724 19.06 -16.81 -31.18
N MET D 725 18.96 -16.74 -32.50
CA MET D 725 17.75 -16.19 -33.09
C MET D 725 16.53 -17.01 -32.67
N ALA D 726 16.68 -18.32 -32.56
CA ALA D 726 15.57 -19.18 -32.15
C ALA D 726 15.17 -18.94 -30.69
N LEU D 727 16.15 -18.68 -29.82
CA LEU D 727 15.87 -18.29 -28.40
C LEU D 727 15.17 -16.94 -28.31
N CYS D 728 15.58 -16.01 -29.16
CA CYS D 728 14.96 -14.68 -29.22
C CYS D 728 13.51 -14.72 -29.73
N VAL D 729 13.27 -15.46 -30.80
CA VAL D 729 11.92 -15.62 -31.31
C VAL D 729 11.01 -16.23 -30.25
N ALA D 730 11.48 -17.30 -29.62
CA ALA D 730 10.67 -17.98 -28.61
C ALA D 730 10.40 -17.02 -27.46
N ALA D 731 11.44 -16.28 -27.04
CA ALA D 731 11.27 -15.33 -25.93
C ALA D 731 10.34 -14.16 -26.29
N GLN D 732 10.40 -13.70 -27.53
CA GLN D 732 9.55 -12.57 -27.95
C GLN D 732 8.08 -12.97 -28.11
N ASN D 733 7.81 -14.26 -28.29
CA ASN D 733 6.43 -14.77 -28.39
C ASN D 733 5.88 -15.32 -27.06
N THR D 734 6.68 -15.31 -26.00
CA THR D 734 6.20 -15.73 -24.68
C THR D 734 5.34 -14.61 -24.10
N LYS D 735 4.17 -14.98 -23.59
CA LYS D 735 3.25 -14.01 -23.00
C LYS D 735 3.49 -14.00 -21.49
N PRO D 736 2.90 -13.02 -20.77
CA PRO D 736 3.03 -13.06 -19.31
C PRO D 736 2.46 -14.35 -18.70
N GLU D 737 3.11 -14.87 -17.67
CA GLU D 737 2.71 -16.14 -17.06
C GLU D 737 1.28 -16.09 -16.49
N ASN D 738 0.84 -14.91 -16.07
CA ASN D 738 -0.54 -14.71 -15.60
C ASN D 738 -1.06 -13.29 -15.90
N GLY D 739 -1.62 -12.60 -14.89
CA GLY D 739 -2.25 -11.29 -15.09
C GLY D 739 -1.77 -10.20 -14.15
N THR D 740 -0.97 -10.55 -13.15
CA THR D 740 -0.41 -9.60 -12.18
C THR D 740 0.52 -8.57 -12.82
N LEU D 741 0.77 -7.50 -12.07
CA LEU D 741 1.84 -6.55 -12.35
C LEU D 741 3.17 -7.28 -12.49
N GLU D 742 3.51 -8.11 -11.49
CA GLU D 742 4.78 -8.87 -11.44
C GLU D 742 5.08 -9.61 -12.73
N ALA D 743 4.10 -10.36 -13.22
CA ALA D 743 4.27 -11.20 -14.40
C ALA D 743 4.43 -10.38 -15.68
N LEU D 744 3.79 -9.21 -15.71
CA LEU D 744 3.87 -8.32 -16.87
C LEU D 744 5.21 -7.59 -16.91
N ASP D 745 5.62 -7.02 -15.77
CA ASP D 745 6.91 -6.33 -15.66
C ASP D 745 8.05 -7.22 -16.13
N TYR D 746 7.93 -8.52 -15.85
CA TYR D 746 8.95 -9.51 -16.22
C TYR D 746 8.97 -9.85 -17.73
N GLN D 747 7.79 -9.90 -18.35
CA GLN D 747 7.75 -10.11 -19.80
C GLN D 747 8.42 -8.92 -20.47
N ILE D 748 8.20 -7.73 -19.92
CA ILE D 748 8.76 -6.51 -20.50
C ILE D 748 10.29 -6.46 -20.33
N LYS D 749 10.77 -6.98 -19.20
CA LYS D 749 12.20 -7.11 -18.96
C LYS D 749 12.83 -8.09 -19.97
N VAL D 750 12.11 -9.14 -20.31
CA VAL D 750 12.56 -10.10 -21.33
C VAL D 750 12.56 -9.47 -22.72
N LEU D 751 11.51 -8.72 -23.04
CA LEU D 751 11.40 -8.09 -24.34
C LEU D 751 12.47 -7.03 -24.50
N GLU D 752 12.73 -6.26 -23.44
CA GLU D 752 13.83 -5.27 -23.43
C GLU D 752 15.19 -5.96 -23.66
N ALA D 753 15.30 -7.22 -23.22
CA ALA D 753 16.52 -8.00 -23.38
C ALA D 753 16.65 -8.54 -24.82
N VAL D 754 15.54 -8.89 -25.42
CA VAL D 754 15.58 -9.32 -26.82
C VAL D 754 16.02 -8.15 -27.71
N LEU D 755 15.47 -6.96 -27.42
CA LEU D 755 15.95 -5.71 -28.09
C LEU D 755 17.46 -5.57 -28.01
N ASP D 756 18.00 -5.75 -26.80
CA ASP D 756 19.45 -5.68 -26.61
C ASP D 756 20.18 -6.68 -27.51
N ALA D 757 19.63 -7.89 -27.65
CA ALA D 757 20.24 -8.92 -28.51
C ALA D 757 20.27 -8.49 -29.98
N TYR D 758 19.15 -8.02 -30.46
CA TYR D 758 19.06 -7.62 -31.85
C TYR D 758 19.91 -6.37 -32.13
N VAL D 759 19.99 -5.44 -31.17
CA VAL D 759 20.80 -4.25 -31.36
C VAL D 759 22.25 -4.67 -31.49
N GLY D 760 22.64 -5.64 -30.69
CA GLY D 760 24.02 -6.09 -30.64
C GLY D 760 24.36 -6.92 -31.85
N ILE D 761 23.43 -7.77 -32.28
CA ILE D 761 23.64 -8.57 -33.46
C ILE D 761 23.76 -7.64 -34.68
N VAL D 762 22.75 -6.79 -34.88
CA VAL D 762 22.74 -5.84 -36.00
C VAL D 762 24.05 -5.04 -36.11
N ALA D 763 24.60 -4.59 -35.00
CA ALA D 763 25.86 -3.84 -35.03
C ALA D 763 27.03 -4.76 -35.33
N GLY D 764 26.97 -5.97 -34.79
CA GLY D 764 28.00 -6.97 -35.00
C GLY D 764 28.12 -7.45 -36.45
N LEU D 765 26.98 -7.61 -37.13
CA LEU D 765 26.95 -8.03 -38.54
C LEU D 765 26.78 -6.83 -39.50
N HIS D 766 27.36 -5.70 -39.13
CA HIS D 766 27.30 -4.50 -39.96
C HIS D 766 27.87 -4.80 -41.36
N ASP D 767 29.05 -5.42 -41.40
CA ASP D 767 29.75 -5.82 -42.64
C ASP D 767 29.51 -7.28 -43.07
N LYS D 768 28.37 -7.87 -42.68
CA LYS D 768 27.99 -9.22 -43.13
C LYS D 768 26.47 -9.31 -43.29
N PRO D 769 25.87 -8.44 -44.13
CA PRO D 769 24.41 -8.38 -44.25
C PRO D 769 23.75 -9.72 -44.66
N GLU D 770 24.40 -10.45 -45.57
CA GLU D 770 23.91 -11.75 -46.00
C GLU D 770 23.59 -12.66 -44.80
N ALA D 771 24.40 -12.56 -43.75
CA ALA D 771 24.20 -13.34 -42.53
C ALA D 771 22.94 -12.90 -41.79
N LEU D 772 22.63 -11.61 -41.79
CA LEU D 772 21.43 -11.11 -41.13
C LEU D 772 20.14 -11.29 -41.99
N PHE D 773 20.30 -11.34 -43.32
CA PHE D 773 19.14 -11.31 -44.24
C PHE D 773 17.95 -12.22 -43.88
N PRO D 774 18.20 -13.51 -43.57
CA PRO D 774 17.05 -14.38 -43.28
C PRO D 774 16.21 -13.98 -42.05
N TYR D 775 16.72 -13.10 -41.19
CA TYR D 775 16.13 -12.83 -39.90
C TYR D 775 15.45 -11.47 -39.81
N VAL D 776 15.52 -10.72 -40.92
CA VAL D 776 15.03 -9.36 -40.95
C VAL D 776 13.54 -9.32 -40.61
N GLY D 777 12.82 -10.33 -41.09
CA GLY D 777 11.38 -10.45 -40.85
C GLY D 777 11.09 -10.60 -39.37
N THR D 778 11.83 -11.48 -38.72
CA THR D 778 11.66 -11.73 -37.30
C THR D 778 11.98 -10.47 -36.49
N ILE D 779 13.06 -9.78 -36.85
CA ILE D 779 13.40 -8.54 -36.16
C ILE D 779 12.23 -7.54 -36.30
N PHE D 780 11.69 -7.39 -37.51
CA PHE D 780 10.54 -6.51 -37.70
C PHE D 780 9.30 -6.96 -36.93
N GLN D 781 9.08 -8.27 -36.83
CA GLN D 781 7.98 -8.78 -36.00
C GLN D 781 8.15 -8.17 -34.60
N PHE D 782 9.38 -8.19 -34.10
CA PHE D 782 9.68 -7.62 -32.80
C PHE D 782 9.45 -6.12 -32.78
N ILE D 783 9.99 -5.41 -33.75
CA ILE D 783 9.81 -3.94 -33.81
C ILE D 783 8.30 -3.60 -33.78
N ALA D 784 7.49 -4.42 -34.43
CA ALA D 784 6.01 -4.28 -34.39
C ALA D 784 5.42 -4.40 -32.98
N GLN D 785 6.01 -5.24 -32.14
CA GLN D 785 5.56 -5.33 -30.75
C GLN D 785 5.89 -4.10 -29.96
N VAL D 786 7.08 -3.55 -30.23
CA VAL D 786 7.51 -2.30 -29.62
C VAL D 786 6.50 -1.21 -30.01
N ALA D 787 6.14 -1.17 -31.28
CA ALA D 787 5.16 -0.21 -31.81
C ALA D 787 3.80 -0.35 -31.14
N GLU D 788 3.46 -1.57 -30.74
CA GLU D 788 2.13 -1.88 -30.20
C GLU D 788 2.00 -1.66 -28.68
N ASP D 789 3.02 -2.03 -27.89
CA ASP D 789 2.92 -1.96 -26.42
C ASP D 789 3.48 -0.64 -25.86
N PRO D 790 2.61 0.19 -25.23
CA PRO D 790 2.98 1.48 -24.59
C PRO D 790 4.11 1.36 -23.58
N GLN D 791 4.18 0.20 -22.94
CA GLN D 791 5.18 -0.06 -21.92
C GLN D 791 6.57 -0.21 -22.54
N LEU D 792 6.61 -0.49 -23.84
CA LEU D 792 7.86 -0.47 -24.60
C LEU D 792 8.04 0.87 -25.33
N TYR D 793 7.11 1.20 -26.21
CA TYR D 793 7.33 2.34 -27.09
C TYR D 793 7.45 3.66 -26.32
N SER D 794 6.79 3.78 -25.16
CA SER D 794 6.83 5.05 -24.46
C SER D 794 8.12 5.22 -23.66
N GLU D 795 8.95 4.19 -23.57
CA GLU D 795 10.28 4.35 -22.99
C GLU D 795 11.17 4.97 -24.05
N ASP D 796 11.70 6.16 -23.75
CA ASP D 796 12.54 6.91 -24.71
C ASP D 796 13.68 6.07 -25.25
N ALA D 797 14.37 5.34 -24.38
CA ALA D 797 15.52 4.53 -24.79
C ALA D 797 15.10 3.43 -25.72
N THR D 798 13.96 2.82 -25.43
CA THR D 798 13.53 1.67 -26.20
C THR D 798 13.17 2.10 -27.62
N SER D 799 12.42 3.20 -27.72
CA SER D 799 11.98 3.69 -29.03
C SER D 799 13.15 4.14 -29.85
N ARG D 800 14.10 4.84 -29.23
CA ARG D 800 15.30 5.27 -29.95
C ARG D 800 16.04 4.03 -30.49
N ALA D 801 16.14 2.97 -29.71
CA ALA D 801 16.82 1.76 -30.18
C ALA D 801 16.05 1.10 -31.33
N ALA D 802 14.73 1.03 -31.16
CA ALA D 802 13.86 0.38 -32.14
C ALA D 802 13.95 1.13 -33.47
N VAL D 803 13.72 2.43 -33.40
CA VAL D 803 13.78 3.30 -34.59
C VAL D 803 15.20 3.27 -35.19
N GLY D 804 16.20 3.05 -34.34
CA GLY D 804 17.58 2.86 -34.80
C GLY D 804 17.71 1.60 -35.62
N LEU D 805 17.09 0.51 -35.18
CA LEU D 805 17.21 -0.74 -35.91
C LEU D 805 16.63 -0.56 -37.31
N ILE D 806 15.43 0.01 -37.36
CA ILE D 806 14.76 0.26 -38.62
C ILE D 806 15.74 0.90 -39.58
N GLY D 807 16.39 1.94 -39.09
CA GLY D 807 17.33 2.72 -39.90
C GLY D 807 18.56 1.95 -40.28
N ASP D 808 19.18 1.30 -39.30
CA ASP D 808 20.43 0.60 -39.49
C ASP D 808 20.33 -0.63 -40.38
N ILE D 809 19.20 -1.33 -40.28
CA ILE D 809 18.94 -2.47 -41.14
C ILE D 809 18.79 -1.96 -42.57
N ALA D 810 18.01 -0.90 -42.76
CA ALA D 810 17.82 -0.31 -44.07
C ALA D 810 19.17 0.05 -44.73
N ALA D 811 20.06 0.70 -43.97
CA ALA D 811 21.44 0.99 -44.44
C ALA D 811 22.21 -0.24 -44.91
N MET D 812 21.90 -1.40 -44.31
CA MET D 812 22.64 -2.61 -44.60
C MET D 812 22.26 -3.25 -45.94
N PHE D 813 21.04 -2.96 -46.42
CA PHE D 813 20.51 -3.53 -47.67
C PHE D 813 20.09 -2.45 -48.70
N PRO D 814 21.09 -1.81 -49.34
CA PRO D 814 20.82 -0.80 -50.36
C PRO D 814 20.43 -1.38 -51.72
N ASP D 815 20.38 -2.70 -51.83
CA ASP D 815 20.03 -3.39 -53.07
C ASP D 815 18.51 -3.65 -53.25
N GLY D 816 17.71 -3.29 -52.26
CA GLY D 816 16.25 -3.41 -52.36
C GLY D 816 15.65 -4.71 -51.83
N SER D 817 16.50 -5.65 -51.38
CA SER D 817 16.06 -7.00 -50.99
C SER D 817 15.10 -7.08 -49.79
N ILE D 818 14.99 -6.01 -49.01
CA ILE D 818 14.05 -5.96 -47.89
C ILE D 818 13.13 -4.72 -47.95
N LYS D 819 13.04 -4.10 -49.11
CA LYS D 819 12.23 -2.87 -49.25
C LYS D 819 10.77 -3.04 -48.84
N GLN D 820 10.25 -4.26 -48.94
CA GLN D 820 8.83 -4.52 -48.65
C GLN D 820 8.41 -4.20 -47.20
N PHE D 821 9.33 -4.35 -46.23
CA PHE D 821 9.04 -4.03 -44.83
C PHE D 821 8.87 -2.55 -44.58
N TYR D 822 9.40 -1.73 -45.49
CA TYR D 822 9.42 -0.27 -45.30
C TYR D 822 8.21 0.42 -45.92
N GLY D 823 7.43 -0.32 -46.69
CA GLY D 823 6.17 0.20 -47.21
C GLY D 823 4.96 0.04 -46.30
N GLN D 824 5.12 -0.63 -45.15
CA GLN D 824 3.96 -0.97 -44.32
C GLN D 824 3.49 0.23 -43.52
N ASP D 825 2.18 0.38 -43.38
CA ASP D 825 1.58 1.48 -42.62
C ASP D 825 2.17 1.61 -41.23
N TRP D 826 2.16 0.53 -40.45
CA TRP D 826 2.55 0.60 -39.04
C TRP D 826 3.94 1.21 -38.83
N VAL D 827 4.85 0.91 -39.75
CA VAL D 827 6.21 1.42 -39.70
C VAL D 827 6.21 2.96 -39.88
N ILE D 828 5.62 3.42 -40.97
CA ILE D 828 5.46 4.85 -41.23
C ILE D 828 4.87 5.57 -40.02
N ASP D 829 3.74 5.09 -39.51
CA ASP D 829 3.08 5.70 -38.34
C ASP D 829 4.01 5.68 -37.12
N TYR D 830 4.81 4.62 -36.98
CA TYR D 830 5.72 4.49 -35.84
C TYR D 830 6.89 5.48 -35.88
N ILE D 831 7.50 5.62 -37.06
CA ILE D 831 8.50 6.66 -37.27
C ILE D 831 7.89 8.03 -36.99
N LYS D 832 6.80 8.38 -37.66
CA LYS D 832 6.14 9.68 -37.45
C LYS D 832 5.87 9.96 -35.97
N ARG D 833 5.32 8.98 -35.26
CA ARG D 833 5.01 9.13 -33.83
C ARG D 833 6.25 9.40 -32.99
N THR D 834 7.38 8.84 -33.43
CA THR D 834 8.64 9.00 -32.70
C THR D 834 9.21 10.42 -32.89
N ARG D 835 8.99 11.03 -34.07
CA ARG D 835 9.34 12.43 -34.32
C ARG D 835 8.38 13.47 -33.69
N SER D 836 7.26 13.04 -33.12
CA SER D 836 6.19 13.97 -32.76
C SER D 836 6.27 14.52 -31.35
N GLY D 837 5.61 15.66 -31.18
CA GLY D 837 5.31 16.22 -29.88
C GLY D 837 6.50 16.69 -29.07
N GLN D 838 6.33 16.57 -27.75
CA GLN D 838 7.42 16.66 -26.78
C GLN D 838 7.53 15.32 -26.04
N LEU D 839 6.90 14.28 -26.60
CA LEU D 839 6.83 12.95 -26.00
C LEU D 839 8.17 12.23 -25.87
N PHE D 840 9.04 12.41 -26.86
CA PHE D 840 10.38 11.82 -26.85
C PHE D 840 11.43 12.89 -26.92
N SER D 841 12.67 12.48 -26.70
CA SER D 841 13.76 13.44 -26.64
C SER D 841 14.34 13.70 -28.02
N GLN D 842 15.15 14.76 -28.09
CA GLN D 842 15.77 15.18 -29.33
C GLN D 842 16.67 14.10 -29.91
N ALA D 843 17.41 13.41 -29.08
CA ALA D 843 18.28 12.35 -29.58
C ALA D 843 17.45 11.24 -30.26
N THR D 844 16.29 10.92 -29.68
CA THR D 844 15.33 9.99 -30.30
C THR D 844 14.78 10.56 -31.62
N LYS D 845 14.35 11.81 -31.59
CA LYS D 845 13.77 12.38 -32.77
C LYS D 845 14.77 12.35 -33.91
N ASP D 846 16.05 12.60 -33.62
CA ASP D 846 17.04 12.71 -34.68
C ASP D 846 17.29 11.34 -35.28
N THR D 847 17.26 10.31 -34.44
CA THR D 847 17.36 8.94 -34.89
C THR D 847 16.16 8.59 -35.77
N ALA D 848 14.96 8.98 -35.33
CA ALA D 848 13.75 8.79 -36.14
C ALA D 848 13.78 9.55 -37.47
N ARG D 849 14.36 10.74 -37.49
CA ARG D 849 14.56 11.50 -38.73
C ARG D 849 15.38 10.68 -39.71
N TRP D 850 16.45 10.08 -39.21
CA TRP D 850 17.34 9.25 -40.01
C TRP D 850 16.64 7.95 -40.45
N ALA D 851 15.74 7.41 -39.62
CA ALA D 851 15.03 6.18 -40.00
C ALA D 851 14.06 6.53 -41.12
N ARG D 852 13.34 7.64 -40.94
CA ARG D 852 12.50 8.24 -41.98
C ARG D 852 13.20 8.43 -43.33
N GLU D 853 14.47 8.85 -43.33
CA GLU D 853 15.23 9.07 -44.59
C GLU D 853 15.66 7.76 -45.23
N GLN D 854 16.02 6.78 -44.43
CA GLN D 854 16.42 5.47 -44.92
C GLN D 854 15.22 4.68 -45.46
N GLN D 855 14.07 4.90 -44.83
CA GLN D 855 12.82 4.30 -45.24
C GLN D 855 12.36 4.89 -46.56
N LYS D 856 12.56 6.20 -46.74
CA LYS D 856 12.25 6.87 -48.00
C LYS D 856 13.12 6.32 -49.15
N ARG D 857 14.42 6.22 -48.92
CA ARG D 857 15.36 5.71 -49.91
C ARG D 857 14.97 4.32 -50.40
N GLN D 858 14.38 3.54 -49.50
CA GLN D 858 13.99 2.15 -49.77
C GLN D 858 12.79 2.03 -50.71
N LEU D 859 11.78 2.87 -50.51
CA LEU D 859 10.59 2.84 -51.36
C LEU D 859 10.90 3.16 -52.81
N SER D 860 11.79 4.14 -53.04
CA SER D 860 12.21 4.53 -54.39
C SER D 860 13.10 3.49 -55.12
N LEU D 861 13.61 2.49 -54.39
CA LEU D 861 14.39 1.40 -55.00
C LEU D 861 13.48 0.37 -55.69
#